data_5JS4
#
_entry.id   5JS4
#
_cell.length_a   135.018
_cell.length_b   77.980
_cell.length_c   248.080
_cell.angle_alpha   90.00
_cell.angle_beta   100.46
_cell.angle_gamma   90.00
#
_symmetry.space_group_name_H-M   'C 1 2 1'
#
loop_
_entity.id
_entity.type
_entity.pdbx_description
1 polymer 'phiAB6 tailspike'
2 non-polymer 'MALONIC ACID'
3 water water
#
_entity_poly.entity_id   1
_entity_poly.type   'polypeptide(L)'
_entity_poly.pdbx_seq_one_letter_code
;MGSSHHHHHHSSGLVPRGSHMNILRSFTETVVTTPTDIFPISFEYDEKYDAVHVFLNDVAVEDLGYTVSQVNAVTLKIEP
AIPDGTVRIERETDIDKMKYIFDAGALFIDQNVDADFRQIVHSQQEVRDGFIKLRGDVLPLVHGLQEALQQAQEASEAAQ
EAANAAEVAASQTQYYLKYFNPEIVYPKNARIMLDNGDIVRSTVVNNTSNPNVDMTGWVKVSSVSQIFDETYNITQSVIN
GNLITVDNFGAKGDGVTDDSAAFQAYCDSALTGQNLYLGAKGRYILKNQVDLKGKGLVGNGCGKVSEFYYNLGCIDVDGS
SPDLQGKTAFINCGPTIQNLTARCSNGAGKQVSFIEIDGYLANIDHITLINFYNQIVVKQALVGFNFTNAWLYYSQNAGI
YCEDPLNRVSTTGTFHNIYFQLGDGHAMIFDRDVHGCDFDNIIFESMNGGIKARTVAHCGFGKFWCENLKTATSKDWLEV
TGANSCYGNSFTGYVKLLGGWTSKTSPTLDSLPTNNYGGVSVSAEGISIVNAGNKAKMLMLPSGFKTGNATIDETHISSS
TVTPLVKRRVIGADSSGAQYLASDTYTKLSRKWGTYNHGSNNAGAFYAPMMLTYDQSFSTPQNNNGWKIVKESTGVYRVE
RVSGNTSVITNGHIVVGSPLMGSRLGTGTGATHGIQMIETYAGSWTSYTEAAGFKVFWRDSSNALVDPHRFTVAFTATS
;
_entity_poly.pdbx_strand_id   A,B,C
#
# COMPACT_ATOMS: atom_id res chain seq x y z
N THR A 173 -31.41 -44.43 62.06
CA THR A 173 -31.20 -45.80 61.52
C THR A 173 -31.65 -45.99 60.06
N GLN A 174 -32.77 -45.38 59.68
CA GLN A 174 -33.28 -45.48 58.30
C GLN A 174 -32.83 -44.33 57.39
N TYR A 175 -31.85 -43.56 57.85
CA TYR A 175 -31.20 -42.55 57.02
C TYR A 175 -29.81 -42.29 57.57
N TYR A 176 -29.01 -41.55 56.82
CA TYR A 176 -27.64 -41.28 57.20
C TYR A 176 -27.47 -39.83 57.61
N LEU A 177 -27.08 -39.64 58.87
CA LEU A 177 -26.85 -38.34 59.47
C LEU A 177 -26.23 -38.54 60.85
N LYS A 178 -25.00 -38.08 61.01
CA LYS A 178 -24.33 -38.07 62.30
C LYS A 178 -23.56 -36.78 62.44
N TYR A 179 -23.83 -36.04 63.50
CA TYR A 179 -23.09 -34.83 63.80
C TYR A 179 -21.92 -35.15 64.73
N PHE A 180 -21.03 -34.19 64.93
CA PHE A 180 -19.88 -34.38 65.80
C PHE A 180 -20.31 -34.67 67.23
N ASN A 181 -19.60 -35.60 67.86
CA ASN A 181 -19.84 -36.02 69.25
C ASN A 181 -18.50 -36.03 69.97
N PRO A 182 -18.34 -35.18 71.01
CA PRO A 182 -17.04 -35.07 71.67
C PRO A 182 -16.57 -36.33 72.42
N GLU A 183 -17.47 -37.28 72.63
CA GLU A 183 -17.15 -38.55 73.30
C GLU A 183 -16.53 -39.58 72.37
N ILE A 184 -16.57 -39.31 71.06
CA ILE A 184 -16.19 -40.30 70.05
C ILE A 184 -14.78 -40.07 69.52
N VAL A 185 -14.08 -41.17 69.24
CA VAL A 185 -12.80 -41.12 68.58
C VAL A 185 -13.01 -41.55 67.13
N TYR A 186 -12.78 -40.64 66.18
CA TYR A 186 -13.05 -40.91 64.78
C TYR A 186 -11.80 -41.47 64.10
N PRO A 187 -11.91 -42.67 63.53
CA PRO A 187 -10.76 -43.25 62.83
C PRO A 187 -10.51 -42.55 61.50
N LYS A 188 -9.35 -42.84 60.92
CA LYS A 188 -9.03 -42.31 59.60
C LYS A 188 -10.11 -42.76 58.62
N ASN A 189 -10.54 -41.83 57.77
CA ASN A 189 -11.57 -42.07 56.75
C ASN A 189 -13.02 -42.08 57.27
N ALA A 190 -13.22 -41.88 58.57
CA ALA A 190 -14.58 -41.78 59.10
C ALA A 190 -15.27 -40.54 58.55
N ARG A 191 -16.56 -40.67 58.25
CA ARG A 191 -17.35 -39.55 57.76
C ARG A 191 -18.46 -39.18 58.72
N ILE A 192 -18.58 -37.88 58.97
CA ILE A 192 -19.69 -37.31 59.74
C ILE A 192 -20.13 -36.01 59.06
N MET A 193 -21.19 -35.41 59.58
CA MET A 193 -21.69 -34.15 59.05
C MET A 193 -21.31 -33.00 59.96
N LEU A 194 -20.87 -31.90 59.35
CA LEU A 194 -20.80 -30.61 60.03
C LEU A 194 -22.23 -30.20 60.42
N ASP A 195 -22.34 -29.26 61.34
CA ASP A 195 -23.66 -28.80 61.79
C ASP A 195 -24.51 -28.23 60.64
N ASN A 196 -23.86 -27.71 59.59
CA ASN A 196 -24.56 -27.24 58.39
C ASN A 196 -24.97 -28.36 57.43
N GLY A 197 -24.63 -29.61 57.76
CA GLY A 197 -25.03 -30.77 56.96
C GLY A 197 -24.00 -31.30 55.98
N ASP A 198 -22.94 -30.52 55.72
CA ASP A 198 -21.90 -30.93 54.78
C ASP A 198 -21.06 -32.04 55.40
N ILE A 199 -20.73 -33.05 54.59
CA ILE A 199 -19.96 -34.18 55.10
C ILE A 199 -18.46 -33.88 55.13
N VAL A 200 -17.82 -34.27 56.22
CA VAL A 200 -16.36 -34.21 56.34
C VAL A 200 -15.80 -35.60 56.57
N ARG A 201 -14.58 -35.81 56.11
CA ARG A 201 -13.88 -37.07 56.17
C ARG A 201 -12.61 -36.87 56.98
N SER A 202 -12.37 -37.74 57.96
CA SER A 202 -11.14 -37.66 58.75
C SER A 202 -9.95 -38.14 57.93
N THR A 203 -8.88 -37.35 57.96
CA THR A 203 -7.65 -37.68 57.24
C THR A 203 -6.56 -38.19 58.19
N VAL A 204 -6.90 -38.30 59.49
CA VAL A 204 -5.95 -38.76 60.50
C VAL A 204 -6.57 -39.81 61.42
N VAL A 205 -5.71 -40.63 62.01
CA VAL A 205 -6.13 -41.61 63.02
C VAL A 205 -6.44 -40.89 64.33
N ASN A 206 -7.22 -41.53 65.20
CA ASN A 206 -7.51 -41.01 66.53
C ASN A 206 -8.01 -39.57 66.52
N ASN A 207 -8.91 -39.24 65.60
CA ASN A 207 -9.37 -37.85 65.45
C ASN A 207 -10.40 -37.50 66.51
N THR A 208 -10.07 -36.53 67.36
CA THR A 208 -10.97 -36.06 68.41
C THR A 208 -11.22 -34.55 68.29
N SER A 209 -10.88 -33.98 67.14
CA SER A 209 -11.07 -32.55 66.90
C SER A 209 -12.44 -32.29 66.30
N ASN A 210 -13.10 -31.24 66.77
CA ASN A 210 -14.42 -30.86 66.28
C ASN A 210 -14.27 -30.11 64.94
N PRO A 211 -14.73 -30.72 63.84
CA PRO A 211 -14.53 -30.08 62.53
C PRO A 211 -15.31 -28.77 62.36
N ASN A 212 -16.33 -28.55 63.20
CA ASN A 212 -17.11 -27.31 63.17
C ASN A 212 -16.32 -26.08 63.61
N VAL A 213 -15.30 -26.29 64.45
CA VAL A 213 -14.43 -25.21 64.91
C VAL A 213 -12.97 -25.38 64.47
N ASP A 214 -12.59 -26.59 64.07
CA ASP A 214 -11.20 -26.90 63.72
C ASP A 214 -11.15 -27.97 62.63
N MET A 215 -10.83 -27.57 61.41
CA MET A 215 -10.80 -28.49 60.26
C MET A 215 -9.47 -29.23 60.10
N THR A 216 -8.53 -29.01 61.01
CA THR A 216 -7.30 -29.81 61.04
C THR A 216 -7.69 -31.28 61.20
N GLY A 217 -7.18 -32.11 60.30
CA GLY A 217 -7.46 -33.55 60.33
C GLY A 217 -8.74 -33.95 59.61
N TRP A 218 -9.41 -32.99 58.97
CA TRP A 218 -10.65 -33.23 58.23
C TRP A 218 -10.60 -32.59 56.84
N VAL A 219 -11.37 -33.14 55.91
CA VAL A 219 -11.59 -32.50 54.61
C VAL A 219 -13.07 -32.56 54.25
N LYS A 220 -13.55 -31.53 53.55
CA LYS A 220 -14.93 -31.51 53.05
C LYS A 220 -15.00 -32.34 51.77
N VAL A 221 -15.87 -33.35 51.76
CA VAL A 221 -15.93 -34.30 50.64
C VAL A 221 -16.59 -33.70 49.38
N SER A 222 -17.38 -32.65 49.55
CA SER A 222 -18.02 -31.98 48.41
C SER A 222 -17.14 -30.89 47.77
N SER A 223 -15.89 -30.77 48.24
CA SER A 223 -14.96 -29.81 47.66
C SER A 223 -14.28 -30.41 46.43
N VAL A 224 -14.01 -29.57 45.44
CA VAL A 224 -13.40 -30.04 44.18
C VAL A 224 -11.96 -30.53 44.34
N SER A 225 -11.34 -30.20 45.48
CA SER A 225 -10.04 -30.79 45.83
C SER A 225 -10.17 -32.27 46.21
N GLN A 226 -11.41 -32.73 46.43
CA GLN A 226 -11.69 -34.13 46.77
C GLN A 226 -12.44 -34.86 45.65
N ILE A 227 -12.55 -34.22 44.50
CA ILE A 227 -13.22 -34.80 43.32
C ILE A 227 -12.15 -34.98 42.24
N PHE A 228 -12.18 -36.12 41.57
CA PHE A 228 -11.11 -36.49 40.63
C PHE A 228 -11.65 -36.80 39.23
N ASP A 229 -10.90 -36.38 38.22
CA ASP A 229 -11.14 -36.82 36.85
C ASP A 229 -10.17 -37.97 36.57
N GLU A 230 -10.70 -39.19 36.55
CA GLU A 230 -9.88 -40.40 36.42
C GLU A 230 -9.15 -40.49 35.08
N THR A 231 -9.65 -39.78 34.08
CA THR A 231 -8.99 -39.71 32.78
C THR A 231 -7.57 -39.14 32.91
N TYR A 232 -7.39 -38.20 33.84
CA TYR A 232 -6.10 -37.52 34.07
C TYR A 232 -5.46 -37.84 35.42
N ASN A 233 -6.21 -38.46 36.31
CA ASN A 233 -5.78 -38.67 37.70
C ASN A 233 -5.36 -37.35 38.37
N ILE A 234 -6.19 -36.34 38.20
CA ILE A 234 -6.00 -35.04 38.86
C ILE A 234 -7.32 -34.60 39.44
N THR A 235 -7.26 -33.66 40.38
CA THR A 235 -8.47 -33.14 41.00
C THR A 235 -9.18 -32.15 40.08
N GLN A 236 -10.48 -32.02 40.28
CA GLN A 236 -11.26 -30.99 39.59
C GLN A 236 -10.72 -29.59 39.91
N SER A 237 -10.15 -29.43 41.11
CA SER A 237 -9.51 -28.16 41.49
C SER A 237 -8.47 -27.73 40.46
N VAL A 238 -7.63 -28.67 40.01
CA VAL A 238 -6.61 -28.38 39.01
C VAL A 238 -7.25 -28.01 37.67
N ILE A 239 -8.25 -28.78 37.26
CA ILE A 239 -8.95 -28.52 36.00
C ILE A 239 -9.59 -27.12 36.02
N ASN A 240 -10.08 -26.70 37.19
CA ASN A 240 -10.66 -25.36 37.35
C ASN A 240 -9.64 -24.22 37.24
N GLY A 241 -8.37 -24.55 37.11
CA GLY A 241 -7.33 -23.57 36.82
C GLY A 241 -7.12 -23.34 35.33
N ASN A 242 -7.82 -24.07 34.48
CA ASN A 242 -7.66 -23.92 33.03
C ASN A 242 -8.18 -22.58 32.51
N LEU A 243 -9.34 -22.16 33.00
CA LEU A 243 -9.95 -20.89 32.61
C LEU A 243 -10.63 -20.28 33.82
N ILE A 244 -10.22 -19.06 34.16
CA ILE A 244 -10.79 -18.31 35.27
C ILE A 244 -11.37 -17.02 34.71
N THR A 245 -12.60 -16.69 35.12
CA THR A 245 -13.27 -15.48 34.66
C THR A 245 -13.79 -14.67 35.85
N VAL A 246 -14.39 -13.52 35.57
CA VAL A 246 -15.02 -12.72 36.62
C VAL A 246 -16.13 -13.48 37.36
N ASP A 247 -16.73 -14.46 36.69
CA ASP A 247 -17.76 -15.32 37.32
C ASP A 247 -17.21 -16.05 38.55
N ASN A 248 -15.91 -16.38 38.52
CA ASN A 248 -15.26 -17.04 39.66
C ASN A 248 -15.29 -16.17 40.91
N PHE A 249 -15.37 -14.86 40.71
CA PHE A 249 -15.33 -13.89 41.80
C PHE A 249 -16.69 -13.26 42.09
N GLY A 250 -17.74 -13.92 41.63
CA GLY A 250 -19.11 -13.55 41.99
C GLY A 250 -19.83 -12.60 41.04
N ALA A 251 -19.26 -12.37 39.86
CA ALA A 251 -19.93 -11.54 38.86
C ALA A 251 -21.20 -12.25 38.38
N LYS A 252 -22.29 -11.50 38.27
CA LYS A 252 -23.58 -12.07 37.88
C LYS A 252 -23.87 -11.95 36.39
N GLY A 253 -23.40 -10.88 35.76
CA GLY A 253 -23.64 -10.65 34.33
C GLY A 253 -25.11 -10.75 33.98
N ASP A 254 -25.95 -10.14 34.82
CA ASP A 254 -27.40 -10.29 34.74
C ASP A 254 -28.13 -9.04 34.28
N GLY A 255 -27.37 -8.04 33.83
CA GLY A 255 -27.95 -6.79 33.33
C GLY A 255 -28.49 -5.83 34.38
N VAL A 256 -28.30 -6.18 35.67
CA VAL A 256 -28.84 -5.39 36.78
C VAL A 256 -27.81 -5.19 37.89
N THR A 257 -27.24 -6.30 38.38
CA THR A 257 -26.33 -6.28 39.52
C THR A 257 -24.99 -5.64 39.17
N ASP A 258 -24.51 -4.75 40.03
CA ASP A 258 -23.19 -4.15 39.87
C ASP A 258 -22.12 -5.22 40.12
N ASP A 259 -21.32 -5.51 39.09
CA ASP A 259 -20.26 -6.50 39.18
C ASP A 259 -18.87 -5.89 39.40
N SER A 260 -18.80 -4.58 39.66
CA SER A 260 -17.50 -3.90 39.75
C SER A 260 -16.59 -4.51 40.83
N ALA A 261 -17.15 -4.87 41.99
CA ALA A 261 -16.37 -5.48 43.06
C ALA A 261 -15.79 -6.83 42.63
N ALA A 262 -16.58 -7.61 41.91
CA ALA A 262 -16.14 -8.91 41.39
C ALA A 262 -15.00 -8.74 40.38
N PHE A 263 -15.15 -7.76 39.49
CA PHE A 263 -14.10 -7.43 38.52
C PHE A 263 -12.82 -7.03 39.24
N GLN A 264 -12.94 -6.19 40.27
CA GLN A 264 -11.77 -5.78 41.03
C GLN A 264 -11.11 -6.94 41.77
N ALA A 265 -11.93 -7.82 42.35
CA ALA A 265 -11.43 -9.00 43.04
C ALA A 265 -10.63 -9.88 42.09
N TYR A 266 -11.12 -10.04 40.87
CA TYR A 266 -10.40 -10.78 39.84
C TYR A 266 -9.01 -10.20 39.62
N CYS A 267 -8.94 -8.88 39.45
CA CYS A 267 -7.68 -8.19 39.16
C CYS A 267 -6.73 -8.17 40.36
N ASP A 268 -7.28 -8.28 41.57
CA ASP A 268 -6.48 -8.31 42.80
C ASP A 268 -6.05 -9.72 43.18
N SER A 269 -6.62 -10.73 42.52
CA SER A 269 -6.37 -12.13 42.89
C SER A 269 -4.99 -12.63 42.48
N ALA A 270 -4.42 -13.49 43.32
CA ALA A 270 -3.15 -14.16 43.02
C ALA A 270 -3.29 -15.29 42.00
N LEU A 271 -4.54 -15.66 41.68
CA LEU A 271 -4.80 -16.85 40.87
C LEU A 271 -4.97 -16.54 39.37
N THR A 272 -5.19 -15.27 39.04
CA THR A 272 -5.55 -14.89 37.67
C THR A 272 -4.33 -14.53 36.82
N GLY A 273 -4.45 -14.73 35.51
CA GLY A 273 -3.35 -14.55 34.58
C GLY A 273 -3.21 -13.15 34.01
N GLN A 274 -2.67 -13.07 32.80
CA GLN A 274 -2.38 -11.79 32.16
C GLN A 274 -3.61 -10.94 31.92
N ASN A 275 -4.74 -11.57 31.60
CA ASN A 275 -5.95 -10.88 31.18
C ASN A 275 -7.13 -11.17 32.08
N LEU A 276 -8.07 -10.24 32.11
CA LEU A 276 -9.39 -10.45 32.68
C LEU A 276 -10.29 -11.06 31.61
N TYR A 277 -11.05 -12.08 31.98
CA TYR A 277 -11.97 -12.77 31.09
C TYR A 277 -13.40 -12.69 31.59
N LEU A 278 -14.33 -12.56 30.66
CA LEU A 278 -15.76 -12.66 30.98
C LEU A 278 -16.21 -14.11 30.86
N GLY A 279 -17.30 -14.44 31.54
CA GLY A 279 -17.94 -15.75 31.41
C GLY A 279 -18.62 -15.91 30.07
N ALA A 280 -19.16 -17.09 29.81
CA ALA A 280 -19.70 -17.42 28.49
C ALA A 280 -20.82 -16.48 28.06
N LYS A 281 -21.78 -16.28 28.96
CA LYS A 281 -22.92 -15.40 28.69
C LYS A 281 -23.06 -14.39 29.81
N GLY A 282 -23.27 -13.13 29.45
CA GLY A 282 -23.58 -12.13 30.46
C GLY A 282 -23.48 -10.70 30.00
N ARG A 283 -24.41 -9.90 30.51
CA ARG A 283 -24.39 -8.46 30.35
C ARG A 283 -23.92 -7.91 31.70
N TYR A 284 -22.63 -7.60 31.77
CA TYR A 284 -21.99 -7.27 33.04
C TYR A 284 -22.07 -5.78 33.34
N ILE A 285 -22.86 -5.43 34.36
CA ILE A 285 -23.04 -4.04 34.77
C ILE A 285 -21.87 -3.60 35.64
N LEU A 286 -21.32 -2.42 35.33
CA LEU A 286 -20.30 -1.79 36.15
C LEU A 286 -20.76 -0.39 36.55
N LYS A 287 -20.87 -0.16 37.87
CA LYS A 287 -21.26 1.15 38.40
C LYS A 287 -20.11 1.89 39.06
N ASN A 288 -18.94 1.25 39.12
CA ASN A 288 -17.75 1.85 39.70
C ASN A 288 -16.54 1.55 38.83
N GLN A 289 -15.54 2.42 38.92
CA GLN A 289 -14.30 2.26 38.17
C GLN A 289 -13.61 0.97 38.57
N VAL A 290 -13.05 0.27 37.59
CA VAL A 290 -12.26 -0.92 37.82
C VAL A 290 -10.80 -0.60 37.49
N ASP A 291 -9.90 -0.93 38.41
CA ASP A 291 -8.47 -0.83 38.18
C ASP A 291 -7.98 -2.20 37.74
N LEU A 292 -7.62 -2.32 36.46
CA LEU A 292 -7.21 -3.60 35.90
C LEU A 292 -5.86 -4.09 36.42
N LYS A 293 -5.11 -3.22 37.09
CA LYS A 293 -3.83 -3.58 37.70
C LYS A 293 -2.88 -4.20 36.68
N GLY A 294 -2.89 -3.68 35.46
CA GLY A 294 -1.99 -4.15 34.42
C GLY A 294 -2.47 -5.37 33.64
N LYS A 295 -3.65 -5.88 33.99
CA LYS A 295 -4.24 -6.98 33.24
C LYS A 295 -4.90 -6.45 31.98
N GLY A 296 -4.76 -7.18 30.88
CA GLY A 296 -5.52 -6.89 29.68
C GLY A 296 -6.97 -7.31 29.84
N LEU A 297 -7.74 -7.11 28.78
CA LEU A 297 -9.18 -7.32 28.82
C LEU A 297 -9.62 -8.17 27.63
N VAL A 298 -10.20 -9.33 27.93
CA VAL A 298 -10.74 -10.23 26.92
C VAL A 298 -12.22 -10.46 27.20
N GLY A 299 -13.06 -10.10 26.24
CA GLY A 299 -14.49 -10.22 26.40
C GLY A 299 -15.01 -11.59 26.04
N ASN A 300 -16.32 -11.69 25.85
CA ASN A 300 -16.97 -12.92 25.44
C ASN A 300 -17.64 -12.80 24.08
N GLY A 301 -17.04 -11.96 23.23
CA GLY A 301 -17.48 -11.84 21.86
C GLY A 301 -17.47 -10.41 21.36
N CYS A 302 -17.21 -10.27 20.06
CA CYS A 302 -17.24 -9.00 19.37
C CYS A 302 -18.53 -8.97 18.56
N GLY A 303 -19.53 -8.28 19.08
CA GLY A 303 -20.87 -8.33 18.52
C GLY A 303 -21.20 -7.15 17.64
N LYS A 304 -22.38 -7.20 17.01
CA LYS A 304 -22.91 -6.05 16.30
C LYS A 304 -23.44 -5.06 17.32
N VAL A 305 -23.81 -3.88 16.84
CA VAL A 305 -24.28 -2.80 17.70
C VAL A 305 -25.80 -2.95 17.86
N SER A 306 -26.19 -3.89 18.72
CA SER A 306 -27.60 -4.19 18.95
C SER A 306 -27.81 -4.87 20.30
N GLU A 307 -29.01 -4.70 20.85
CA GLU A 307 -29.38 -5.29 22.15
C GLU A 307 -29.24 -6.81 22.15
N PHE A 308 -29.47 -7.44 21.00
CA PHE A 308 -29.31 -8.88 20.85
C PHE A 308 -27.93 -9.32 21.34
N TYR A 309 -26.89 -8.61 20.91
CA TYR A 309 -25.52 -8.99 21.30
C TYR A 309 -25.16 -8.50 22.71
N TYR A 310 -25.69 -7.34 23.12
CA TYR A 310 -25.43 -6.86 24.49
C TYR A 310 -25.97 -7.85 25.53
N ASN A 311 -27.13 -8.43 25.25
CA ASN A 311 -27.75 -9.39 26.17
C ASN A 311 -26.99 -10.71 26.25
N LEU A 312 -26.33 -11.10 25.16
CA LEU A 312 -25.56 -12.34 25.14
C LEU A 312 -24.19 -12.16 25.80
N GLY A 313 -23.52 -11.04 25.53
CA GLY A 313 -22.18 -10.83 26.06
C GLY A 313 -21.65 -9.43 25.86
N CYS A 314 -21.53 -8.69 26.96
CA CYS A 314 -20.89 -7.39 26.93
C CYS A 314 -20.57 -6.88 28.32
N ILE A 315 -19.74 -5.85 28.37
CA ILE A 315 -19.60 -5.01 29.55
C ILE A 315 -20.52 -3.81 29.34
N ASP A 316 -21.34 -3.52 30.33
CA ASP A 316 -22.31 -2.43 30.25
C ASP A 316 -22.04 -1.47 31.41
N VAL A 317 -21.32 -0.40 31.10
CA VAL A 317 -20.94 0.60 32.10
C VAL A 317 -22.13 1.51 32.38
N ASP A 318 -22.46 1.68 33.66
CA ASP A 318 -23.57 2.52 34.06
C ASP A 318 -23.14 3.99 34.08
N GLY A 319 -23.41 4.69 32.99
CA GLY A 319 -23.04 6.10 32.86
C GLY A 319 -23.79 7.05 33.77
N SER A 320 -24.86 6.57 34.39
CA SER A 320 -25.63 7.38 35.36
C SER A 320 -25.05 7.33 36.77
N SER A 321 -24.08 6.44 36.99
CA SER A 321 -23.45 6.32 38.30
C SER A 321 -22.61 7.56 38.63
N PRO A 322 -22.94 8.27 39.73
CA PRO A 322 -22.19 9.48 40.08
C PRO A 322 -20.68 9.25 40.20
N ASP A 323 -20.27 8.08 40.66
CA ASP A 323 -18.86 7.77 40.87
C ASP A 323 -18.07 7.56 39.56
N LEU A 324 -18.76 7.48 38.42
CA LEU A 324 -18.10 7.37 37.12
C LEU A 324 -18.08 8.67 36.31
N GLN A 325 -18.85 9.67 36.74
CA GLN A 325 -18.91 10.95 36.02
C GLN A 325 -17.52 11.55 35.83
N GLY A 326 -17.18 11.86 34.58
CA GLY A 326 -15.90 12.50 34.25
C GLY A 326 -14.68 11.60 34.38
N LYS A 327 -14.90 10.29 34.50
CA LYS A 327 -13.80 9.34 34.70
C LYS A 327 -13.79 8.27 33.61
N THR A 328 -12.71 7.50 33.59
CA THR A 328 -12.63 6.33 32.72
C THR A 328 -13.02 5.09 33.52
N ALA A 329 -13.85 4.24 32.91
CA ALA A 329 -14.42 3.06 33.60
C ALA A 329 -13.35 2.04 33.99
N PHE A 330 -12.42 1.79 33.06
CA PHE A 330 -11.30 0.89 33.30
C PHE A 330 -9.99 1.66 33.21
N ILE A 331 -9.15 1.52 34.23
CA ILE A 331 -7.81 2.12 34.21
C ILE A 331 -6.73 1.04 34.28
N ASN A 332 -5.51 1.42 33.89
CA ASN A 332 -4.34 0.55 33.96
C ASN A 332 -4.50 -0.76 33.20
N CYS A 333 -5.08 -0.67 32.01
CA CYS A 333 -5.23 -1.84 31.16
C CYS A 333 -3.87 -2.33 30.72
N GLY A 334 -3.72 -3.65 30.61
CA GLY A 334 -2.52 -4.26 30.06
C GLY A 334 -2.49 -4.12 28.54
N PRO A 335 -1.60 -4.89 27.87
CA PRO A 335 -1.35 -4.72 26.45
C PRO A 335 -2.37 -5.38 25.52
N THR A 336 -3.47 -5.89 26.06
CA THR A 336 -4.47 -6.61 25.28
C THR A 336 -5.86 -6.05 25.56
N ILE A 337 -6.58 -5.71 24.49
CA ILE A 337 -8.05 -5.56 24.55
C ILE A 337 -8.57 -6.32 23.33
N GLN A 338 -9.36 -7.36 23.56
CA GLN A 338 -9.81 -8.18 22.44
C GLN A 338 -11.12 -8.91 22.68
N ASN A 339 -11.81 -9.23 21.58
CA ASN A 339 -12.97 -10.10 21.60
C ASN A 339 -14.03 -9.56 22.54
N LEU A 340 -14.32 -8.27 22.41
CA LEU A 340 -15.06 -7.53 23.43
C LEU A 340 -16.16 -6.65 22.86
N THR A 341 -17.30 -6.66 23.53
CA THR A 341 -18.38 -5.72 23.29
C THR A 341 -18.55 -4.94 24.58
N ALA A 342 -18.52 -3.61 24.51
CA ALA A 342 -18.69 -2.79 25.69
C ALA A 342 -19.46 -1.52 25.37
N ARG A 343 -20.47 -1.23 26.18
CA ARG A 343 -21.29 -0.05 26.01
C ARG A 343 -21.36 0.76 27.30
N CYS A 344 -21.76 2.02 27.16
CA CYS A 344 -22.11 2.86 28.30
C CYS A 344 -23.60 3.19 28.18
N SER A 345 -24.35 2.85 29.22
CA SER A 345 -25.78 3.11 29.27
C SER A 345 -26.06 4.34 30.11
N ASN A 346 -26.96 5.20 29.63
CA ASN A 346 -27.42 6.37 30.38
C ASN A 346 -26.31 7.31 30.82
N GLY A 347 -25.32 7.51 29.96
CA GLY A 347 -24.17 8.37 30.26
C GLY A 347 -24.10 9.67 29.47
N ALA A 348 -25.18 10.01 28.76
CA ALA A 348 -25.21 11.24 27.95
C ALA A 348 -24.89 12.45 28.81
N GLY A 349 -23.84 13.17 28.42
CA GLY A 349 -23.42 14.39 29.13
C GLY A 349 -22.60 14.17 30.39
N LYS A 350 -22.35 12.91 30.76
CA LYS A 350 -21.64 12.58 31.99
C LYS A 350 -20.14 12.34 31.80
N GLN A 351 -19.69 12.44 30.55
CA GLN A 351 -18.26 12.32 30.22
C GLN A 351 -17.63 11.06 30.83
N VAL A 352 -18.24 9.91 30.58
CA VAL A 352 -17.71 8.64 31.01
C VAL A 352 -16.95 8.03 29.85
N SER A 353 -15.65 7.80 30.04
CA SER A 353 -14.82 7.17 29.02
C SER A 353 -14.64 5.69 29.35
N PHE A 354 -14.24 4.87 28.37
CA PHE A 354 -14.24 3.43 28.59
C PHE A 354 -12.97 2.88 29.23
N ILE A 355 -11.82 3.02 28.56
CA ILE A 355 -10.61 2.34 29.00
C ILE A 355 -9.32 3.12 28.76
N GLU A 356 -8.42 3.07 29.74
CA GLU A 356 -7.10 3.68 29.63
C GLU A 356 -6.06 2.59 29.43
N ILE A 357 -5.26 2.74 28.38
CA ILE A 357 -4.23 1.76 28.03
C ILE A 357 -2.95 2.51 27.65
N ASP A 358 -1.80 2.00 28.07
CA ASP A 358 -0.54 2.67 27.79
C ASP A 358 -0.19 2.55 26.30
N GLY A 359 0.44 3.59 25.76
CA GLY A 359 0.79 3.63 24.35
C GLY A 359 1.92 2.70 23.91
N TYR A 360 2.75 2.25 24.85
CA TYR A 360 3.89 1.38 24.54
C TYR A 360 3.50 -0.10 24.64
N LEU A 361 3.47 -0.76 23.47
CA LEU A 361 3.13 -2.19 23.35
C LEU A 361 1.67 -2.49 23.65
N ALA A 362 0.84 -2.44 22.60
CA ALA A 362 -0.56 -2.81 22.72
C ALA A 362 -1.01 -3.61 21.50
N ASN A 363 -1.88 -4.58 21.76
CA ASN A 363 -2.63 -5.27 20.72
C ASN A 363 -4.11 -5.14 21.04
N ILE A 364 -4.81 -4.32 20.26
CA ILE A 364 -6.25 -4.15 20.41
C ILE A 364 -6.89 -4.66 19.14
N ASP A 365 -7.79 -5.63 19.27
CA ASP A 365 -8.45 -6.18 18.09
C ASP A 365 -9.79 -6.84 18.38
N HIS A 366 -10.67 -6.77 17.39
CA HIS A 366 -11.99 -7.40 17.46
C HIS A 366 -12.76 -6.87 18.66
N ILE A 367 -13.03 -5.57 18.62
CA ILE A 367 -13.83 -4.92 19.66
C ILE A 367 -14.98 -4.13 19.06
N THR A 368 -16.03 -3.99 19.87
CA THR A 368 -17.18 -3.16 19.55
C THR A 368 -17.44 -2.29 20.77
N LEU A 369 -17.35 -0.98 20.59
CA LEU A 369 -17.56 -0.03 21.69
C LEU A 369 -18.69 0.92 21.33
N ILE A 370 -19.59 1.13 22.28
CA ILE A 370 -20.84 1.86 22.05
C ILE A 370 -21.01 2.96 23.10
N ASN A 371 -21.21 4.19 22.63
CA ASN A 371 -21.30 5.38 23.47
C ASN A 371 -19.94 5.67 24.13
N PHE A 372 -19.94 6.21 25.36
CA PHE A 372 -18.75 6.73 26.03
C PHE A 372 -18.34 8.09 25.47
N TYR A 373 -17.52 8.80 26.24
CA TYR A 373 -17.01 10.11 25.87
C TYR A 373 -15.79 9.91 24.97
N ASN A 374 -14.70 9.44 25.56
CA ASN A 374 -13.59 8.86 24.81
C ASN A 374 -13.70 7.35 24.96
N GLN A 375 -13.65 6.63 23.85
CA GLN A 375 -13.79 5.18 23.92
C GLN A 375 -12.46 4.54 24.31
N ILE A 376 -11.42 4.82 23.54
CA ILE A 376 -10.06 4.37 23.87
C ILE A 376 -9.25 5.59 24.30
N VAL A 377 -8.77 5.56 25.54
CA VAL A 377 -7.91 6.61 26.07
C VAL A 377 -6.49 6.08 26.13
N VAL A 378 -5.64 6.58 25.24
CA VAL A 378 -4.24 6.16 25.21
C VAL A 378 -3.46 7.02 26.20
N LYS A 379 -2.72 6.39 27.10
CA LYS A 379 -1.87 7.09 28.04
C LYS A 379 -0.43 7.14 27.51
N GLN A 380 0.26 8.23 27.86
CA GLN A 380 1.58 8.54 27.29
C GLN A 380 1.50 8.59 25.76
N ALA A 381 2.48 8.03 25.05
CA ALA A 381 2.50 8.13 23.58
C ALA A 381 2.57 6.76 22.94
N LEU A 382 2.07 6.68 21.71
CA LEU A 382 2.12 5.42 20.94
C LEU A 382 3.55 5.00 20.67
N VAL A 383 3.80 3.70 20.78
CA VAL A 383 4.99 3.08 20.20
C VAL A 383 4.76 1.57 20.23
N GLY A 384 4.81 0.93 19.07
CA GLY A 384 4.47 -0.49 18.96
C GLY A 384 3.03 -0.75 19.39
N PHE A 385 2.12 0.09 18.90
CA PHE A 385 0.72 0.11 19.29
C PHE A 385 -0.12 -0.33 18.11
N ASN A 386 -0.76 -1.49 18.21
CA ASN A 386 -1.48 -2.07 17.10
C ASN A 386 -2.96 -2.20 17.41
N PHE A 387 -3.78 -1.63 16.52
CA PHE A 387 -5.21 -1.46 16.71
C PHE A 387 -5.92 -1.89 15.43
N THR A 388 -6.79 -2.90 15.52
CA THR A 388 -7.48 -3.37 14.31
C THR A 388 -8.86 -3.96 14.59
N ASN A 389 -9.72 -3.90 13.58
CA ASN A 389 -11.01 -4.60 13.58
C ASN A 389 -11.87 -4.13 14.74
N ALA A 390 -12.31 -2.88 14.65
CA ALA A 390 -13.06 -2.23 15.71
C ALA A 390 -14.26 -1.51 15.14
N TRP A 391 -15.41 -1.69 15.80
CA TRP A 391 -16.62 -0.96 15.48
C TRP A 391 -16.87 0.01 16.63
N LEU A 392 -16.66 1.29 16.34
CA LEU A 392 -16.64 2.33 17.37
C LEU A 392 -17.79 3.30 17.11
N TYR A 393 -18.89 3.09 17.83
CA TYR A 393 -20.15 3.76 17.54
C TYR A 393 -20.55 4.73 18.65
N TYR A 394 -21.02 5.90 18.25
CA TYR A 394 -21.70 6.86 19.14
C TYR A 394 -20.84 7.52 20.21
N SER A 395 -19.52 7.57 20.02
CA SER A 395 -18.68 8.30 20.98
C SER A 395 -19.08 9.76 21.01
N GLN A 396 -18.96 10.38 22.18
CA GLN A 396 -19.39 11.78 22.34
C GLN A 396 -18.26 12.76 22.06
N ASN A 397 -17.01 12.32 22.21
CA ASN A 397 -15.84 13.18 21.97
C ASN A 397 -14.89 12.57 20.95
N ALA A 398 -14.48 11.33 21.18
CA ALA A 398 -13.54 10.66 20.29
C ALA A 398 -13.61 9.14 20.42
N GLY A 399 -13.38 8.45 19.32
CA GLY A 399 -13.22 6.99 19.36
C GLY A 399 -11.90 6.65 20.03
N ILE A 400 -10.84 7.35 19.64
CA ILE A 400 -9.50 7.14 20.20
C ILE A 400 -8.90 8.50 20.53
N TYR A 401 -8.45 8.66 21.77
CA TYR A 401 -7.88 9.91 22.25
C TYR A 401 -6.50 9.70 22.85
N CYS A 402 -5.52 10.47 22.36
CA CYS A 402 -4.16 10.43 22.89
C CYS A 402 -3.69 11.85 23.21
N GLU A 403 -3.62 12.15 24.51
CA GLU A 403 -3.21 13.48 24.99
C GLU A 403 -1.71 13.70 24.84
N ASP A 404 -0.93 12.68 25.17
CA ASP A 404 0.54 12.76 25.20
C ASP A 404 1.00 13.97 26.01
N PRO A 405 0.59 14.05 27.30
CA PRO A 405 0.83 15.25 28.09
C PRO A 405 2.30 15.66 28.22
N LEU A 406 3.22 14.70 28.16
CA LEU A 406 4.66 14.98 28.28
C LEU A 406 5.34 15.19 26.92
N ASN A 407 4.56 15.20 25.83
CA ASN A 407 5.09 15.43 24.49
C ASN A 407 6.23 14.46 24.15
N ARG A 408 5.99 13.17 24.40
CA ARG A 408 6.95 12.12 24.07
C ARG A 408 7.06 11.91 22.55
N VAL A 409 5.97 12.23 21.84
CA VAL A 409 5.80 12.01 20.40
C VAL A 409 5.41 10.56 20.14
N SER A 410 4.21 10.37 19.60
CA SER A 410 3.70 9.05 19.23
C SER A 410 4.36 8.55 17.97
N THR A 411 4.72 7.26 17.97
CA THR A 411 5.28 6.61 16.78
C THR A 411 4.69 5.23 16.58
N THR A 412 4.94 4.68 15.40
CA THR A 412 4.78 3.26 15.10
C THR A 412 3.49 2.66 15.67
N GLY A 413 2.38 3.35 15.41
CA GLY A 413 1.05 2.86 15.74
C GLY A 413 0.32 2.49 14.46
N THR A 414 -0.42 1.38 14.49
CA THR A 414 -1.19 0.95 13.34
C THR A 414 -2.68 0.94 13.68
N PHE A 415 -3.48 1.43 12.73
CA PHE A 415 -4.91 1.60 12.92
C PHE A 415 -5.61 1.11 11.66
N HIS A 416 -6.14 -0.11 11.72
CA HIS A 416 -6.70 -0.77 10.54
C HIS A 416 -8.11 -1.28 10.80
N ASN A 417 -8.92 -1.29 9.74
CA ASN A 417 -10.24 -1.92 9.80
C ASN A 417 -11.10 -1.35 10.93
N ILE A 418 -11.21 -0.03 10.99
CA ILE A 418 -12.00 0.63 12.02
C ILE A 418 -13.19 1.34 11.41
N TYR A 419 -14.37 1.05 11.96
CA TYR A 419 -15.62 1.66 11.55
C TYR A 419 -16.05 2.64 12.65
N PHE A 420 -15.88 3.93 12.38
CA PHE A 420 -16.37 4.99 13.27
C PHE A 420 -17.74 5.43 12.77
N GLN A 421 -18.79 5.29 13.60
CA GLN A 421 -20.14 5.67 13.17
C GLN A 421 -20.88 6.50 14.21
N LEU A 422 -21.49 7.59 13.73
CA LEU A 422 -22.43 8.41 14.50
C LEU A 422 -21.86 8.97 15.82
N GLY A 423 -20.58 9.34 15.78
CA GLY A 423 -19.95 10.02 16.90
C GLY A 423 -20.23 11.51 16.86
N ASP A 424 -20.41 12.12 18.04
CA ASP A 424 -20.66 13.56 18.15
C ASP A 424 -19.41 14.38 17.94
N GLY A 425 -18.24 13.75 18.04
CA GLY A 425 -16.96 14.43 17.89
C GLY A 425 -16.13 13.84 16.77
N HIS A 426 -14.86 13.58 17.06
CA HIS A 426 -13.92 13.06 16.07
C HIS A 426 -13.78 11.55 16.14
N ALA A 427 -13.21 10.96 15.09
CA ALA A 427 -12.81 9.57 15.12
C ALA A 427 -11.61 9.41 16.04
N MET A 428 -10.56 10.18 15.77
CA MET A 428 -9.32 10.14 16.56
C MET A 428 -8.81 11.55 16.84
N ILE A 429 -8.39 11.79 18.08
CA ILE A 429 -7.77 13.05 18.46
C ILE A 429 -6.41 12.79 19.10
N PHE A 430 -5.37 13.32 18.46
CA PHE A 430 -4.05 13.42 19.04
C PHE A 430 -3.83 14.89 19.38
N ASP A 431 -3.66 15.22 20.66
CA ASP A 431 -3.41 16.60 21.05
C ASP A 431 -2.06 17.09 20.54
N ARG A 432 -1.13 16.17 20.30
CA ARG A 432 0.22 16.53 19.87
C ARG A 432 0.64 15.77 18.61
N ASP A 433 1.81 15.14 18.61
CA ASP A 433 2.49 14.76 17.36
C ASP A 433 2.49 13.25 17.11
N VAL A 434 2.34 12.89 15.84
CA VAL A 434 2.28 11.49 15.41
C VAL A 434 3.26 11.27 14.26
N HIS A 435 4.14 10.28 14.42
CA HIS A 435 5.18 9.95 13.45
C HIS A 435 5.12 8.47 13.08
N GLY A 436 5.27 8.15 11.80
CA GLY A 436 5.49 6.75 11.41
C GLY A 436 4.34 5.80 11.71
N CYS A 437 3.12 6.33 11.77
CA CYS A 437 1.93 5.53 12.05
C CYS A 437 1.23 5.19 10.75
N ASP A 438 0.41 4.14 10.79
CA ASP A 438 -0.27 3.63 9.60
C ASP A 438 -1.77 3.56 9.85
N PHE A 439 -2.54 4.04 8.88
CA PHE A 439 -4.00 4.09 8.95
C PHE A 439 -4.54 3.51 7.65
N ASP A 440 -5.40 2.50 7.73
CA ASP A 440 -5.88 1.81 6.52
C ASP A 440 -7.24 1.18 6.72
N ASN A 441 -8.08 1.28 5.69
CA ASN A 441 -9.41 0.67 5.69
C ASN A 441 -10.24 1.15 6.87
N ILE A 442 -10.38 2.47 6.93
CA ILE A 442 -11.10 3.15 7.97
C ILE A 442 -12.36 3.77 7.37
N ILE A 443 -13.43 3.75 8.14
CA ILE A 443 -14.72 4.30 7.73
C ILE A 443 -15.11 5.39 8.72
N PHE A 444 -15.46 6.57 8.20
CA PHE A 444 -16.12 7.61 8.98
C PHE A 444 -17.53 7.74 8.45
N GLU A 445 -18.51 7.32 9.24
CA GLU A 445 -19.92 7.46 8.85
C GLU A 445 -20.65 8.34 9.84
N SER A 446 -21.13 9.49 9.37
CA SER A 446 -21.86 10.45 10.21
C SER A 446 -21.09 10.78 11.50
N MET A 447 -19.83 11.14 11.34
CA MET A 447 -19.03 11.68 12.44
C MET A 447 -19.04 13.20 12.34
N ASN A 448 -18.49 13.88 13.35
CA ASN A 448 -18.31 15.33 13.28
C ASN A 448 -16.84 15.73 13.17
N GLY A 449 -16.00 14.76 12.80
CA GLY A 449 -14.57 14.98 12.63
C GLY A 449 -13.89 13.68 12.31
N GLY A 450 -12.76 13.76 11.62
CA GLY A 450 -11.99 12.58 11.24
C GLY A 450 -10.84 12.35 12.21
N ILE A 451 -9.63 12.32 11.67
CA ILE A 451 -8.41 12.23 12.48
C ILE A 451 -7.85 13.64 12.64
N LYS A 452 -7.67 14.06 13.89
CA LYS A 452 -7.12 15.37 14.21
C LYS A 452 -5.81 15.18 14.97
N ALA A 453 -4.80 15.97 14.60
CA ALA A 453 -3.50 15.94 15.25
C ALA A 453 -2.81 17.29 15.09
N ARG A 454 -1.84 17.56 15.97
CA ARG A 454 -1.01 18.76 15.84
C ARG A 454 0.01 18.60 14.72
N THR A 455 0.65 17.43 14.68
CA THR A 455 1.67 17.11 13.69
C THR A 455 1.43 15.70 13.19
N VAL A 456 1.52 15.53 11.88
CA VAL A 456 1.44 14.22 11.23
C VAL A 456 2.65 14.12 10.31
N ALA A 457 3.62 13.30 10.71
CA ALA A 457 4.90 13.20 10.03
C ALA A 457 5.19 11.76 9.62
N HIS A 458 5.52 11.56 8.35
CA HIS A 458 5.94 10.25 7.86
C HIS A 458 4.95 9.13 8.22
N CYS A 459 3.67 9.43 8.07
CA CYS A 459 2.62 8.45 8.32
C CYS A 459 2.11 7.90 6.99
N GLY A 460 1.51 6.71 7.06
CA GLY A 460 0.86 6.09 5.92
C GLY A 460 -0.64 6.15 6.08
N PHE A 461 -1.31 6.53 5.01
CA PHE A 461 -2.76 6.56 4.94
C PHE A 461 -3.22 5.77 3.73
N GLY A 462 -4.03 4.75 3.98
CA GLY A 462 -4.56 3.90 2.94
C GLY A 462 -5.98 4.31 2.60
N LYS A 463 -6.87 3.32 2.50
CA LYS A 463 -8.24 3.56 2.09
C LYS A 463 -9.08 4.13 3.22
N PHE A 464 -9.80 5.20 2.92
CA PHE A 464 -10.77 5.79 3.83
C PHE A 464 -12.09 5.94 3.10
N TRP A 465 -13.19 5.62 3.79
CA TRP A 465 -14.54 5.82 3.28
C TRP A 465 -15.22 6.80 4.22
N CYS A 466 -15.42 8.03 3.74
CA CYS A 466 -15.96 9.11 4.56
C CYS A 466 -17.32 9.50 4.03
N GLU A 467 -18.37 9.16 4.78
CA GLU A 467 -19.74 9.34 4.32
C GLU A 467 -20.61 10.01 5.38
N ASN A 468 -20.95 11.28 5.11
CA ASN A 468 -21.87 12.09 5.91
C ASN A 468 -21.31 12.57 7.24
N LEU A 469 -21.86 13.68 7.72
CA LEU A 469 -21.48 14.28 8.98
C LEU A 469 -22.71 14.29 9.88
N LYS A 470 -22.50 14.16 11.18
CA LYS A 470 -23.62 14.05 12.13
C LYS A 470 -24.39 15.37 12.24
N THR A 471 -23.67 16.44 12.61
CA THR A 471 -24.24 17.80 12.66
C THR A 471 -23.39 18.85 11.95
N ALA A 472 -22.09 18.58 11.77
CA ALA A 472 -21.20 19.50 11.04
C ALA A 472 -21.60 19.58 9.57
N THR A 473 -21.21 20.67 8.91
CA THR A 473 -21.51 20.87 7.50
C THR A 473 -20.31 20.53 6.60
N SER A 474 -19.10 20.78 7.09
CA SER A 474 -17.87 20.51 6.33
C SER A 474 -16.72 20.16 7.27
N LYS A 475 -16.04 19.04 7.00
CA LYS A 475 -14.88 18.62 7.79
C LYS A 475 -13.86 17.91 6.92
N ASP A 476 -12.58 18.19 7.15
CA ASP A 476 -11.50 17.44 6.50
C ASP A 476 -11.39 16.06 7.14
N TRP A 477 -11.14 15.03 6.33
CA TRP A 477 -10.96 13.67 6.86
C TRP A 477 -9.72 13.59 7.75
N LEU A 478 -8.71 14.38 7.41
CA LEU A 478 -7.48 14.52 8.19
C LEU A 478 -7.26 15.99 8.46
N GLU A 479 -7.12 16.32 9.74
CA GLU A 479 -7.05 17.69 10.22
C GLU A 479 -5.75 17.85 11.00
N VAL A 480 -4.77 18.53 10.43
CA VAL A 480 -3.48 18.76 11.08
C VAL A 480 -3.35 20.24 11.38
N THR A 481 -3.21 20.57 12.66
CA THR A 481 -3.36 21.97 13.10
C THR A 481 -2.07 22.79 13.08
N GLY A 482 -0.91 22.13 13.20
CA GLY A 482 0.37 22.83 13.25
C GLY A 482 0.81 23.36 11.88
N ALA A 483 1.41 24.55 11.88
CA ALA A 483 1.91 25.15 10.64
C ALA A 483 3.06 24.33 10.07
N ASN A 484 2.95 23.95 8.79
CA ASN A 484 3.92 23.07 8.13
C ASN A 484 4.20 21.78 8.93
N SER A 485 3.20 21.30 9.66
CA SER A 485 3.36 20.16 10.54
C SER A 485 2.75 18.88 9.98
N CYS A 486 2.29 18.95 8.72
CA CYS A 486 1.89 17.75 7.99
C CYS A 486 2.89 17.57 6.86
N TYR A 487 3.76 16.56 7.00
CA TYR A 487 4.84 16.37 6.05
C TYR A 487 5.34 14.93 6.04
N GLY A 488 5.95 14.54 4.93
CA GLY A 488 6.60 13.24 4.81
C GLY A 488 5.66 12.07 4.67
N ASN A 489 4.39 12.34 4.38
CA ASN A 489 3.35 11.31 4.45
C ASN A 489 3.13 10.57 3.14
N SER A 490 2.47 9.42 3.25
CA SER A 490 2.05 8.62 2.11
C SER A 490 0.53 8.56 2.12
N PHE A 491 -0.10 9.26 1.19
CA PHE A 491 -1.55 9.23 1.02
C PHE A 491 -1.84 8.31 -0.17
N THR A 492 -1.75 7.01 0.07
CA THR A 492 -1.65 6.04 -1.02
C THR A 492 -2.83 5.08 -1.13
N GLY A 493 -3.98 5.48 -0.58
CA GLY A 493 -5.24 4.81 -0.85
C GLY A 493 -6.27 5.83 -1.29
N TYR A 494 -7.31 5.36 -1.96
CA TYR A 494 -8.40 6.25 -2.34
C TYR A 494 -9.15 6.70 -1.08
N VAL A 495 -9.47 8.00 -1.02
CA VAL A 495 -10.29 8.55 0.05
C VAL A 495 -11.65 8.94 -0.55
N LYS A 496 -12.67 8.16 -0.22
CA LYS A 496 -14.04 8.44 -0.67
C LYS A 496 -14.62 9.55 0.20
N LEU A 497 -15.15 10.59 -0.44
CA LEU A 497 -15.71 11.75 0.25
C LEU A 497 -17.17 11.93 -0.16
N LEU A 498 -18.07 11.82 0.81
CA LEU A 498 -19.50 11.98 0.59
C LEU A 498 -20.16 12.78 1.71
N GLY A 499 -21.11 13.64 1.35
CA GLY A 499 -21.95 14.31 2.34
C GLY A 499 -21.30 15.38 3.20
N GLY A 500 -20.23 16.00 2.71
CA GLY A 500 -19.61 17.13 3.39
C GLY A 500 -18.14 16.97 3.74
N TRP A 501 -17.63 15.75 3.67
CA TRP A 501 -16.21 15.53 3.93
C TRP A 501 -15.36 16.18 2.85
N THR A 502 -14.24 16.75 3.26
CA THR A 502 -13.30 17.38 2.35
C THR A 502 -11.91 16.79 2.59
N SER A 503 -10.97 17.14 1.72
CA SER A 503 -9.61 16.63 1.82
C SER A 503 -8.60 17.70 1.43
N LYS A 504 -7.48 17.73 2.15
CA LYS A 504 -6.34 18.56 1.79
C LYS A 504 -5.19 17.71 1.24
N THR A 505 -5.49 16.48 0.81
CA THR A 505 -4.47 15.53 0.37
C THR A 505 -4.66 14.97 -1.05
N SER A 506 -5.68 15.42 -1.77
CA SER A 506 -5.95 14.91 -3.11
C SER A 506 -4.80 15.22 -4.07
N PRO A 507 -4.47 14.28 -4.98
CA PRO A 507 -3.43 14.57 -5.96
C PRO A 507 -3.74 15.80 -6.83
N THR A 508 -5.02 16.07 -7.07
CA THR A 508 -5.42 17.15 -7.97
C THR A 508 -5.56 18.51 -7.25
N LEU A 509 -5.38 18.53 -5.93
CA LEU A 509 -5.47 19.76 -5.17
C LEU A 509 -4.31 20.69 -5.54
N ASP A 510 -4.60 21.96 -5.76
CA ASP A 510 -3.56 22.93 -6.07
C ASP A 510 -2.68 23.13 -4.84
N SER A 511 -1.40 23.36 -5.09
CA SER A 511 -0.45 23.61 -4.00
C SER A 511 -0.59 25.05 -3.50
N LEU A 512 -0.20 25.23 -2.24
CA LEU A 512 -0.10 26.53 -1.60
C LEU A 512 1.38 26.87 -1.47
N PRO A 513 1.72 28.15 -1.24
CA PRO A 513 3.13 28.49 -1.02
C PRO A 513 3.69 27.90 0.27
N THR A 514 2.81 27.62 1.23
CA THR A 514 3.21 27.02 2.50
C THR A 514 1.99 26.33 3.11
N ASN A 515 2.23 25.50 4.13
CA ASN A 515 1.16 24.76 4.83
C ASN A 515 0.41 23.75 3.94
N ASN A 516 1.09 23.19 2.95
CA ASN A 516 0.53 22.03 2.25
C ASN A 516 0.57 20.84 3.19
N TYR A 517 -0.37 19.92 2.99
CA TYR A 517 -0.27 18.62 3.63
C TYR A 517 0.75 17.83 2.83
N GLY A 518 1.98 17.82 3.33
CA GLY A 518 3.12 17.30 2.60
C GLY A 518 3.12 15.78 2.49
N GLY A 519 3.40 15.30 1.28
CA GLY A 519 3.53 13.89 1.03
C GLY A 519 3.32 13.50 -0.41
N VAL A 520 3.40 12.20 -0.65
CA VAL A 520 3.06 11.62 -1.93
C VAL A 520 1.60 11.20 -1.85
N SER A 521 0.86 11.41 -2.93
CA SER A 521 -0.54 11.01 -3.00
C SER A 521 -0.73 10.16 -4.25
N VAL A 522 -1.24 8.94 -4.07
CA VAL A 522 -1.42 8.00 -5.15
C VAL A 522 -2.82 7.41 -5.09
N SER A 523 -3.60 7.63 -6.14
CA SER A 523 -4.90 7.00 -6.30
C SER A 523 -5.31 7.11 -7.75
N ALA A 524 -6.50 6.61 -8.07
CA ALA A 524 -7.04 6.76 -9.42
C ALA A 524 -7.23 8.22 -9.81
N GLU A 525 -7.25 9.12 -8.82
CA GLU A 525 -7.37 10.57 -9.06
C GLU A 525 -6.09 11.18 -9.61
N GLY A 526 -4.95 10.51 -9.38
CA GLY A 526 -3.67 11.04 -9.81
C GLY A 526 -2.52 10.56 -8.96
N ILE A 527 -1.31 10.80 -9.47
CA ILE A 527 -0.08 10.50 -8.76
C ILE A 527 0.63 11.83 -8.56
N SER A 528 0.79 12.25 -7.31
CA SER A 528 1.38 13.56 -7.04
C SER A 528 2.33 13.54 -5.87
N ILE A 529 3.12 14.60 -5.77
CA ILE A 529 4.06 14.75 -4.68
C ILE A 529 4.28 16.24 -4.40
N VAL A 530 4.28 16.61 -3.12
CA VAL A 530 4.34 17.99 -2.67
C VAL A 530 5.02 18.03 -1.31
N ASN A 531 5.72 19.13 -1.02
CA ASN A 531 6.25 19.38 0.31
C ASN A 531 5.41 20.42 1.03
N ALA A 532 5.48 20.42 2.36
CA ALA A 532 4.64 21.31 3.17
C ALA A 532 4.90 22.79 2.87
N GLY A 533 6.17 23.18 2.85
CA GLY A 533 6.54 24.61 2.87
C GLY A 533 6.93 25.25 1.55
N ASN A 534 6.46 24.68 0.44
CA ASN A 534 6.81 25.18 -0.88
C ASN A 534 5.70 24.92 -1.90
N LYS A 535 5.60 25.80 -2.89
CA LYS A 535 4.57 25.75 -3.93
C LYS A 535 4.74 24.58 -4.92
N ALA A 536 5.94 24.01 -5.00
CA ALA A 536 6.20 22.95 -5.98
C ALA A 536 5.30 21.74 -5.76
N LYS A 537 4.68 21.27 -6.84
CA LYS A 537 3.92 20.03 -6.81
C LYS A 537 3.87 19.48 -8.22
N MET A 538 4.18 18.18 -8.36
CA MET A 538 4.04 17.51 -9.64
C MET A 538 2.91 16.50 -9.54
N LEU A 539 2.17 16.40 -10.64
CA LEU A 539 1.01 15.53 -10.76
C LEU A 539 1.05 14.80 -12.10
N MET A 540 0.92 13.48 -12.08
CA MET A 540 0.76 12.68 -13.30
C MET A 540 -0.68 12.18 -13.40
N LEU A 541 -1.27 12.39 -14.57
CA LEU A 541 -2.63 11.98 -14.89
C LEU A 541 -2.60 11.23 -16.22
N PRO A 542 -3.72 10.62 -16.62
CA PRO A 542 -3.70 9.93 -17.91
C PRO A 542 -3.29 10.82 -19.09
N SER A 543 -3.57 12.12 -19.00
CA SER A 543 -3.28 13.07 -20.07
C SER A 543 -1.81 13.51 -20.14
N GLY A 544 -1.08 13.37 -19.05
CA GLY A 544 0.27 13.90 -18.97
C GLY A 544 0.56 14.43 -17.58
N PHE A 545 1.09 15.65 -17.52
CA PHE A 545 1.63 16.21 -16.29
C PHE A 545 1.09 17.58 -15.96
N LYS A 546 1.00 17.85 -14.66
CA LYS A 546 0.61 19.18 -14.18
C LYS A 546 1.57 19.61 -13.07
N THR A 547 1.89 20.90 -13.05
CA THR A 547 2.81 21.46 -12.07
C THR A 547 2.12 22.55 -11.27
N GLY A 548 2.49 22.69 -10.00
CA GLY A 548 1.93 23.70 -9.11
C GLY A 548 2.66 25.03 -9.07
N ASN A 549 3.86 25.11 -9.65
CA ASN A 549 4.67 26.33 -9.59
C ASN A 549 5.08 26.87 -10.96
N ALA A 550 4.33 26.48 -12.00
CA ALA A 550 4.55 26.93 -13.38
C ALA A 550 5.91 26.54 -13.95
N THR A 551 6.54 25.53 -13.35
CA THR A 551 7.89 25.12 -13.71
C THR A 551 7.99 23.60 -13.69
N ILE A 552 8.73 23.04 -14.64
CA ILE A 552 9.07 21.62 -14.62
C ILE A 552 10.57 21.49 -14.85
N ASP A 553 11.26 20.85 -13.91
CA ASP A 553 12.71 20.60 -14.03
C ASP A 553 12.97 19.22 -14.62
N GLU A 554 14.06 19.12 -15.38
CA GLU A 554 14.61 17.85 -15.87
C GLU A 554 16.10 17.85 -15.59
N THR A 555 16.56 16.93 -14.75
CA THR A 555 17.98 16.88 -14.40
C THR A 555 18.41 15.46 -14.02
N HIS A 556 19.64 15.33 -13.52
CA HIS A 556 20.18 14.04 -13.09
C HIS A 556 19.75 13.73 -11.67
N ILE A 557 19.66 12.45 -11.33
CA ILE A 557 19.42 12.03 -9.95
C ILE A 557 20.63 12.44 -9.09
N SER A 558 21.83 12.16 -9.60
CA SER A 558 23.06 12.62 -8.94
C SER A 558 23.18 14.14 -9.00
N SER A 559 23.46 14.76 -7.85
CA SER A 559 23.66 16.20 -7.78
C SER A 559 25.02 16.65 -8.33
N SER A 560 25.95 15.70 -8.49
CA SER A 560 27.31 16.03 -8.95
C SER A 560 27.49 15.91 -10.47
N THR A 561 26.64 15.14 -11.13
CA THR A 561 26.73 14.96 -12.57
C THR A 561 26.37 16.26 -13.28
N VAL A 562 27.22 16.68 -14.22
CA VAL A 562 27.05 17.96 -14.92
C VAL A 562 27.08 17.82 -16.45
N THR A 563 26.78 16.62 -16.94
CA THR A 563 26.62 16.43 -18.37
C THR A 563 25.25 16.97 -18.80
N PRO A 564 25.08 17.23 -20.10
CA PRO A 564 23.72 17.50 -20.57
C PRO A 564 22.87 16.24 -20.55
N LEU A 565 21.57 16.41 -20.75
CA LEU A 565 20.66 15.29 -20.98
C LEU A 565 20.42 15.12 -22.46
N VAL A 566 19.99 13.92 -22.83
CA VAL A 566 19.47 13.68 -24.17
C VAL A 566 18.05 13.17 -24.01
N LYS A 567 17.12 13.80 -24.70
CA LYS A 567 15.75 13.31 -24.74
C LYS A 567 15.54 12.56 -26.04
N ARG A 568 14.90 11.39 -25.94
CA ARG A 568 14.58 10.59 -27.10
C ARG A 568 13.06 10.57 -27.26
N ARG A 569 12.61 10.68 -28.49
CA ARG A 569 11.17 10.78 -28.76
C ARG A 569 10.83 10.01 -30.02
N VAL A 570 9.77 9.22 -29.97
CA VAL A 570 9.32 8.49 -31.15
C VAL A 570 8.84 9.46 -32.21
N ILE A 571 9.36 9.32 -33.44
CA ILE A 571 8.98 10.21 -34.54
C ILE A 571 8.54 9.46 -35.81
N GLY A 572 8.65 8.13 -35.80
CA GLY A 572 8.33 7.35 -36.97
C GLY A 572 8.79 5.90 -36.82
N ALA A 573 9.04 5.26 -37.97
CA ALA A 573 9.49 3.88 -38.01
C ALA A 573 10.78 3.76 -38.80
N ASP A 574 11.60 2.78 -38.47
CA ASP A 574 12.75 2.44 -39.31
C ASP A 574 12.27 1.56 -40.46
N SER A 575 13.19 1.09 -41.30
CA SER A 575 12.81 0.34 -42.50
C SER A 575 12.17 -1.02 -42.21
N SER A 576 12.46 -1.59 -41.04
CA SER A 576 11.84 -2.86 -40.61
C SER A 576 10.45 -2.64 -40.00
N GLY A 577 10.10 -1.38 -39.73
CA GLY A 577 8.79 -1.05 -39.17
C GLY A 577 8.81 -0.88 -37.65
N ALA A 578 9.98 -0.99 -37.05
CA ALA A 578 10.14 -0.77 -35.62
C ALA A 578 10.11 0.71 -35.30
N GLN A 579 9.71 1.07 -34.09
CA GLN A 579 9.68 2.46 -33.65
C GLN A 579 11.07 3.08 -33.75
N TYR A 580 11.14 4.29 -34.28
CA TYR A 580 12.39 5.04 -34.30
C TYR A 580 12.29 6.18 -33.30
N LEU A 581 13.14 6.13 -32.28
CA LEU A 581 13.24 7.20 -31.28
C LEU A 581 14.41 8.10 -31.65
N ALA A 582 14.12 9.37 -31.91
CA ALA A 582 15.13 10.35 -32.29
C ALA A 582 15.66 11.05 -31.04
N SER A 583 16.91 11.47 -31.09
CA SER A 583 17.59 12.10 -29.96
C SER A 583 17.77 13.59 -30.17
N ASP A 584 17.52 14.38 -29.12
CA ASP A 584 17.77 15.80 -29.18
C ASP A 584 19.16 16.16 -28.63
N THR A 585 19.47 17.44 -28.71
CA THR A 585 20.71 18.00 -28.17
C THR A 585 20.36 19.31 -27.48
N TYR A 586 20.84 19.48 -26.25
CA TYR A 586 20.68 20.73 -25.54
C TYR A 586 21.89 20.88 -24.63
N THR A 587 22.93 21.50 -25.17
CA THR A 587 24.14 21.81 -24.43
C THR A 587 24.22 23.32 -24.26
N LYS A 588 25.29 23.78 -23.64
CA LYS A 588 25.50 25.22 -23.54
C LYS A 588 25.66 25.90 -24.90
N LEU A 589 26.06 25.14 -25.92
CA LEU A 589 26.41 25.70 -27.22
C LEU A 589 25.52 25.25 -28.39
N SER A 590 24.61 24.30 -28.16
CA SER A 590 23.84 23.72 -29.26
C SER A 590 22.45 23.27 -28.83
N ARG A 591 21.45 23.63 -29.63
CA ARG A 591 20.09 23.12 -29.46
C ARG A 591 19.62 22.55 -30.79
N LYS A 592 19.39 21.23 -30.80
CA LYS A 592 18.98 20.51 -32.00
C LYS A 592 17.97 19.42 -31.65
N TRP A 593 17.24 18.97 -32.66
CA TRP A 593 16.37 17.80 -32.57
C TRP A 593 16.74 16.88 -33.72
N GLY A 594 17.13 15.65 -33.40
CA GLY A 594 17.56 14.70 -34.40
C GLY A 594 16.42 14.16 -35.22
N THR A 595 16.76 13.71 -36.42
CA THR A 595 15.84 12.93 -37.24
C THR A 595 16.67 11.94 -38.05
N TYR A 596 15.99 11.14 -38.87
CA TYR A 596 16.68 10.14 -39.68
C TYR A 596 15.83 9.82 -40.88
N ASN A 597 16.48 9.71 -42.04
CA ASN A 597 15.83 9.32 -43.26
C ASN A 597 16.20 7.86 -43.54
N HIS A 598 15.24 6.96 -43.31
CA HIS A 598 15.49 5.52 -43.51
C HIS A 598 15.40 5.10 -44.97
N GLY A 599 14.96 6.01 -45.83
CA GLY A 599 14.99 5.79 -47.27
C GLY A 599 16.41 5.84 -47.81
N SER A 600 17.14 6.88 -47.44
CA SER A 600 18.52 7.09 -47.88
C SER A 600 19.56 6.73 -46.82
N ASN A 601 19.11 6.40 -45.61
CA ASN A 601 19.98 6.08 -44.48
C ASN A 601 20.93 7.22 -44.13
N ASN A 602 20.32 8.38 -43.87
CA ASN A 602 21.03 9.57 -43.45
C ASN A 602 20.41 10.14 -42.19
N ALA A 603 21.24 10.45 -41.21
CA ALA A 603 20.81 11.25 -40.08
C ALA A 603 20.48 12.66 -40.54
N GLY A 604 19.65 13.34 -39.76
CA GLY A 604 19.35 14.74 -39.99
C GLY A 604 19.08 15.44 -38.69
N ALA A 605 18.80 16.73 -38.77
CA ALA A 605 18.49 17.52 -37.59
C ALA A 605 17.74 18.79 -37.91
N PHE A 606 16.99 19.24 -36.90
CA PHE A 606 16.32 20.51 -36.87
C PHE A 606 17.06 21.37 -35.85
N TYR A 607 17.15 22.67 -36.12
CA TYR A 607 18.05 23.58 -35.40
C TYR A 607 17.32 24.77 -34.80
N ALA A 608 17.70 25.12 -33.57
CA ALA A 608 17.31 26.40 -32.97
C ALA A 608 18.60 27.22 -32.82
N PRO A 609 18.89 28.10 -33.78
CA PRO A 609 20.17 28.80 -33.74
C PRO A 609 20.24 29.89 -32.70
N MET A 610 21.46 30.31 -32.35
CA MET A 610 21.63 31.55 -31.63
C MET A 610 21.29 32.69 -32.57
N MET A 611 20.55 33.68 -32.07
CA MET A 611 20.27 34.89 -32.82
C MET A 611 20.84 36.07 -32.05
N LEU A 612 21.37 37.04 -32.78
CA LEU A 612 22.08 38.15 -32.18
C LEU A 612 21.96 39.35 -33.10
N THR A 613 21.57 40.50 -32.54
CA THR A 613 21.32 41.68 -33.34
C THR A 613 22.24 42.84 -32.95
N TYR A 614 22.79 43.50 -33.96
CA TYR A 614 23.54 44.74 -33.82
C TYR A 614 22.57 45.90 -34.00
N ASP A 615 22.69 46.93 -33.15
CA ASP A 615 21.88 48.14 -33.28
C ASP A 615 22.71 49.27 -32.72
N GLN A 616 23.08 50.22 -33.57
CA GLN A 616 23.94 51.32 -33.11
C GLN A 616 23.21 52.25 -32.13
N SER A 617 21.88 52.12 -32.03
CA SER A 617 21.10 52.86 -31.02
C SER A 617 21.03 52.19 -29.64
N PHE A 618 21.49 50.95 -29.52
CA PHE A 618 21.56 50.28 -28.22
C PHE A 618 22.51 51.06 -27.31
N SER A 619 22.15 51.18 -26.04
CA SER A 619 23.01 51.78 -25.03
C SER A 619 24.24 50.91 -24.74
N THR A 620 24.03 49.59 -24.78
CA THR A 620 25.13 48.62 -24.63
C THR A 620 24.92 47.52 -25.66
N PRO A 621 26.01 46.92 -26.16
CA PRO A 621 25.83 45.89 -27.18
C PRO A 621 25.04 44.70 -26.68
N GLN A 622 24.19 44.14 -27.54
CA GLN A 622 23.51 42.91 -27.22
C GLN A 622 24.54 41.78 -27.17
N ASN A 623 24.38 40.88 -26.21
CA ASN A 623 25.28 39.74 -26.06
C ASN A 623 24.45 38.46 -26.00
N ASN A 624 24.82 37.48 -26.83
CA ASN A 624 24.24 36.16 -26.74
C ASN A 624 25.34 35.15 -26.47
N ASN A 625 25.36 34.62 -25.24
CA ASN A 625 26.19 33.47 -24.91
C ASN A 625 27.69 33.76 -25.01
N GLY A 626 28.08 35.01 -24.81
CA GLY A 626 29.47 35.42 -24.90
C GLY A 626 29.91 35.99 -26.24
N TRP A 627 28.97 36.12 -27.17
CA TRP A 627 29.23 36.81 -28.45
C TRP A 627 28.46 38.13 -28.51
N LYS A 628 29.11 39.14 -29.09
CA LYS A 628 28.48 40.43 -29.40
C LYS A 628 28.91 40.87 -30.79
N ILE A 629 28.20 41.84 -31.34
CA ILE A 629 28.55 42.38 -32.64
C ILE A 629 29.05 43.80 -32.47
N VAL A 630 30.24 44.08 -33.01
CA VAL A 630 30.81 45.41 -32.95
C VAL A 630 31.25 45.86 -34.33
N LYS A 631 31.22 47.16 -34.55
CA LYS A 631 31.72 47.75 -35.78
C LYS A 631 33.23 47.83 -35.71
N GLU A 632 33.89 47.26 -36.72
CA GLU A 632 35.35 47.34 -36.84
C GLU A 632 35.76 48.55 -37.67
N SER A 633 35.09 48.73 -38.80
CA SER A 633 35.33 49.86 -39.71
C SER A 633 34.11 49.98 -40.62
N THR A 634 34.12 50.93 -41.54
CA THR A 634 32.97 51.14 -42.42
C THR A 634 32.60 49.84 -43.11
N GLY A 635 31.38 49.39 -42.88
CA GLY A 635 30.85 48.19 -43.50
C GLY A 635 31.38 46.86 -42.98
N VAL A 636 32.21 46.88 -41.94
CA VAL A 636 32.84 45.66 -41.44
C VAL A 636 32.52 45.48 -39.96
N TYR A 637 31.89 44.35 -39.64
CA TYR A 637 31.42 44.07 -38.29
C TYR A 637 32.00 42.75 -37.81
N ARG A 638 32.36 42.69 -36.54
CA ARG A 638 32.83 41.45 -35.94
C ARG A 638 31.76 40.87 -35.04
N VAL A 639 31.37 39.62 -35.31
CA VAL A 639 30.61 38.82 -34.38
C VAL A 639 31.68 38.09 -33.56
N GLU A 640 31.98 38.65 -32.39
CA GLU A 640 33.19 38.30 -31.66
C GLU A 640 32.93 37.85 -30.24
N ARG A 641 33.90 37.12 -29.70
CA ARG A 641 33.86 36.66 -28.32
C ARG A 641 34.27 37.79 -27.39
N VAL A 642 33.52 37.94 -26.30
CA VAL A 642 33.91 38.88 -25.26
C VAL A 642 34.91 38.22 -24.31
N SER A 643 35.56 39.04 -23.49
CA SER A 643 36.56 38.56 -22.55
C SER A 643 35.99 37.44 -21.68
N GLY A 644 36.71 36.32 -21.60
CA GLY A 644 36.30 35.19 -20.79
C GLY A 644 35.55 34.12 -21.55
N ASN A 645 35.03 34.46 -22.73
CA ASN A 645 34.38 33.45 -23.56
C ASN A 645 35.44 32.67 -24.32
N THR A 646 35.72 31.46 -23.85
CA THR A 646 36.71 30.58 -24.47
C THR A 646 36.05 29.48 -25.29
N SER A 647 34.73 29.58 -25.46
CA SER A 647 33.99 28.62 -26.27
C SER A 647 34.24 28.90 -27.74
N VAL A 648 34.01 27.88 -28.59
CA VAL A 648 34.28 27.99 -30.01
C VAL A 648 33.10 27.54 -30.86
N ILE A 649 33.16 27.95 -32.11
CA ILE A 649 32.26 27.47 -33.17
C ILE A 649 33.01 26.38 -33.92
N THR A 650 32.36 25.24 -34.11
CA THR A 650 32.95 24.15 -34.87
C THR A 650 32.03 23.78 -36.03
N ASN A 651 32.45 24.13 -37.24
CA ASN A 651 31.74 23.76 -38.45
C ASN A 651 30.28 24.19 -38.43
N GLY A 652 30.07 25.43 -38.01
CA GLY A 652 28.73 25.95 -37.78
C GLY A 652 28.01 26.45 -39.03
N HIS A 653 26.71 26.68 -38.86
CA HIS A 653 25.87 27.25 -39.91
C HIS A 653 25.72 28.74 -39.65
N ILE A 654 25.72 29.55 -40.70
CA ILE A 654 25.65 31.01 -40.55
C ILE A 654 24.64 31.62 -41.50
N VAL A 655 23.73 32.39 -40.93
CA VAL A 655 22.75 33.13 -41.69
C VAL A 655 22.81 34.58 -41.22
N VAL A 656 22.95 35.50 -42.16
CA VAL A 656 22.86 36.93 -41.84
C VAL A 656 21.48 37.43 -42.22
N GLY A 657 20.93 38.25 -41.34
CA GLY A 657 19.58 38.77 -41.49
C GLY A 657 19.52 40.06 -42.28
N SER A 658 18.45 40.81 -42.03
CA SER A 658 18.03 41.91 -42.88
C SER A 658 18.54 43.25 -42.35
N PRO A 659 19.09 44.10 -43.23
CA PRO A 659 19.60 45.37 -42.71
C PRO A 659 18.55 46.49 -42.65
N LEU A 660 18.57 47.23 -41.55
CA LEU A 660 17.86 48.50 -41.44
C LEU A 660 18.91 49.57 -41.70
N MET A 661 18.77 50.29 -42.82
CA MET A 661 19.76 51.26 -43.25
C MET A 661 19.38 52.68 -42.84
N GLY A 662 20.38 53.49 -42.51
CA GLY A 662 20.20 54.94 -42.36
C GLY A 662 19.65 55.43 -41.03
N SER A 663 18.78 54.64 -40.41
CA SER A 663 18.16 54.98 -39.13
C SER A 663 17.64 53.72 -38.49
N ARG A 664 17.21 53.82 -37.23
CA ARG A 664 16.70 52.66 -36.53
C ARG A 664 15.42 52.13 -37.19
N LEU A 665 14.57 53.05 -37.63
CA LEU A 665 13.35 52.68 -38.37
C LEU A 665 13.71 52.08 -39.72
N GLY A 666 14.75 52.61 -40.33
CA GLY A 666 15.21 52.17 -41.65
C GLY A 666 14.70 53.08 -42.75
N THR A 667 15.52 53.30 -43.77
CA THR A 667 15.11 54.06 -44.94
C THR A 667 14.38 53.16 -45.94
N GLY A 668 14.63 51.86 -45.86
CA GLY A 668 14.11 50.90 -46.84
C GLY A 668 15.13 50.51 -47.90
N THR A 669 16.30 51.15 -47.91
CA THR A 669 17.35 50.75 -48.84
C THR A 669 17.94 49.43 -48.35
N GLY A 670 18.63 48.73 -49.25
CA GLY A 670 19.18 47.42 -48.95
C GLY A 670 20.68 47.40 -48.99
N ALA A 671 21.22 46.22 -48.75
CA ALA A 671 22.67 46.01 -48.81
C ALA A 671 22.95 44.53 -48.97
N THR A 672 24.15 44.23 -49.44
CA THR A 672 24.56 42.86 -49.73
C THR A 672 25.69 42.48 -48.78
N HIS A 673 25.60 41.30 -48.19
CA HIS A 673 26.61 40.84 -47.23
C HIS A 673 27.48 39.70 -47.73
N GLY A 674 28.67 39.63 -47.16
CA GLY A 674 29.53 38.46 -47.23
C GLY A 674 30.15 38.28 -45.87
N ILE A 675 30.72 37.11 -45.60
CA ILE A 675 31.33 36.84 -44.32
C ILE A 675 32.79 36.40 -44.43
N GLN A 676 33.47 36.46 -43.30
CA GLN A 676 34.84 35.96 -43.17
C GLN A 676 34.98 35.43 -41.75
N MET A 677 35.57 34.25 -41.60
CA MET A 677 35.70 33.67 -40.27
C MET A 677 36.82 34.33 -39.49
N ILE A 678 36.66 34.33 -38.17
CA ILE A 678 37.71 34.74 -37.23
C ILE A 678 38.24 33.46 -36.59
N GLU A 679 39.53 33.21 -36.74
CA GLU A 679 40.14 31.98 -36.23
C GLU A 679 40.51 32.09 -34.75
N THR A 680 40.59 30.95 -34.08
CA THR A 680 41.05 30.89 -32.69
C THR A 680 42.57 30.82 -32.62
N TYR A 681 43.16 30.14 -33.60
CA TYR A 681 44.61 30.09 -33.80
C TYR A 681 44.83 29.97 -35.31
N ALA A 682 46.04 30.26 -35.78
CA ALA A 682 46.34 30.26 -37.21
C ALA A 682 45.98 28.93 -37.86
N GLY A 683 45.06 28.95 -38.81
CA GLY A 683 44.62 27.75 -39.52
C GLY A 683 43.48 26.98 -38.89
N SER A 684 42.97 27.45 -37.74
CA SER A 684 41.95 26.71 -37.00
C SER A 684 40.71 26.44 -37.84
N TRP A 685 40.31 27.42 -38.63
CA TRP A 685 39.12 27.27 -39.47
C TRP A 685 39.46 26.55 -40.77
N THR A 686 40.47 27.05 -41.47
CA THR A 686 40.89 26.48 -42.74
C THR A 686 41.10 24.97 -42.64
N SER A 687 41.81 24.54 -41.60
CA SER A 687 42.16 23.14 -41.42
C SER A 687 41.16 22.32 -40.60
N TYR A 688 40.58 22.92 -39.56
CA TYR A 688 39.79 22.16 -38.58
C TYR A 688 38.37 22.67 -38.37
N THR A 689 37.94 23.62 -39.20
CA THR A 689 36.63 24.29 -39.08
C THR A 689 36.31 24.75 -37.65
N GLU A 690 37.33 25.25 -36.95
CA GLU A 690 37.12 25.89 -35.65
C GLU A 690 37.26 27.39 -35.81
N ALA A 691 36.30 28.13 -35.26
CA ALA A 691 36.34 29.59 -35.31
C ALA A 691 35.98 30.20 -33.97
N ALA A 692 36.51 31.40 -33.73
CA ALA A 692 36.15 32.21 -32.59
C ALA A 692 34.85 32.96 -32.86
N GLY A 693 34.65 33.31 -34.13
CA GLY A 693 33.52 34.10 -34.55
C GLY A 693 33.61 34.36 -36.05
N PHE A 694 32.99 35.44 -36.50
CA PHE A 694 33.03 35.78 -37.92
C PHE A 694 32.77 37.27 -38.13
N LYS A 695 33.25 37.78 -39.25
CA LYS A 695 33.00 39.14 -39.68
C LYS A 695 31.89 39.16 -40.72
N VAL A 696 31.09 40.22 -40.67
CA VAL A 696 30.08 40.49 -41.68
C VAL A 696 30.46 41.78 -42.39
N PHE A 697 30.49 41.71 -43.72
CA PHE A 697 30.82 42.85 -44.58
C PHE A 697 29.55 43.25 -45.32
N TRP A 698 29.19 44.53 -45.27
CA TRP A 698 28.00 45.06 -45.93
C TRP A 698 28.37 46.03 -47.03
N ARG A 699 27.75 45.89 -48.21
CA ARG A 699 28.02 46.77 -49.33
C ARG A 699 26.72 47.21 -50.03
N ASP A 700 26.76 48.40 -50.62
CA ASP A 700 25.63 48.93 -51.39
C ASP A 700 25.64 48.39 -52.82
N SER A 701 24.69 48.84 -53.64
CA SER A 701 24.56 48.33 -55.02
C SER A 701 25.74 48.68 -55.93
N SER A 702 26.54 49.67 -55.54
CA SER A 702 27.77 50.01 -56.25
C SER A 702 28.99 49.27 -55.67
N ASN A 703 28.73 48.33 -54.76
CA ASN A 703 29.76 47.48 -54.13
C ASN A 703 30.68 48.24 -53.18
N ALA A 704 30.18 49.36 -52.65
CA ALA A 704 30.93 50.13 -51.65
C ALA A 704 30.49 49.74 -50.24
N LEU A 705 31.46 49.67 -49.33
CA LEU A 705 31.17 49.33 -47.93
C LEU A 705 30.21 50.35 -47.32
N VAL A 706 29.19 49.86 -46.62
CA VAL A 706 28.16 50.71 -46.00
C VAL A 706 27.81 50.18 -44.62
N ASP A 707 27.33 51.07 -43.74
CA ASP A 707 27.00 50.73 -42.37
C ASP A 707 25.50 50.68 -42.12
N PRO A 708 24.94 49.48 -41.93
CA PRO A 708 23.56 49.43 -41.46
C PRO A 708 23.43 50.04 -40.08
N HIS A 709 22.24 50.53 -39.75
CA HIS A 709 21.94 50.97 -38.40
C HIS A 709 21.72 49.76 -37.48
N ARG A 710 21.09 48.73 -38.02
CA ARG A 710 20.72 47.55 -37.25
C ARG A 710 20.63 46.35 -38.18
N PHE A 711 21.11 45.21 -37.72
CA PHE A 711 20.95 43.96 -38.45
C PHE A 711 21.10 42.76 -37.52
N THR A 712 20.52 41.65 -37.95
CA THR A 712 20.50 40.40 -37.20
C THR A 712 21.46 39.40 -37.84
N VAL A 713 22.04 38.54 -37.00
CA VAL A 713 22.68 37.32 -37.47
C VAL A 713 22.11 36.12 -36.73
N ALA A 714 22.15 34.97 -37.37
CA ALA A 714 21.77 33.71 -36.75
C ALA A 714 22.88 32.72 -37.07
N PHE A 715 23.34 32.00 -36.05
CA PHE A 715 24.40 31.02 -36.26
C PHE A 715 24.34 29.89 -35.26
N THR A 716 25.00 28.79 -35.60
CA THR A 716 25.12 27.65 -34.71
C THR A 716 26.60 27.42 -34.38
N ALA A 717 26.84 26.85 -33.22
CA ALA A 717 28.21 26.57 -32.76
C ALA A 717 28.66 25.16 -33.13
N THR A 718 27.74 24.35 -33.66
CA THR A 718 28.09 23.05 -34.22
C THR A 718 27.36 22.85 -35.53
N SER A 719 27.76 21.83 -36.28
CA SER A 719 27.07 21.45 -37.49
C SER A 719 25.74 20.79 -37.16
N THR B 173 -20.93 -46.95 65.22
CA THR B 173 -22.32 -46.44 64.97
C THR B 173 -22.43 -44.92 64.82
N GLN B 174 -21.52 -44.17 65.44
CA GLN B 174 -21.59 -42.70 65.45
C GLN B 174 -20.80 -42.01 64.33
N TYR B 175 -20.35 -42.80 63.35
CA TYR B 175 -19.76 -42.25 62.13
C TYR B 175 -19.95 -43.26 61.01
N TYR B 176 -19.65 -42.85 59.79
CA TYR B 176 -19.82 -43.70 58.63
C TYR B 176 -18.48 -44.13 58.06
N LEU B 177 -18.24 -45.44 58.10
CA LEU B 177 -17.04 -46.07 57.60
C LEU B 177 -17.22 -47.58 57.60
N LYS B 178 -17.19 -48.18 56.42
CA LYS B 178 -17.23 -49.63 56.27
C LYS B 178 -16.28 -50.00 55.14
N TYR B 179 -15.33 -50.89 55.45
CA TYR B 179 -14.43 -51.42 54.46
C TYR B 179 -15.00 -52.72 53.89
N PHE B 180 -14.39 -53.21 52.81
CA PHE B 180 -14.84 -54.45 52.18
C PHE B 180 -14.74 -55.63 53.14
N ASN B 181 -15.75 -56.49 53.11
CA ASN B 181 -15.83 -57.68 53.93
C ASN B 181 -16.19 -58.86 53.01
N PRO B 182 -15.30 -59.86 52.92
CA PRO B 182 -15.55 -60.97 51.98
C PRO B 182 -16.77 -61.85 52.29
N GLU B 183 -17.31 -61.73 53.51
CA GLU B 183 -18.50 -62.50 53.91
C GLU B 183 -19.81 -61.87 53.45
N ILE B 184 -19.74 -60.63 52.95
CA ILE B 184 -20.95 -59.85 52.66
C ILE B 184 -21.30 -59.88 51.17
N VAL B 185 -22.60 -59.88 50.90
CA VAL B 185 -23.10 -59.73 49.54
C VAL B 185 -23.65 -58.31 49.42
N TYR B 186 -23.05 -57.51 48.54
CA TYR B 186 -23.41 -56.11 48.41
C TYR B 186 -24.47 -55.94 47.32
N PRO B 187 -25.64 -55.39 47.68
CA PRO B 187 -26.67 -55.17 46.68
C PRO B 187 -26.32 -54.01 45.75
N LYS B 188 -27.08 -53.89 44.66
CA LYS B 188 -26.89 -52.77 43.75
C LYS B 188 -27.07 -51.48 44.53
N ASN B 189 -26.19 -50.51 44.26
CA ASN B 189 -26.21 -49.18 44.90
C ASN B 189 -25.63 -49.14 46.33
N ALA B 190 -25.18 -50.28 46.86
CA ALA B 190 -24.53 -50.28 48.16
C ALA B 190 -23.24 -49.48 48.10
N ARG B 191 -22.96 -48.74 49.17
CA ARG B 191 -21.71 -47.97 49.27
C ARG B 191 -20.84 -48.47 50.41
N ILE B 192 -19.55 -48.63 50.11
CA ILE B 192 -18.53 -48.92 51.11
C ILE B 192 -17.29 -48.11 50.77
N MET B 193 -16.29 -48.18 51.64
CA MET B 193 -15.02 -47.50 51.41
C MET B 193 -13.94 -48.48 50.95
N LEU B 194 -13.17 -48.06 49.96
CA LEU B 194 -11.90 -48.69 49.64
C LEU B 194 -10.97 -48.52 50.83
N ASP B 195 -9.91 -49.33 50.88
CA ASP B 195 -8.95 -49.24 51.98
C ASP B 195 -8.31 -47.86 52.12
N ASN B 196 -8.24 -47.11 51.02
CA ASN B 196 -7.74 -45.72 51.04
C ASN B 196 -8.78 -44.69 51.50
N GLY B 197 -10.01 -45.15 51.79
CA GLY B 197 -11.06 -44.26 52.30
C GLY B 197 -12.05 -43.73 51.27
N ASP B 198 -11.73 -43.88 49.99
CA ASP B 198 -12.61 -43.41 48.93
C ASP B 198 -13.84 -44.31 48.84
N ILE B 199 -15.02 -43.70 48.67
CA ILE B 199 -16.26 -44.46 48.60
C ILE B 199 -16.48 -45.03 47.20
N VAL B 200 -16.91 -46.30 47.17
CA VAL B 200 -17.33 -46.93 45.93
C VAL B 200 -18.78 -47.37 46.05
N ARG B 201 -19.46 -47.40 44.90
CA ARG B 201 -20.88 -47.73 44.82
C ARG B 201 -21.02 -48.94 43.91
N SER B 202 -21.77 -49.94 44.36
CA SER B 202 -22.00 -51.14 43.55
C SER B 202 -22.96 -50.83 42.42
N THR B 203 -22.61 -51.24 41.20
CA THR B 203 -23.46 -51.03 40.03
C THR B 203 -24.17 -52.31 39.60
N VAL B 204 -23.95 -53.39 40.36
CA VAL B 204 -24.57 -54.69 40.05
C VAL B 204 -25.17 -55.33 41.29
N VAL B 205 -26.17 -56.18 41.08
CA VAL B 205 -26.76 -56.99 42.16
C VAL B 205 -25.79 -58.09 42.58
N ASN B 206 -25.98 -58.60 43.78
CA ASN B 206 -25.19 -59.75 44.28
C ASN B 206 -23.67 -59.54 44.14
N ASN B 207 -23.19 -58.35 44.48
CA ASN B 207 -21.78 -58.03 44.30
C ASN B 207 -20.92 -58.63 45.41
N THR B 208 -20.02 -59.52 45.03
CA THR B 208 -19.10 -60.16 45.98
C THR B 208 -17.64 -59.95 45.58
N SER B 209 -17.40 -59.00 44.69
CA SER B 209 -16.04 -58.69 44.23
C SER B 209 -15.42 -57.62 45.11
N ASN B 210 -14.15 -57.78 45.44
CA ASN B 210 -13.42 -56.84 46.27
C ASN B 210 -12.98 -55.64 45.43
N PRO B 211 -13.55 -54.45 45.69
CA PRO B 211 -13.23 -53.29 44.85
C PRO B 211 -11.78 -52.82 44.96
N ASN B 212 -11.09 -53.22 46.03
CA ASN B 212 -9.67 -52.89 46.22
C ASN B 212 -8.74 -53.58 45.22
N VAL B 213 -9.18 -54.72 44.69
CA VAL B 213 -8.40 -55.46 43.69
C VAL B 213 -9.13 -55.61 42.34
N ASP B 214 -10.45 -55.39 42.34
CA ASP B 214 -11.27 -55.58 41.14
C ASP B 214 -12.45 -54.62 41.14
N MET B 215 -12.36 -53.57 40.33
CA MET B 215 -13.40 -52.54 40.26
C MET B 215 -14.58 -52.90 39.36
N THR B 216 -14.56 -54.09 38.76
CA THR B 216 -15.72 -54.58 38.01
C THR B 216 -16.92 -54.61 38.95
N GLY B 217 -18.00 -53.96 38.53
CA GLY B 217 -19.22 -53.89 39.32
C GLY B 217 -19.26 -52.78 40.35
N TRP B 218 -18.24 -51.91 40.33
CA TRP B 218 -18.15 -50.78 41.25
C TRP B 218 -17.79 -49.49 40.50
N VAL B 219 -18.16 -48.35 41.08
CA VAL B 219 -17.69 -47.04 40.59
C VAL B 219 -17.28 -46.17 41.77
N LYS B 220 -16.28 -45.33 41.54
CA LYS B 220 -15.86 -44.36 42.55
C LYS B 220 -16.78 -43.15 42.52
N VAL B 221 -17.41 -42.84 43.65
CA VAL B 221 -18.43 -41.79 43.68
C VAL B 221 -17.86 -40.38 43.61
N SER B 222 -16.58 -40.22 43.94
CA SER B 222 -15.91 -38.91 43.86
C SER B 222 -15.32 -38.64 42.48
N SER B 223 -15.58 -39.51 41.51
CA SER B 223 -15.10 -39.30 40.14
C SER B 223 -16.08 -38.42 39.37
N VAL B 224 -15.55 -37.59 38.48
CA VAL B 224 -16.38 -36.64 37.73
C VAL B 224 -17.30 -37.33 36.71
N SER B 225 -17.04 -38.61 36.43
CA SER B 225 -17.98 -39.44 35.67
C SER B 225 -19.26 -39.75 36.46
N GLN B 226 -19.22 -39.50 37.77
CA GLN B 226 -20.36 -39.74 38.66
C GLN B 226 -20.94 -38.44 39.23
N ILE B 227 -20.50 -37.32 38.69
CA ILE B 227 -20.98 -35.99 39.09
C ILE B 227 -21.68 -35.39 37.88
N PHE B 228 -22.84 -34.76 38.09
CA PHE B 228 -23.67 -34.28 37.01
C PHE B 228 -23.98 -32.80 37.11
N ASP B 229 -24.02 -32.12 35.96
CA ASP B 229 -24.56 -30.76 35.89
C ASP B 229 -26.00 -30.87 35.40
N GLU B 230 -26.95 -30.67 36.32
CA GLU B 230 -28.37 -30.86 36.04
C GLU B 230 -28.91 -29.89 34.99
N THR B 231 -28.22 -28.76 34.81
CA THR B 231 -28.59 -27.80 33.77
C THR B 231 -28.52 -28.43 32.37
N TYR B 232 -27.57 -29.35 32.17
CA TYR B 232 -27.38 -30.02 30.88
C TYR B 232 -27.69 -31.52 30.90
N ASN B 233 -27.87 -32.09 32.10
CA ASN B 233 -28.00 -33.53 32.26
C ASN B 233 -26.84 -34.29 31.62
N ILE B 234 -25.62 -33.83 31.93
CA ILE B 234 -24.40 -34.50 31.47
C ILE B 234 -23.43 -34.54 32.64
N THR B 235 -22.44 -35.42 32.54
CA THR B 235 -21.44 -35.54 33.59
C THR B 235 -20.43 -34.40 33.52
N GLN B 236 -19.80 -34.13 34.65
CA GLN B 236 -18.70 -33.19 34.70
C GLN B 236 -17.55 -33.65 33.80
N SER B 237 -17.39 -34.97 33.65
CA SER B 237 -16.40 -35.54 32.74
C SER B 237 -16.52 -34.96 31.33
N VAL B 238 -17.76 -34.87 30.82
CA VAL B 238 -18.02 -34.30 29.51
C VAL B 238 -17.65 -32.82 29.48
N ILE B 239 -18.08 -32.07 30.50
CA ILE B 239 -17.76 -30.64 30.57
C ILE B 239 -16.25 -30.40 30.60
N ASN B 240 -15.51 -31.30 31.26
CA ASN B 240 -14.04 -31.22 31.29
C ASN B 240 -13.35 -31.49 29.95
N GLY B 241 -14.13 -31.84 28.93
CA GLY B 241 -13.62 -31.93 27.57
C GLY B 241 -13.69 -30.63 26.79
N ASN B 242 -14.25 -29.57 27.40
CA ASN B 242 -14.40 -28.29 26.71
C ASN B 242 -13.07 -27.58 26.48
N LEU B 243 -12.20 -27.62 27.48
CA LEU B 243 -10.88 -27.00 27.41
C LEU B 243 -9.89 -27.87 28.17
N ILE B 244 -8.85 -28.32 27.47
CA ILE B 244 -7.79 -29.14 28.04
C ILE B 244 -6.48 -28.38 27.87
N THR B 245 -5.68 -28.32 28.93
CA THR B 245 -4.39 -27.61 28.90
C THR B 245 -3.29 -28.52 29.44
N VAL B 246 -2.06 -28.02 29.43
CA VAL B 246 -0.94 -28.75 30.01
C VAL B 246 -1.14 -29.03 31.50
N ASP B 247 -1.94 -28.21 32.19
CA ASP B 247 -2.27 -28.44 33.59
C ASP B 247 -2.97 -29.79 33.81
N ASN B 248 -3.73 -30.23 32.81
CA ASN B 248 -4.40 -31.54 32.87
C ASN B 248 -3.40 -32.69 32.98
N PHE B 249 -2.19 -32.45 32.51
CA PHE B 249 -1.15 -33.47 32.44
C PHE B 249 -0.05 -33.26 33.48
N GLY B 250 -0.34 -32.44 34.49
CA GLY B 250 0.55 -32.28 35.64
C GLY B 250 1.53 -31.11 35.58
N ALA B 251 1.37 -30.22 34.60
CA ALA B 251 2.20 -29.02 34.55
C ALA B 251 1.91 -28.13 35.76
N LYS B 252 2.97 -27.61 36.37
CA LYS B 252 2.84 -26.78 37.57
C LYS B 252 2.82 -25.28 37.28
N GLY B 253 3.55 -24.86 36.24
CA GLY B 253 3.65 -23.44 35.90
C GLY B 253 4.00 -22.59 37.10
N ASP B 254 5.00 -23.04 37.87
CA ASP B 254 5.34 -22.43 39.15
C ASP B 254 6.68 -21.70 39.14
N GLY B 255 7.29 -21.55 37.97
CA GLY B 255 8.56 -20.86 37.82
C GLY B 255 9.79 -21.64 38.27
N VAL B 256 9.60 -22.90 38.66
CA VAL B 256 10.70 -23.73 39.19
C VAL B 256 10.67 -25.14 38.59
N THR B 257 9.52 -25.82 38.70
CA THR B 257 9.38 -27.21 38.28
C THR B 257 9.47 -27.37 36.77
N ASP B 258 10.25 -28.34 36.31
CA ASP B 258 10.32 -28.67 34.88
C ASP B 258 9.00 -29.31 34.43
N ASP B 259 8.30 -28.62 33.53
CA ASP B 259 7.01 -29.11 33.01
C ASP B 259 7.13 -29.82 31.66
N SER B 260 8.35 -30.06 31.19
CA SER B 260 8.55 -30.62 29.85
C SER B 260 7.83 -31.96 29.65
N ALA B 261 7.88 -32.84 30.64
CA ALA B 261 7.20 -34.14 30.55
C ALA B 261 5.69 -33.98 30.43
N ALA B 262 5.12 -33.03 31.17
CA ALA B 262 3.69 -32.73 31.10
C ALA B 262 3.28 -32.19 29.72
N PHE B 263 4.10 -31.30 29.18
CA PHE B 263 3.88 -30.78 27.82
C PHE B 263 3.94 -31.91 26.80
N GLN B 264 4.91 -32.81 26.95
CA GLN B 264 5.01 -33.94 26.03
C GLN B 264 3.82 -34.90 26.16
N ALA B 265 3.40 -35.15 27.40
CA ALA B 265 2.23 -35.99 27.66
C ALA B 265 0.99 -35.41 26.97
N TYR B 266 0.83 -34.09 27.04
CA TYR B 266 -0.26 -33.41 26.36
C TYR B 266 -0.24 -33.71 24.86
N CYS B 267 0.94 -33.55 24.25
CA CYS B 267 1.08 -33.74 22.81
C CYS B 267 0.94 -35.19 22.37
N ASP B 268 1.24 -36.12 23.28
CA ASP B 268 1.11 -37.56 23.02
C ASP B 268 -0.29 -38.10 23.32
N SER B 269 -1.14 -37.30 23.96
CA SER B 269 -2.45 -37.75 24.43
C SER B 269 -3.47 -37.89 23.29
N ALA B 270 -4.35 -38.89 23.43
CA ALA B 270 -5.45 -39.12 22.49
C ALA B 270 -6.59 -38.11 22.67
N LEU B 271 -6.56 -37.34 23.77
CA LEU B 271 -7.69 -36.52 24.16
C LEU B 271 -7.57 -35.06 23.71
N THR B 272 -6.37 -34.64 23.31
CA THR B 272 -6.10 -33.24 23.03
C THR B 272 -6.33 -32.90 21.55
N GLY B 273 -6.67 -31.64 21.29
CA GLY B 273 -7.04 -31.19 19.95
C GLY B 273 -5.87 -30.67 19.12
N GLN B 274 -6.17 -29.74 18.22
CA GLN B 274 -5.18 -29.23 17.26
C GLN B 274 -3.98 -28.55 17.93
N ASN B 275 -4.23 -27.87 19.04
CA ASN B 275 -3.21 -27.03 19.68
C ASN B 275 -2.95 -27.42 21.11
N LEU B 276 -1.75 -27.06 21.58
CA LEU B 276 -1.40 -27.12 22.99
C LEU B 276 -1.80 -25.80 23.64
N TYR B 277 -2.45 -25.88 24.80
CA TYR B 277 -2.90 -24.71 25.55
C TYR B 277 -2.24 -24.66 26.92
N LEU B 278 -1.94 -23.45 27.37
CA LEU B 278 -1.49 -23.22 28.74
C LEU B 278 -2.69 -22.98 29.64
N GLY B 279 -2.50 -23.21 30.94
CA GLY B 279 -3.51 -22.89 31.95
C GLY B 279 -3.61 -21.38 32.15
N ALA B 280 -4.56 -20.96 32.97
CA ALA B 280 -4.87 -19.54 33.13
C ALA B 280 -3.68 -18.73 33.60
N LYS B 281 -3.04 -19.20 34.66
CA LYS B 281 -1.87 -18.52 35.22
C LYS B 281 -0.72 -19.50 35.32
N GLY B 282 0.47 -19.09 34.88
CA GLY B 282 1.64 -19.92 35.08
C GLY B 282 2.86 -19.49 34.32
N ARG B 283 4.01 -19.58 34.99
CA ARG B 283 5.32 -19.42 34.38
C ARG B 283 5.86 -20.83 34.22
N TYR B 284 5.73 -21.37 33.01
CA TYR B 284 5.98 -22.78 32.76
C TYR B 284 7.43 -23.02 32.37
N ILE B 285 8.18 -23.68 33.26
CA ILE B 285 9.60 -23.96 33.03
C ILE B 285 9.74 -25.18 32.13
N LEU B 286 10.59 -25.07 31.12
CA LEU B 286 10.94 -26.20 30.25
C LEU B 286 12.45 -26.39 30.26
N LYS B 287 12.90 -27.57 30.69
CA LYS B 287 14.33 -27.90 30.72
C LYS B 287 14.72 -28.93 29.68
N ASN B 288 13.72 -29.43 28.93
CA ASN B 288 13.95 -30.41 27.88
C ASN B 288 13.13 -30.05 26.65
N GLN B 289 13.60 -30.49 25.49
CA GLN B 289 12.91 -30.25 24.22
C GLN B 289 11.54 -30.90 24.24
N VAL B 290 10.55 -30.18 23.72
CA VAL B 290 9.19 -30.71 23.56
C VAL B 290 8.92 -30.92 22.08
N ASP B 291 8.45 -32.11 21.73
CA ASP B 291 8.01 -32.42 20.37
C ASP B 291 6.51 -32.22 20.32
N LEU B 292 6.07 -31.15 19.64
CA LEU B 292 4.65 -30.80 19.57
C LEU B 292 3.81 -31.79 18.77
N LYS B 293 4.46 -32.69 18.02
CA LYS B 293 3.76 -33.73 17.26
C LYS B 293 2.70 -33.14 16.32
N GLY B 294 3.00 -31.98 15.74
CA GLY B 294 2.09 -31.35 14.79
C GLY B 294 1.03 -30.47 15.41
N LYS B 295 1.01 -30.37 16.73
CA LYS B 295 0.07 -29.48 17.40
C LYS B 295 0.61 -28.05 17.35
N GLY B 296 -0.30 -27.10 17.18
CA GLY B 296 0.06 -25.69 17.29
C GLY B 296 0.22 -25.32 18.75
N LEU B 297 0.53 -24.05 18.99
CA LEU B 297 0.83 -23.56 20.32
C LEU B 297 0.01 -22.31 20.62
N VAL B 298 -0.82 -22.39 21.66
CA VAL B 298 -1.62 -21.26 22.13
C VAL B 298 -1.26 -20.98 23.58
N GLY B 299 -0.79 -19.77 23.84
CA GLY B 299 -0.38 -19.39 25.19
C GLY B 299 -1.51 -18.88 26.03
N ASN B 300 -1.16 -18.23 27.14
CA ASN B 300 -2.14 -17.64 28.04
C ASN B 300 -1.99 -16.12 28.11
N GLY B 301 -1.59 -15.53 26.99
CA GLY B 301 -1.52 -14.08 26.88
C GLY B 301 -0.28 -13.61 26.15
N CYS B 302 -0.44 -12.51 25.43
CA CYS B 302 0.63 -11.84 24.74
C CYS B 302 0.99 -10.63 25.58
N GLY B 303 2.06 -10.73 26.34
CA GLY B 303 2.41 -9.72 27.34
C GLY B 303 3.48 -8.75 26.89
N LYS B 304 3.74 -7.75 27.73
CA LYS B 304 4.88 -6.87 27.50
C LYS B 304 6.14 -7.61 27.92
N VAL B 305 7.29 -7.00 27.62
CA VAL B 305 8.58 -7.61 27.91
C VAL B 305 8.99 -7.20 29.33
N SER B 306 8.40 -7.87 30.31
CA SER B 306 8.65 -7.58 31.72
C SER B 306 8.31 -8.76 32.62
N GLU B 307 8.95 -8.82 33.77
CA GLU B 307 8.74 -9.91 34.75
C GLU B 307 7.28 -9.99 35.20
N PHE B 308 6.60 -8.84 35.25
CA PHE B 308 5.18 -8.79 35.61
C PHE B 308 4.36 -9.75 34.75
N TYR B 309 4.59 -9.73 33.44
CA TYR B 309 3.83 -10.60 32.54
C TYR B 309 4.38 -12.03 32.51
N TYR B 310 5.69 -12.21 32.67
CA TYR B 310 6.26 -13.56 32.72
C TYR B 310 5.68 -14.35 33.90
N ASN B 311 5.52 -13.67 35.04
CA ASN B 311 4.98 -14.31 36.24
C ASN B 311 3.50 -14.68 36.13
N LEU B 312 2.75 -13.93 35.33
CA LEU B 312 1.34 -14.21 35.13
C LEU B 312 1.12 -15.32 34.10
N GLY B 313 1.89 -15.30 33.02
CA GLY B 313 1.71 -16.28 31.95
C GLY B 313 2.78 -16.27 30.89
N CYS B 314 3.59 -17.32 30.87
CA CYS B 314 4.56 -17.51 29.81
C CYS B 314 5.12 -18.92 29.80
N ILE B 315 5.80 -19.25 28.71
CA ILE B 315 6.70 -20.38 28.66
C ILE B 315 8.10 -19.84 28.93
N ASP B 316 8.81 -20.44 29.88
CA ASP B 316 10.14 -20.00 30.27
C ASP B 316 11.11 -21.16 30.06
N VAL B 317 11.82 -21.11 28.94
CA VAL B 317 12.75 -22.17 28.56
C VAL B 317 14.06 -21.98 29.33
N ASP B 318 14.51 -23.05 29.99
CA ASP B 318 15.75 -23.01 30.75
C ASP B 318 16.96 -23.18 29.82
N GLY B 319 17.53 -22.05 29.41
CA GLY B 319 18.67 -22.04 28.50
C GLY B 319 19.96 -22.58 29.11
N SER B 320 19.99 -22.76 30.43
CA SER B 320 21.14 -23.37 31.10
C SER B 320 21.11 -24.90 31.10
N SER B 321 19.99 -25.48 30.65
CA SER B 321 19.85 -26.93 30.59
C SER B 321 20.75 -27.53 29.51
N PRO B 322 21.69 -28.42 29.89
CA PRO B 322 22.58 -29.03 28.90
C PRO B 322 21.86 -29.72 27.74
N ASP B 323 20.69 -30.28 28.02
CA ASP B 323 19.90 -31.00 27.01
C ASP B 323 19.29 -30.08 25.93
N LEU B 324 19.30 -28.76 26.16
CA LEU B 324 18.77 -27.80 25.19
C LEU B 324 19.85 -27.03 24.42
N GLN B 325 21.11 -27.15 24.84
CA GLN B 325 22.20 -26.43 24.17
C GLN B 325 22.23 -26.74 22.67
N GLY B 326 22.23 -25.69 21.85
CA GLY B 326 22.33 -25.83 20.40
C GLY B 326 21.10 -26.42 19.72
N LYS B 327 19.97 -26.45 20.44
CA LYS B 327 18.75 -27.07 19.92
C LYS B 327 17.60 -26.08 19.95
N THR B 328 16.49 -26.47 19.31
CA THR B 328 15.25 -25.72 19.40
C THR B 328 14.36 -26.33 20.48
N ALA B 329 13.77 -25.48 21.32
CA ALA B 329 12.99 -25.94 22.48
C ALA B 329 11.73 -26.70 22.08
N PHE B 330 11.03 -26.19 21.07
CA PHE B 330 9.84 -26.82 20.52
C PHE B 330 10.08 -27.22 19.07
N ILE B 331 9.79 -28.46 18.73
CA ILE B 331 9.89 -28.92 17.34
C ILE B 331 8.53 -29.41 16.84
N ASN B 332 8.40 -29.49 15.53
CA ASN B 332 7.18 -30.00 14.86
C ASN B 332 5.92 -29.25 15.24
N CYS B 333 6.03 -27.93 15.34
CA CYS B 333 4.86 -27.10 15.62
C CYS B 333 3.88 -27.19 14.47
N GLY B 334 2.59 -27.19 14.81
CA GLY B 334 1.52 -27.10 13.82
C GLY B 334 1.40 -25.71 13.23
N PRO B 335 0.29 -25.44 12.54
CA PRO B 335 0.14 -24.18 11.79
C PRO B 335 -0.25 -22.95 12.60
N THR B 336 -0.26 -23.07 13.93
CA THR B 336 -0.69 -21.98 14.81
C THR B 336 0.33 -21.72 15.88
N ILE B 337 0.74 -20.46 16.01
CA ILE B 337 1.39 -19.96 17.23
C ILE B 337 0.69 -18.66 17.57
N GLN B 338 0.03 -18.59 18.72
CA GLN B 338 -0.74 -17.39 19.06
C GLN B 338 -0.91 -17.16 20.54
N ASN B 339 -1.13 -15.89 20.90
CA ASN B 339 -1.53 -15.49 22.23
C ASN B 339 -0.51 -15.97 23.26
N LEU B 340 0.76 -15.70 22.98
CA LEU B 340 1.85 -16.38 23.68
C LEU B 340 2.96 -15.43 24.09
N THR B 341 3.46 -15.64 25.29
CA THR B 341 4.68 -15.01 25.79
C THR B 341 5.65 -16.14 26.07
N ALA B 342 6.86 -16.05 25.52
CA ALA B 342 7.87 -17.09 25.75
C ALA B 342 9.26 -16.48 25.84
N ARG B 343 9.99 -16.87 26.88
CA ARG B 343 11.35 -16.40 27.09
C ARG B 343 12.32 -17.56 27.26
N CYS B 344 13.59 -17.27 27.07
CA CYS B 344 14.66 -18.17 27.43
C CYS B 344 15.47 -17.53 28.54
N SER B 345 15.59 -18.22 29.67
CA SER B 345 16.34 -17.71 30.81
C SER B 345 17.71 -18.39 30.87
N ASN B 346 18.73 -17.58 31.16
CA ASN B 346 20.09 -18.09 31.38
C ASN B 346 20.65 -18.90 30.20
N GLY B 347 20.35 -18.46 28.98
CA GLY B 347 20.77 -19.15 27.78
C GLY B 347 21.83 -18.44 26.95
N ALA B 348 22.42 -17.38 27.51
CA ALA B 348 23.43 -16.60 26.78
C ALA B 348 24.59 -17.48 26.34
N GLY B 349 24.85 -17.51 25.04
CA GLY B 349 25.94 -18.31 24.47
C GLY B 349 25.62 -19.78 24.25
N LYS B 350 24.43 -20.22 24.66
CA LYS B 350 24.06 -21.64 24.58
C LYS B 350 23.29 -22.00 23.31
N GLN B 351 23.02 -21.01 22.46
CA GLN B 351 22.36 -21.23 21.17
C GLN B 351 21.08 -22.05 21.30
N VAL B 352 20.19 -21.61 22.18
CA VAL B 352 18.88 -22.24 22.33
C VAL B 352 17.88 -21.43 21.52
N SER B 353 17.24 -22.09 20.55
CA SER B 353 16.21 -21.46 19.73
C SER B 353 14.84 -21.86 20.27
N PHE B 354 13.80 -21.10 19.90
CA PHE B 354 12.48 -21.33 20.53
C PHE B 354 11.64 -22.40 19.84
N ILE B 355 11.28 -22.18 18.58
CA ILE B 355 10.28 -23.06 17.94
C ILE B 355 10.53 -23.28 16.45
N GLU B 356 10.31 -24.52 16.01
CA GLU B 356 10.39 -24.89 14.60
C GLU B 356 8.99 -25.12 14.05
N ILE B 357 8.69 -24.44 12.96
CA ILE B 357 7.37 -24.50 12.34
C ILE B 357 7.56 -24.59 10.81
N ASP B 358 6.75 -25.42 10.15
CA ASP B 358 6.89 -25.60 8.72
C ASP B 358 6.45 -24.35 7.97
N GLY B 359 7.10 -24.08 6.85
CA GLY B 359 6.81 -22.89 6.05
C GLY B 359 5.50 -22.91 5.29
N TYR B 360 4.93 -24.09 5.06
CA TYR B 360 3.67 -24.22 4.31
C TYR B 360 2.47 -24.20 5.25
N LEU B 361 1.68 -23.13 5.14
CA LEU B 361 0.45 -22.91 5.93
C LEU B 361 0.73 -22.66 7.40
N ALA B 362 0.89 -21.39 7.74
CA ALA B 362 1.05 -20.97 9.13
C ALA B 362 0.29 -19.69 9.41
N ASN B 363 -0.28 -19.62 10.61
CA ASN B 363 -0.80 -18.39 11.19
C ASN B 363 -0.11 -18.14 12.52
N ILE B 364 0.79 -17.16 12.56
CA ILE B 364 1.47 -16.78 13.78
C ILE B 364 1.02 -15.36 14.12
N ASP B 365 0.47 -15.15 15.31
CA ASP B 365 0.01 -13.82 15.68
C ASP B 365 -0.11 -13.62 17.18
N HIS B 366 0.12 -12.37 17.60
CA HIS B 366 0.01 -11.97 18.99
C HIS B 366 0.96 -12.79 19.87
N ILE B 367 2.24 -12.64 19.58
CA ILE B 367 3.27 -13.29 20.37
C ILE B 367 4.32 -12.30 20.86
N THR B 368 4.94 -12.66 21.97
CA THR B 368 6.06 -11.93 22.53
C THR B 368 7.13 -12.96 22.85
N LEU B 369 8.29 -12.82 22.20
CA LEU B 369 9.41 -13.74 22.40
C LEU B 369 10.62 -12.97 22.90
N ILE B 370 11.28 -13.54 23.91
CA ILE B 370 12.35 -12.84 24.63
C ILE B 370 13.59 -13.73 24.71
N ASN B 371 14.73 -13.20 24.26
CA ASN B 371 15.99 -13.94 24.15
C ASN B 371 15.88 -15.05 23.09
N PHE B 372 16.56 -16.18 23.31
CA PHE B 372 16.75 -17.23 22.31
C PHE B 372 17.77 -16.83 21.25
N TYR B 373 18.27 -17.84 20.54
CA TYR B 373 19.24 -17.66 19.47
C TYR B 373 18.48 -17.26 18.20
N ASN B 374 17.75 -18.22 17.63
CA ASN B 374 16.72 -17.95 16.64
C ASN B 374 15.38 -18.08 17.35
N GLN B 375 14.52 -17.08 17.21
CA GLN B 375 13.24 -17.12 17.91
C GLN B 375 12.25 -17.99 17.14
N ILE B 376 12.01 -17.65 15.87
CA ILE B 376 11.19 -18.47 14.99
C ILE B 376 12.10 -19.14 13.97
N VAL B 377 12.10 -20.47 13.97
CA VAL B 377 12.85 -21.25 13.00
C VAL B 377 11.87 -21.85 12.00
N VAL B 378 11.87 -21.32 10.78
CA VAL B 378 10.99 -21.80 9.72
C VAL B 378 11.67 -22.99 9.05
N LYS B 379 10.95 -24.11 8.96
CA LYS B 379 11.47 -25.28 8.27
C LYS B 379 10.95 -25.31 6.84
N GLN B 380 11.75 -25.89 5.95
CA GLN B 380 11.51 -25.84 4.50
C GLN B 380 11.36 -24.38 4.04
N ALA B 381 10.37 -24.08 3.20
CA ALA B 381 10.24 -22.73 2.63
C ALA B 381 8.85 -22.17 2.88
N LEU B 382 8.76 -20.84 2.91
CA LEU B 382 7.47 -20.19 3.09
C LEU B 382 6.54 -20.47 1.93
N VAL B 383 5.27 -20.68 2.24
CA VAL B 383 4.18 -20.58 1.26
C VAL B 383 2.87 -20.55 2.05
N GLY B 384 2.09 -19.49 1.87
CA GLY B 384 0.89 -19.29 2.67
C GLY B 384 1.21 -19.15 4.15
N PHE B 385 2.22 -18.35 4.44
CA PHE B 385 2.79 -18.21 5.78
C PHE B 385 2.51 -16.81 6.29
N ASN B 386 1.66 -16.70 7.30
CA ASN B 386 1.22 -15.39 7.78
C ASN B 386 1.66 -15.14 9.21
N PHE B 387 2.32 -13.99 9.40
CA PHE B 387 3.01 -13.65 10.63
C PHE B 387 2.67 -12.21 10.98
N THR B 388 2.05 -11.98 12.14
CA THR B 388 1.67 -10.62 12.52
C THR B 388 1.64 -10.38 14.02
N ASN B 389 1.86 -9.13 14.40
CA ASN B 389 1.68 -8.67 15.77
C ASN B 389 2.58 -9.42 16.73
N ALA B 390 3.87 -9.15 16.61
CA ALA B 390 4.89 -9.85 17.35
C ALA B 390 5.91 -8.86 17.93
N TRP B 391 6.23 -9.06 19.19
CA TRP B 391 7.28 -8.31 19.86
C TRP B 391 8.43 -9.27 20.10
N LEU B 392 9.51 -9.08 19.34
CA LEU B 392 10.61 -10.03 19.28
C LEU B 392 11.87 -9.36 19.81
N TYR B 393 12.16 -9.60 21.08
CA TYR B 393 13.19 -8.86 21.81
C TYR B 393 14.39 -9.74 22.15
N TYR B 394 15.58 -9.17 21.98
CA TYR B 394 16.83 -9.72 22.51
C TYR B 394 17.31 -11.03 21.87
N SER B 395 16.86 -11.35 20.66
CA SER B 395 17.39 -12.54 19.97
C SER B 395 18.90 -12.40 19.77
N GLN B 396 19.61 -13.52 19.80
CA GLN B 396 21.07 -13.49 19.69
C GLN B 396 21.54 -13.63 18.25
N ASN B 397 20.71 -14.24 17.41
CA ASN B 397 21.06 -14.42 15.99
C ASN B 397 20.00 -13.84 15.05
N ALA B 398 18.75 -14.23 15.25
CA ALA B 398 17.66 -13.77 14.40
C ALA B 398 16.31 -13.88 15.08
N GLY B 399 15.42 -12.94 14.78
CA GLY B 399 14.02 -13.05 15.19
C GLY B 399 13.34 -14.17 14.43
N ILE B 400 13.55 -14.18 13.11
CA ILE B 400 12.99 -15.20 12.22
C ILE B 400 14.09 -15.71 11.30
N TYR B 401 14.26 -17.03 11.26
CA TYR B 401 15.30 -17.66 10.45
C TYR B 401 14.72 -18.74 9.53
N CYS B 402 15.01 -18.63 8.24
CA CYS B 402 14.59 -19.61 7.25
C CYS B 402 15.79 -20.07 6.42
N GLU B 403 16.25 -21.29 6.68
CA GLU B 403 17.40 -21.86 5.98
C GLU B 403 17.05 -22.27 4.54
N ASP B 404 15.88 -22.90 4.38
CA ASP B 404 15.44 -23.46 3.10
C ASP B 404 16.54 -24.35 2.51
N PRO B 405 16.94 -25.40 3.26
CA PRO B 405 18.10 -26.22 2.85
C PRO B 405 17.98 -26.87 1.47
N LEU B 406 16.76 -27.16 1.03
CA LEU B 406 16.54 -27.79 -0.27
C LEU B 406 16.28 -26.79 -1.40
N ASN B 407 16.40 -25.49 -1.10
CA ASN B 407 16.23 -24.43 -2.10
C ASN B 407 14.88 -24.54 -2.82
N ARG B 408 13.81 -24.67 -2.04
CA ARG B 408 12.46 -24.74 -2.59
C ARG B 408 11.99 -23.37 -3.08
N VAL B 409 12.57 -22.32 -2.50
CA VAL B 409 12.21 -20.91 -2.75
C VAL B 409 10.96 -20.55 -1.96
N SER B 410 11.11 -19.61 -1.03
CA SER B 410 10.01 -19.11 -0.21
C SER B 410 9.11 -18.18 -1.02
N THR B 411 7.80 -18.34 -0.84
CA THR B 411 6.83 -17.46 -1.47
C THR B 411 5.72 -17.07 -0.50
N THR B 412 4.96 -16.05 -0.90
CA THR B 412 3.66 -15.75 -0.32
C THR B 412 3.63 -15.81 1.22
N GLY B 413 4.61 -15.15 1.83
CA GLY B 413 4.68 -14.99 3.27
C GLY B 413 4.39 -13.54 3.61
N THR B 414 3.63 -13.31 4.68
CA THR B 414 3.32 -11.95 5.13
C THR B 414 3.89 -11.73 6.51
N PHE B 415 4.48 -10.55 6.70
CA PHE B 415 5.16 -10.18 7.93
C PHE B 415 4.76 -8.77 8.31
N HIS B 416 3.82 -8.66 9.24
CA HIS B 416 3.21 -7.37 9.59
C HIS B 416 3.30 -7.09 11.09
N ASN B 417 3.41 -5.81 11.44
CA ASN B 417 3.29 -5.38 12.83
C ASN B 417 4.28 -6.11 13.73
N ILE B 418 5.56 -6.11 13.34
CA ILE B 418 6.60 -6.78 14.12
C ILE B 418 7.57 -5.75 14.67
N TYR B 419 7.81 -5.84 15.99
CA TYR B 419 8.74 -4.99 16.71
C TYR B 419 9.97 -5.84 17.06
N PHE B 420 11.06 -5.63 16.34
CA PHE B 420 12.34 -6.27 16.65
C PHE B 420 13.16 -5.29 17.49
N GLN B 421 13.53 -5.69 18.72
CA GLN B 421 14.29 -4.79 19.59
C GLN B 421 15.48 -5.47 20.26
N LEU B 422 16.63 -4.79 20.21
CA LEU B 422 17.82 -5.14 20.99
C LEU B 422 18.34 -6.56 20.73
N GLY B 423 18.24 -6.99 19.47
CA GLY B 423 18.82 -8.26 19.05
C GLY B 423 20.29 -8.09 18.69
N ASP B 424 21.10 -9.11 19.02
CA ASP B 424 22.53 -9.08 18.72
C ASP B 424 22.83 -9.35 17.24
N GLY B 425 21.83 -9.88 16.52
CA GLY B 425 21.99 -10.21 15.11
C GLY B 425 20.99 -9.47 14.25
N HIS B 426 20.33 -10.22 13.35
CA HIS B 426 19.38 -9.65 12.41
C HIS B 426 17.94 -9.78 12.90
N ALA B 427 17.05 -9.03 12.28
CA ALA B 427 15.61 -9.23 12.46
C ALA B 427 15.20 -10.53 11.79
N MET B 428 15.50 -10.64 10.50
CA MET B 428 15.15 -11.82 9.71
C MET B 428 16.32 -12.24 8.83
N ILE B 429 16.58 -13.55 8.78
CA ILE B 429 17.60 -14.12 7.90
C ILE B 429 16.97 -15.21 7.04
N PHE B 430 17.01 -14.98 5.73
CA PHE B 430 16.73 -16.01 4.74
C PHE B 430 18.06 -16.39 4.11
N ASP B 431 18.50 -17.63 4.27
CA ASP B 431 19.76 -18.07 3.65
C ASP B 431 19.65 -18.09 2.13
N ARG B 432 18.44 -18.23 1.59
CA ARG B 432 18.24 -18.31 0.15
C ARG B 432 17.19 -17.30 -0.33
N ASP B 433 16.20 -17.75 -1.10
CA ASP B 433 15.42 -16.85 -1.97
C ASP B 433 13.99 -16.64 -1.48
N VAL B 434 13.52 -15.39 -1.65
CA VAL B 434 12.19 -14.99 -1.19
C VAL B 434 11.45 -14.29 -2.34
N HIS B 435 10.27 -14.79 -2.67
CA HIS B 435 9.44 -14.28 -3.76
C HIS B 435 8.04 -13.93 -3.28
N GLY B 436 7.51 -12.80 -3.71
CA GLY B 436 6.09 -12.50 -3.49
C GLY B 436 5.65 -12.38 -2.03
N CYS B 437 6.58 -12.00 -1.15
CA CYS B 437 6.28 -11.83 0.26
C CYS B 437 6.00 -10.36 0.56
N ASP B 438 5.33 -10.11 1.66
CA ASP B 438 4.90 -8.77 2.05
C ASP B 438 5.41 -8.45 3.46
N PHE B 439 5.98 -7.26 3.62
CA PHE B 439 6.54 -6.81 4.88
C PHE B 439 5.99 -5.41 5.14
N ASP B 440 5.38 -5.18 6.29
CA ASP B 440 4.73 -3.89 6.56
C ASP B 440 4.65 -3.58 8.05
N ASN B 441 4.88 -2.32 8.39
CA ASN B 441 4.79 -1.83 9.77
C ASN B 441 5.70 -2.61 10.69
N ILE B 442 6.97 -2.59 10.32
CA ILE B 442 8.02 -3.29 11.03
C ILE B 442 8.94 -2.25 11.69
N ILE B 443 9.40 -2.59 12.88
CA ILE B 443 10.29 -1.73 13.65
C ILE B 443 11.59 -2.47 13.90
N PHE B 444 12.71 -1.84 13.58
CA PHE B 444 14.03 -2.32 14.00
C PHE B 444 14.56 -1.30 15.00
N GLU B 445 14.65 -1.69 16.28
CA GLU B 445 15.19 -0.80 17.30
C GLU B 445 16.42 -1.45 17.93
N SER B 446 17.58 -0.82 17.74
CA SER B 446 18.84 -1.32 18.29
C SER B 446 19.09 -2.79 17.93
N MET B 447 18.94 -3.11 16.66
CA MET B 447 19.31 -4.41 16.12
C MET B 447 20.71 -4.30 15.52
N ASN B 448 21.29 -5.44 15.12
CA ASN B 448 22.57 -5.42 14.39
C ASN B 448 22.40 -5.82 12.92
N GLY B 449 21.16 -5.82 12.47
CA GLY B 449 20.86 -6.16 11.09
C GLY B 449 19.35 -6.14 10.89
N GLY B 450 18.94 -5.92 9.64
CA GLY B 450 17.52 -5.87 9.32
C GLY B 450 17.07 -7.19 8.73
N ILE B 451 16.53 -7.14 7.51
CA ILE B 451 16.16 -8.32 6.76
C ILE B 451 17.28 -8.66 5.80
N LYS B 452 17.79 -9.89 5.90
CA LYS B 452 18.85 -10.37 5.02
C LYS B 452 18.34 -11.56 4.21
N ALA B 453 18.66 -11.58 2.93
CA ALA B 453 18.28 -12.67 2.03
C ALA B 453 19.26 -12.76 0.87
N ARG B 454 19.31 -13.92 0.22
CA ARG B 454 20.12 -14.09 -0.98
C ARG B 454 19.44 -13.42 -2.18
N THR B 455 18.14 -13.65 -2.31
CA THR B 455 17.32 -13.11 -3.39
C THR B 455 16.02 -12.57 -2.81
N VAL B 456 15.65 -11.38 -3.26
CA VAL B 456 14.37 -10.77 -2.92
C VAL B 456 13.72 -10.35 -4.22
N ALA B 457 12.68 -11.09 -4.62
CA ALA B 457 12.03 -10.92 -5.91
C ALA B 457 10.54 -10.68 -5.74
N HIS B 458 10.03 -9.62 -6.37
CA HIS B 458 8.60 -9.34 -6.40
C HIS B 458 7.97 -9.32 -5.01
N CYS B 459 8.67 -8.72 -4.05
CA CYS B 459 8.18 -8.56 -2.70
C CYS B 459 7.65 -7.15 -2.48
N GLY B 460 6.75 -7.01 -1.51
CA GLY B 460 6.23 -5.71 -1.10
C GLY B 460 6.83 -5.33 0.24
N PHE B 461 7.26 -4.07 0.33
CA PHE B 461 7.78 -3.48 1.54
C PHE B 461 7.03 -2.20 1.83
N GLY B 462 6.38 -2.15 2.99
CA GLY B 462 5.64 -0.99 3.42
C GLY B 462 6.45 -0.15 4.39
N LYS B 463 5.84 0.23 5.50
CA LYS B 463 6.48 1.13 6.46
C LYS B 463 7.47 0.40 7.35
N PHE B 464 8.68 0.96 7.46
CA PHE B 464 9.71 0.48 8.37
C PHE B 464 10.18 1.65 9.22
N TRP B 465 10.37 1.38 10.51
CA TRP B 465 10.95 2.35 11.42
C TRP B 465 12.25 1.75 11.96
N CYS B 466 13.37 2.29 11.49
CA CYS B 466 14.68 1.74 11.82
C CYS B 466 15.43 2.75 12.67
N GLU B 467 15.62 2.43 13.96
CA GLU B 467 16.19 3.37 14.91
C GLU B 467 17.27 2.73 15.78
N ASN B 468 18.52 3.12 15.52
CA ASN B 468 19.70 2.70 16.28
C ASN B 468 20.15 1.27 16.02
N LEU B 469 21.44 1.05 16.23
CA LEU B 469 22.06 -0.25 16.08
C LEU B 469 22.65 -0.64 17.44
N LYS B 470 22.64 -1.94 17.76
CA LYS B 470 23.07 -2.40 19.08
C LYS B 470 24.58 -2.21 19.27
N THR B 471 25.37 -2.80 18.38
CA THR B 471 26.83 -2.62 18.37
C THR B 471 27.40 -2.25 17.00
N ALA B 472 26.69 -2.59 15.92
CA ALA B 472 27.11 -2.22 14.57
C ALA B 472 27.13 -0.71 14.38
N THR B 473 27.89 -0.25 13.39
CA THR B 473 28.00 1.18 13.10
C THR B 473 27.11 1.58 11.92
N SER B 474 26.98 0.70 10.93
CA SER B 474 26.16 0.98 9.76
C SER B 474 25.58 -0.32 9.19
N LYS B 475 24.26 -0.34 8.96
CA LYS B 475 23.60 -1.50 8.36
C LYS B 475 22.45 -1.07 7.45
N ASP B 476 22.30 -1.73 6.32
CA ASP B 476 21.13 -1.55 5.47
C ASP B 476 19.91 -2.20 6.12
N TRP B 477 18.75 -1.57 6.00
CA TRP B 477 17.52 -2.14 6.54
C TRP B 477 17.14 -3.44 5.79
N LEU B 478 17.48 -3.47 4.50
CA LEU B 478 17.27 -4.64 3.66
C LEU B 478 18.61 -4.95 2.99
N GLU B 479 19.06 -6.19 3.16
CA GLU B 479 20.38 -6.64 2.75
C GLU B 479 20.18 -7.86 1.85
N VAL B 480 20.38 -7.67 0.54
CA VAL B 480 20.24 -8.75 -0.44
C VAL B 480 21.61 -9.06 -1.01
N THR B 481 22.07 -10.30 -0.85
CA THR B 481 23.48 -10.64 -1.09
C THR B 481 23.78 -11.07 -2.54
N GLY B 482 22.79 -11.60 -3.24
CA GLY B 482 22.99 -12.10 -4.60
C GLY B 482 23.13 -10.99 -5.62
N ALA B 483 24.00 -11.19 -6.60
CA ALA B 483 24.21 -10.21 -7.68
C ALA B 483 22.95 -10.12 -8.53
N ASN B 484 22.44 -8.90 -8.73
CA ASN B 484 21.18 -8.66 -9.44
C ASN B 484 20.03 -9.52 -8.93
N SER B 485 20.06 -9.84 -7.63
CA SER B 485 19.08 -10.74 -7.03
C SER B 485 18.04 -10.00 -6.21
N CYS B 486 18.06 -8.67 -6.27
CA CYS B 486 16.97 -7.86 -5.72
C CYS B 486 16.27 -7.17 -6.89
N TYR B 487 15.07 -7.64 -7.21
CA TYR B 487 14.37 -7.16 -8.39
C TYR B 487 12.87 -7.35 -8.27
N GLY B 488 12.12 -6.54 -9.02
CA GLY B 488 10.68 -6.69 -9.12
C GLY B 488 9.89 -6.23 -7.91
N ASN B 489 10.55 -5.49 -7.01
CA ASN B 489 9.96 -5.18 -5.71
C ASN B 489 9.16 -3.89 -5.67
N SER B 490 8.36 -3.77 -4.62
CA SER B 490 7.58 -2.58 -4.34
C SER B 490 8.06 -2.03 -2.99
N PHE B 491 8.78 -0.91 -3.04
CA PHE B 491 9.22 -0.23 -1.83
C PHE B 491 8.30 0.97 -1.63
N THR B 492 7.10 0.69 -1.14
CA THR B 492 6.01 1.64 -1.22
C THR B 492 5.52 2.16 0.14
N GLY B 493 6.38 2.08 1.15
CA GLY B 493 6.16 2.78 2.41
C GLY B 493 7.39 3.59 2.76
N TYR B 494 7.23 4.58 3.62
CA TYR B 494 8.36 5.34 4.10
C TYR B 494 9.23 4.48 5.00
N VAL B 495 10.54 4.55 4.78
CA VAL B 495 11.51 3.87 5.64
C VAL B 495 12.26 4.92 6.46
N LYS B 496 11.93 4.99 7.76
CA LYS B 496 12.60 5.91 8.68
C LYS B 496 13.96 5.34 9.06
N LEU B 497 15.00 6.15 8.90
CA LEU B 497 16.38 5.74 9.16
C LEU B 497 17.00 6.65 10.22
N LEU B 498 17.35 6.07 11.36
CA LEU B 498 17.98 6.80 12.46
C LEU B 498 19.12 6.00 13.09
N GLY B 499 20.19 6.69 13.44
CA GLY B 499 21.26 6.10 14.25
C GLY B 499 22.15 5.07 13.58
N GLY B 500 22.26 5.14 12.25
CA GLY B 500 23.22 4.29 11.52
C GLY B 500 22.60 3.43 10.43
N TRP B 501 21.28 3.27 10.44
CA TRP B 501 20.63 2.51 9.39
C TRP B 501 20.76 3.22 8.05
N THR B 502 20.96 2.44 7.00
CA THR B 502 21.06 2.96 5.64
C THR B 502 20.07 2.21 4.75
N SER B 503 19.93 2.69 3.52
CA SER B 503 19.00 2.09 2.56
C SER B 503 19.57 2.09 1.17
N LYS B 504 19.33 1.00 0.44
CA LYS B 504 19.65 0.93 -0.98
C LYS B 504 18.38 1.03 -1.83
N THR B 505 17.29 1.52 -1.26
CA THR B 505 15.99 1.55 -1.94
C THR B 505 15.31 2.93 -2.01
N SER B 506 15.98 3.98 -1.54
CA SER B 506 15.39 5.32 -1.57
C SER B 506 15.13 5.78 -3.00
N PRO B 507 14.01 6.50 -3.22
CA PRO B 507 13.76 7.04 -4.56
C PRO B 507 14.87 7.97 -5.07
N THR B 508 15.52 8.68 -4.15
CA THR B 508 16.54 9.66 -4.51
C THR B 508 17.94 9.08 -4.66
N LEU B 509 18.10 7.78 -4.37
CA LEU B 509 19.39 7.12 -4.53
C LEU B 509 19.78 7.05 -6.00
N ASP B 510 21.03 7.40 -6.30
CA ASP B 510 21.52 7.31 -7.67
C ASP B 510 21.58 5.84 -8.10
N SER B 511 21.32 5.60 -9.38
CA SER B 511 21.39 4.25 -9.93
C SER B 511 22.84 3.85 -10.19
N LEU B 512 23.07 2.54 -10.18
CA LEU B 512 24.32 1.92 -10.56
C LEU B 512 24.13 1.27 -11.92
N PRO B 513 25.23 0.96 -12.63
CA PRO B 513 25.08 0.23 -13.90
C PRO B 513 24.54 -1.19 -13.71
N THR B 514 24.74 -1.76 -12.52
CA THR B 514 24.26 -3.10 -12.21
C THR B 514 24.13 -3.22 -10.68
N ASN B 515 23.43 -4.26 -10.23
CA ASN B 515 23.22 -4.53 -8.80
C ASN B 515 22.42 -3.45 -8.07
N ASN B 516 21.52 -2.78 -8.77
CA ASN B 516 20.53 -1.94 -8.09
C ASN B 516 19.56 -2.84 -7.34
N TYR B 517 19.00 -2.33 -6.25
CA TYR B 517 17.87 -2.99 -5.62
C TYR B 517 16.66 -2.63 -6.48
N GLY B 518 16.30 -3.55 -7.37
CA GLY B 518 15.31 -3.29 -8.40
C GLY B 518 13.89 -3.22 -7.87
N GLY B 519 13.16 -2.21 -8.34
CA GLY B 519 11.77 -2.06 -7.99
C GLY B 519 11.27 -0.64 -8.14
N VAL B 520 10.00 -0.46 -7.79
CA VAL B 520 9.38 0.85 -7.70
C VAL B 520 9.51 1.30 -6.25
N SER B 521 9.80 2.59 -6.05
CA SER B 521 9.90 3.16 -4.72
C SER B 521 8.99 4.38 -4.65
N VAL B 522 8.07 4.36 -3.69
CA VAL B 522 7.09 5.44 -3.53
C VAL B 522 7.04 5.88 -2.08
N SER B 523 7.35 7.15 -1.84
CA SER B 523 7.21 7.76 -0.54
C SER B 523 7.24 9.28 -0.70
N ALA B 524 7.16 9.99 0.40
CA ALA B 524 7.27 11.44 0.35
C ALA B 524 8.65 11.91 -0.17
N GLU B 525 9.63 11.01 -0.14
CA GLU B 525 10.97 11.29 -0.69
C GLU B 525 11.00 11.33 -2.21
N GLY B 526 10.01 10.72 -2.85
CA GLY B 526 9.98 10.66 -4.31
C GLY B 526 9.28 9.44 -4.83
N ILE B 527 9.01 9.46 -6.13
CA ILE B 527 8.42 8.34 -6.85
C ILE B 527 9.42 7.92 -7.90
N SER B 528 9.95 6.70 -7.79
CA SER B 528 10.99 6.25 -8.68
C SER B 528 10.81 4.81 -9.12
N ILE B 529 11.54 4.46 -10.16
CA ILE B 529 11.52 3.09 -10.66
C ILE B 529 12.87 2.78 -11.32
N VAL B 530 13.39 1.59 -11.04
CA VAL B 530 14.72 1.17 -11.47
C VAL B 530 14.71 -0.35 -11.62
N ASN B 531 15.53 -0.86 -12.54
CA ASN B 531 15.77 -2.29 -12.67
C ASN B 531 17.15 -2.64 -12.10
N ALA B 532 17.33 -3.90 -11.71
CA ALA B 532 18.57 -4.32 -11.06
C ALA B 532 19.80 -4.14 -11.94
N GLY B 533 19.72 -4.58 -13.20
CA GLY B 533 20.89 -4.71 -14.06
C GLY B 533 21.14 -3.60 -15.07
N ASN B 534 20.63 -2.40 -14.81
CA ASN B 534 20.78 -1.29 -15.74
C ASN B 534 20.78 0.06 -15.02
N LYS B 535 21.46 1.04 -15.61
CA LYS B 535 21.61 2.39 -15.04
C LYS B 535 20.32 3.22 -15.09
N ALA B 536 19.37 2.85 -15.93
CA ALA B 536 18.15 3.64 -16.08
C ALA B 536 17.37 3.73 -14.77
N LYS B 537 16.96 4.96 -14.43
CA LYS B 537 16.10 5.19 -13.28
C LYS B 537 15.39 6.52 -13.49
N MET B 538 14.07 6.52 -13.32
CA MET B 538 13.30 7.75 -13.36
C MET B 538 12.79 8.07 -11.98
N LEU B 539 12.79 9.36 -11.65
CA LEU B 539 12.37 9.86 -10.36
C LEU B 539 11.48 11.09 -10.57
N MET B 540 10.31 11.10 -9.96
CA MET B 540 9.44 12.29 -9.93
C MET B 540 9.46 12.89 -8.52
N LEU B 541 9.68 14.20 -8.48
CA LEU B 541 9.73 15.01 -7.26
C LEU B 541 8.82 16.20 -7.45
N PRO B 542 8.57 16.99 -6.38
CA PRO B 542 7.73 18.17 -6.56
C PRO B 542 8.23 19.13 -7.64
N SER B 543 9.55 19.17 -7.85
CA SER B 543 10.19 20.07 -8.83
C SER B 543 10.08 19.61 -10.29
N GLY B 544 9.86 18.32 -10.50
CA GLY B 544 9.88 17.75 -11.83
C GLY B 544 10.48 16.36 -11.84
N PHE B 545 11.43 16.12 -12.73
CA PHE B 545 11.94 14.79 -13.00
C PHE B 545 13.45 14.71 -12.95
N LYS B 546 13.94 13.54 -12.54
CA LYS B 546 15.36 13.24 -12.57
C LYS B 546 15.58 11.87 -13.18
N THR B 547 16.67 11.75 -13.93
CA THR B 547 17.03 10.51 -14.62
C THR B 547 18.41 10.04 -14.17
N GLY B 548 18.59 8.73 -14.13
CA GLY B 548 19.85 8.12 -13.71
C GLY B 548 20.84 7.84 -14.83
N ASN B 549 20.39 7.94 -16.09
CA ASN B 549 21.24 7.62 -17.25
C ASN B 549 21.38 8.75 -18.27
N ALA B 550 21.14 9.98 -17.82
CA ALA B 550 21.27 11.20 -18.63
C ALA B 550 20.36 11.23 -19.86
N THR B 551 19.28 10.44 -19.81
CA THR B 551 18.39 10.27 -20.94
C THR B 551 16.95 10.19 -20.44
N ILE B 552 16.02 10.78 -21.20
CA ILE B 552 14.60 10.62 -20.93
C ILE B 552 13.92 10.27 -22.24
N ASP B 553 13.23 9.13 -22.28
CA ASP B 553 12.49 8.71 -23.48
C ASP B 553 11.02 9.14 -23.38
N GLU B 554 10.44 9.44 -24.55
CA GLU B 554 9.00 9.68 -24.69
C GLU B 554 8.51 8.87 -25.90
N THR B 555 7.62 7.92 -25.66
CA THR B 555 7.14 7.06 -26.74
C THR B 555 5.74 6.53 -26.44
N HIS B 556 5.26 5.61 -27.27
CA HIS B 556 3.94 5.00 -27.11
C HIS B 556 4.02 3.81 -26.15
N ILE B 557 2.92 3.53 -25.48
CA ILE B 557 2.83 2.32 -24.66
C ILE B 557 2.92 1.09 -25.56
N SER B 558 2.18 1.13 -26.67
CA SER B 558 2.27 0.07 -27.68
C SER B 558 3.62 0.09 -28.38
N SER B 559 4.26 -1.08 -28.49
CA SER B 559 5.54 -1.19 -29.17
C SER B 559 5.39 -1.18 -30.71
N SER B 560 4.18 -1.39 -31.20
CA SER B 560 3.94 -1.45 -32.66
C SER B 560 3.53 -0.10 -33.26
N THR B 561 3.03 0.82 -32.44
CA THR B 561 2.60 2.13 -32.94
C THR B 561 3.81 2.95 -33.36
N VAL B 562 3.75 3.52 -34.56
CA VAL B 562 4.89 4.26 -35.14
C VAL B 562 4.52 5.66 -35.63
N THR B 563 3.43 6.20 -35.10
CA THR B 563 3.08 7.59 -35.34
C THR B 563 4.01 8.50 -34.52
N PRO B 564 4.10 9.78 -34.90
CA PRO B 564 4.75 10.72 -33.99
C PRO B 564 3.89 10.99 -32.76
N LEU B 565 4.48 11.66 -31.77
CA LEU B 565 3.74 12.17 -30.63
C LEU B 565 3.44 13.63 -30.85
N VAL B 566 2.41 14.13 -30.17
CA VAL B 566 2.17 15.55 -30.07
C VAL B 566 2.22 15.91 -28.60
N LYS B 567 3.01 16.93 -28.27
CA LYS B 567 3.02 17.45 -26.91
C LYS B 567 2.21 18.73 -26.88
N ARG B 568 1.37 18.85 -25.85
CA ARG B 568 0.57 20.04 -25.64
C ARG B 568 1.05 20.73 -24.38
N ARG B 569 1.12 22.05 -24.43
CA ARG B 569 1.68 22.82 -23.33
C ARG B 569 0.90 24.11 -23.17
N VAL B 570 0.54 24.44 -21.93
CA VAL B 570 -0.17 25.70 -21.66
C VAL B 570 0.75 26.87 -21.98
N ILE B 571 0.26 27.82 -22.77
CA ILE B 571 1.04 29.00 -23.13
C ILE B 571 0.32 30.31 -22.91
N GLY B 572 -0.94 30.25 -22.49
CA GLY B 572 -1.75 31.45 -22.29
C GLY B 572 -3.22 31.11 -22.12
N ALA B 573 -4.07 32.06 -22.48
CA ALA B 573 -5.51 31.92 -22.35
C ALA B 573 -6.19 32.20 -23.67
N ASP B 574 -7.35 31.56 -23.89
CA ASP B 574 -8.19 31.91 -25.03
C ASP B 574 -9.03 33.14 -24.66
N SER B 575 -9.90 33.59 -25.57
CA SER B 575 -10.66 34.83 -25.36
C SER B 575 -11.65 34.76 -24.20
N SER B 576 -12.08 33.56 -23.84
CA SER B 576 -12.96 33.36 -22.68
C SER B 576 -12.19 33.31 -21.36
N GLY B 577 -10.85 33.23 -21.44
CA GLY B 577 -10.01 33.18 -20.25
C GLY B 577 -9.63 31.78 -19.82
N ALA B 578 -10.05 30.78 -20.60
CA ALA B 578 -9.68 29.39 -20.33
C ALA B 578 -8.25 29.14 -20.77
N GLN B 579 -7.59 28.16 -20.15
CA GLN B 579 -6.23 27.79 -20.52
C GLN B 579 -6.15 27.38 -21.98
N TYR B 580 -5.14 27.88 -22.68
CA TYR B 580 -4.88 27.44 -24.04
C TYR B 580 -3.64 26.56 -24.06
N LEU B 581 -3.82 25.29 -24.43
CA LEU B 581 -2.72 24.35 -24.59
C LEU B 581 -2.36 24.28 -26.07
N ALA B 582 -1.13 24.66 -26.39
CA ALA B 582 -0.63 24.65 -27.76
C ALA B 582 0.03 23.32 -28.07
N SER B 583 -0.04 22.90 -29.33
CA SER B 583 0.48 21.61 -29.76
C SER B 583 1.78 21.76 -30.55
N ASP B 584 2.74 20.88 -30.29
CA ASP B 584 3.97 20.87 -31.08
C ASP B 584 3.89 19.86 -32.22
N THR B 585 4.95 19.83 -33.01
CA THR B 585 5.13 18.90 -34.11
C THR B 585 6.55 18.39 -34.07
N TYR B 586 6.73 17.07 -34.14
CA TYR B 586 8.06 16.49 -34.23
C TYR B 586 7.91 15.20 -35.04
N THR B 587 8.06 15.34 -36.35
CA THR B 587 8.03 14.22 -37.26
C THR B 587 9.42 14.04 -37.85
N LYS B 588 9.57 13.10 -38.76
CA LYS B 588 10.84 12.94 -39.46
C LYS B 588 11.21 14.16 -40.30
N LEU B 589 10.21 14.95 -40.69
CA LEU B 589 10.41 16.04 -41.64
C LEU B 589 10.13 17.44 -41.09
N SER B 590 9.59 17.55 -39.88
CA SER B 590 9.15 18.85 -39.36
C SER B 590 9.28 18.95 -37.84
N ARG B 591 9.84 20.06 -37.37
CA ARG B 591 9.88 20.39 -35.96
C ARG B 591 9.31 21.80 -35.77
N LYS B 592 8.18 21.88 -35.07
CA LYS B 592 7.47 23.13 -34.84
C LYS B 592 6.87 23.15 -33.45
N TRP B 593 6.55 24.36 -32.98
CA TRP B 593 5.78 24.57 -31.76
C TRP B 593 4.64 25.49 -32.11
N GLY B 594 3.42 25.04 -31.86
CA GLY B 594 2.23 25.80 -32.20
C GLY B 594 2.01 26.97 -31.28
N THR B 595 1.28 27.95 -31.80
CA THR B 595 0.75 29.02 -30.99
C THR B 595 -0.57 29.47 -31.61
N TYR B 596 -1.21 30.45 -30.99
CA TYR B 596 -2.49 30.94 -31.48
C TYR B 596 -2.66 32.38 -31.03
N ASN B 597 -3.18 33.20 -31.93
CA ASN B 597 -3.50 34.58 -31.64
C ASN B 597 -5.01 34.68 -31.49
N HIS B 598 -5.47 34.83 -30.26
CA HIS B 598 -6.90 34.89 -29.98
C HIS B 598 -7.50 36.27 -30.23
N GLY B 599 -6.64 37.26 -30.48
CA GLY B 599 -7.11 38.58 -30.90
C GLY B 599 -7.62 38.56 -32.34
N SER B 600 -6.85 37.96 -33.23
CA SER B 600 -7.21 37.86 -34.65
C SER B 600 -7.74 36.49 -35.06
N ASN B 601 -7.70 35.52 -34.14
CA ASN B 601 -8.14 34.16 -34.39
C ASN B 601 -7.35 33.49 -35.52
N ASN B 602 -6.03 33.49 -35.36
CA ASN B 602 -5.12 32.83 -36.28
C ASN B 602 -4.17 31.91 -35.54
N ALA B 603 -4.04 30.69 -36.04
CA ALA B 603 -2.97 29.82 -35.60
C ALA B 603 -1.61 30.39 -36.01
N GLY B 604 -0.58 29.98 -35.28
CA GLY B 604 0.78 30.34 -35.65
C GLY B 604 1.72 29.22 -35.25
N ALA B 605 3.00 29.43 -35.52
CA ALA B 605 4.00 28.45 -35.15
C ALA B 605 5.40 29.05 -35.11
N PHE B 606 6.23 28.40 -34.29
CA PHE B 606 7.65 28.63 -34.18
C PHE B 606 8.34 27.43 -34.80
N TYR B 607 9.47 27.67 -35.48
CA TYR B 607 10.11 26.67 -36.35
C TYR B 607 11.55 26.40 -35.98
N ALA B 608 11.93 25.12 -36.02
CA ALA B 608 13.34 24.72 -35.97
C ALA B 608 13.67 24.12 -37.34
N PRO B 609 14.24 24.92 -38.25
CA PRO B 609 14.44 24.43 -39.62
C PRO B 609 15.59 23.45 -39.74
N MET B 610 15.60 22.70 -40.82
CA MET B 610 16.80 21.99 -41.22
C MET B 610 17.83 23.01 -41.67
N MET B 611 19.08 22.82 -41.23
CA MET B 611 20.19 23.62 -41.71
C MET B 611 21.21 22.70 -42.39
N LEU B 612 21.80 23.21 -43.45
CA LEU B 612 22.68 22.42 -44.31
C LEU B 612 23.68 23.34 -44.95
N THR B 613 24.96 22.99 -44.87
CA THR B 613 26.02 23.84 -45.38
C THR B 613 26.83 23.14 -46.47
N TYR B 614 27.10 23.90 -47.54
CA TYR B 614 28.01 23.52 -48.60
C TYR B 614 29.39 24.06 -48.27
N ASP B 615 30.43 23.24 -48.49
CA ASP B 615 31.80 23.68 -48.29
C ASP B 615 32.66 22.87 -49.25
N GLN B 616 33.28 23.54 -50.21
CA GLN B 616 34.06 22.83 -51.21
C GLN B 616 35.31 22.18 -50.61
N SER B 617 35.68 22.57 -49.38
CA SER B 617 36.79 21.92 -48.65
C SER B 617 36.40 20.66 -47.88
N PHE B 618 35.10 20.36 -47.78
CA PHE B 618 34.69 19.10 -47.15
C PHE B 618 35.21 17.92 -47.96
N SER B 619 35.63 16.87 -47.27
CA SER B 619 36.02 15.61 -47.90
C SER B 619 34.83 14.91 -48.53
N THR B 620 33.67 14.98 -47.87
CA THR B 620 32.43 14.44 -48.39
C THR B 620 31.33 15.46 -48.14
N PRO B 621 30.32 15.54 -49.02
CA PRO B 621 29.26 16.53 -48.81
C PRO B 621 28.53 16.33 -47.50
N GLN B 622 28.19 17.42 -46.84
CA GLN B 622 27.32 17.36 -45.68
C GLN B 622 25.94 16.92 -46.13
N ASN B 623 25.30 16.07 -45.32
CA ASN B 623 23.95 15.59 -45.61
C ASN B 623 23.06 15.82 -44.39
N ASN B 624 21.91 16.43 -44.62
CA ASN B 624 20.90 16.54 -43.58
C ASN B 624 19.64 15.85 -44.07
N ASN B 625 19.32 14.70 -43.47
CA ASN B 625 18.02 14.09 -43.64
C ASN B 625 17.75 13.63 -45.08
N GLY B 626 18.82 13.33 -45.81
CA GLY B 626 18.71 12.89 -47.21
C GLY B 626 18.86 13.98 -48.24
N TRP B 627 19.17 15.20 -47.81
CA TRP B 627 19.50 16.30 -48.71
C TRP B 627 20.98 16.67 -48.58
N LYS B 628 21.60 16.99 -49.72
CA LYS B 628 22.96 17.53 -49.75
C LYS B 628 23.00 18.66 -50.74
N ILE B 629 24.06 19.46 -50.68
CA ILE B 629 24.27 20.55 -51.63
C ILE B 629 25.42 20.20 -52.55
N VAL B 630 25.18 20.28 -53.86
CA VAL B 630 26.21 20.03 -54.86
C VAL B 630 26.27 21.17 -55.86
N LYS B 631 27.45 21.42 -56.39
CA LYS B 631 27.63 22.38 -57.46
C LYS B 631 27.19 21.77 -58.78
N GLU B 632 26.28 22.45 -59.47
CA GLU B 632 25.83 22.04 -60.80
C GLU B 632 26.68 22.68 -61.89
N SER B 633 26.90 23.98 -61.75
CA SER B 633 27.72 24.74 -62.69
C SER B 633 28.13 26.03 -61.99
N THR B 634 28.86 26.90 -62.68
CA THR B 634 29.32 28.15 -62.07
C THR B 634 28.14 28.91 -61.47
N GLY B 635 28.19 29.11 -60.16
CA GLY B 635 27.18 29.88 -59.45
C GLY B 635 25.84 29.20 -59.23
N VAL B 636 25.72 27.93 -59.61
CA VAL B 636 24.45 27.21 -59.52
C VAL B 636 24.62 25.94 -58.69
N TYR B 637 23.83 25.84 -57.62
CA TYR B 637 23.94 24.77 -56.64
C TYR B 637 22.60 24.10 -56.47
N ARG B 638 22.61 22.78 -56.34
CA ARG B 638 21.38 22.03 -56.08
C ARG B 638 21.36 21.57 -54.64
N VAL B 639 20.31 21.96 -53.93
CA VAL B 639 19.97 21.36 -52.64
C VAL B 639 19.06 20.19 -53.01
N GLU B 640 19.64 19.00 -53.09
CA GLU B 640 19.02 17.88 -53.77
C GLU B 640 18.89 16.63 -52.91
N ARG B 641 17.97 15.75 -53.29
CA ARG B 641 17.77 14.49 -52.62
C ARG B 641 18.81 13.48 -53.07
N VAL B 642 19.38 12.75 -52.11
CA VAL B 642 20.27 11.64 -52.45
C VAL B 642 19.46 10.39 -52.76
N SER B 643 20.13 9.39 -53.34
CA SER B 643 19.47 8.14 -53.70
C SER B 643 18.76 7.53 -52.50
N GLY B 644 17.50 7.17 -52.68
CA GLY B 644 16.72 6.54 -51.63
C GLY B 644 15.86 7.50 -50.83
N ASN B 645 16.17 8.80 -50.91
CA ASN B 645 15.34 9.80 -50.26
C ASN B 645 14.12 10.11 -51.12
N THR B 646 12.98 9.55 -50.74
CA THR B 646 11.72 9.77 -51.46
C THR B 646 10.82 10.77 -50.75
N SER B 647 11.34 11.40 -49.70
CA SER B 647 10.59 12.41 -48.97
C SER B 647 10.55 13.71 -49.76
N VAL B 648 9.56 14.55 -49.48
CA VAL B 648 9.36 15.78 -50.24
C VAL B 648 9.23 16.99 -49.34
N ILE B 649 9.40 18.15 -49.95
CA ILE B 649 9.11 19.45 -49.35
C ILE B 649 7.72 19.86 -49.82
N THR B 650 6.86 20.25 -48.89
CA THR B 650 5.52 20.71 -49.23
C THR B 650 5.34 22.13 -48.70
N ASN B 651 5.31 23.11 -49.61
CA ASN B 651 5.02 24.49 -49.25
C ASN B 651 5.94 25.00 -48.16
N GLY B 652 7.23 24.72 -48.30
CA GLY B 652 8.21 25.02 -47.26
C GLY B 652 8.73 26.44 -47.25
N HIS B 653 9.42 26.77 -46.17
CA HIS B 653 10.08 28.06 -46.01
C HIS B 653 11.55 27.89 -46.35
N ILE B 654 12.15 28.88 -47.01
CA ILE B 654 13.55 28.78 -47.46
C ILE B 654 14.32 30.05 -47.14
N VAL B 655 15.44 29.87 -46.45
CA VAL B 655 16.36 30.94 -46.13
C VAL B 655 17.75 30.52 -46.58
N VAL B 656 18.41 31.34 -47.36
CA VAL B 656 19.80 31.09 -47.73
C VAL B 656 20.69 31.96 -46.84
N GLY B 657 21.77 31.36 -46.37
CA GLY B 657 22.70 32.01 -45.48
C GLY B 657 23.79 32.78 -46.18
N SER B 658 24.88 32.97 -45.46
CA SER B 658 25.92 33.92 -45.80
C SER B 658 27.06 33.27 -46.56
N PRO B 659 27.53 33.88 -47.66
CA PRO B 659 28.62 33.24 -48.41
C PRO B 659 30.02 33.59 -47.90
N LEU B 660 30.86 32.57 -47.84
CA LEU B 660 32.31 32.73 -47.68
C LEU B 660 32.89 32.61 -49.08
N MET B 661 33.42 33.71 -49.60
CA MET B 661 33.91 33.77 -50.99
C MET B 661 35.42 33.55 -51.04
N GLY B 662 35.87 32.88 -52.10
CA GLY B 662 37.30 32.82 -52.45
C GLY B 662 38.16 31.80 -51.72
N SER B 663 37.82 31.54 -50.46
CA SER B 663 38.55 30.58 -49.63
C SER B 663 37.65 30.15 -48.48
N ARG B 664 38.09 29.15 -47.73
CA ARG B 664 37.30 28.66 -46.61
C ARG B 664 37.15 29.73 -45.53
N LEU B 665 38.23 30.48 -45.29
CA LEU B 665 38.20 31.59 -44.35
C LEU B 665 37.32 32.72 -44.87
N GLY B 666 37.34 32.91 -46.19
CA GLY B 666 36.58 33.97 -46.84
C GLY B 666 37.44 35.18 -47.11
N THR B 667 37.20 35.82 -48.25
CA THR B 667 37.86 37.09 -48.59
C THR B 667 37.14 38.27 -47.96
N GLY B 668 35.85 38.08 -47.65
CA GLY B 668 35.01 39.17 -47.16
C GLY B 668 34.12 39.78 -48.24
N THR B 669 34.32 39.38 -49.50
CA THR B 669 33.43 39.84 -50.56
C THR B 669 32.08 39.16 -50.41
N GLY B 670 31.06 39.74 -51.02
CA GLY B 670 29.70 39.23 -50.90
C GLY B 670 29.14 38.72 -52.21
N ALA B 671 27.91 38.27 -52.15
CA ALA B 671 27.21 37.79 -53.34
C ALA B 671 25.71 37.82 -53.06
N THR B 672 24.94 37.80 -54.14
CA THR B 672 23.49 37.91 -54.08
C THR B 672 22.88 36.61 -54.58
N HIS B 673 21.90 36.07 -53.86
CA HIS B 673 21.28 34.81 -54.25
C HIS B 673 19.84 34.94 -54.73
N GLY B 674 19.46 33.97 -55.56
CA GLY B 674 18.06 33.71 -55.87
C GLY B 674 17.88 32.20 -55.86
N ILE B 675 16.64 31.74 -55.83
CA ILE B 675 16.39 30.30 -55.83
C ILE B 675 15.44 29.87 -56.96
N GLN B 676 15.43 28.57 -57.21
CA GLN B 676 14.52 27.93 -58.15
C GLN B 676 14.20 26.56 -57.60
N MET B 677 12.92 26.18 -57.59
CA MET B 677 12.54 24.89 -57.04
C MET B 677 12.87 23.76 -58.00
N ILE B 678 13.12 22.58 -57.42
CA ILE B 678 13.28 21.34 -58.18
C ILE B 678 12.02 20.53 -57.93
N GLU B 679 11.30 20.21 -59.01
CA GLU B 679 10.04 19.49 -58.88
C GLU B 679 10.24 17.99 -58.75
N THR B 680 9.26 17.32 -58.16
CA THR B 680 9.25 15.84 -58.08
C THR B 680 8.67 15.22 -59.34
N TYR B 681 7.68 15.89 -59.92
CA TYR B 681 7.09 15.56 -61.21
C TYR B 681 6.68 16.88 -61.86
N ALA B 682 6.46 16.86 -63.17
CA ALA B 682 6.13 18.09 -63.91
C ALA B 682 4.92 18.79 -63.30
N GLY B 683 5.13 20.02 -62.83
CA GLY B 683 4.07 20.83 -62.23
C GLY B 683 3.85 20.65 -60.73
N SER B 684 4.64 19.77 -60.10
CA SER B 684 4.42 19.45 -58.69
C SER B 684 4.46 20.69 -57.80
N TRP B 685 5.40 21.58 -58.08
CA TRP B 685 5.55 22.79 -57.28
C TRP B 685 4.57 23.86 -57.74
N THR B 686 4.58 24.15 -59.03
CA THR B 686 3.72 25.17 -59.61
C THR B 686 2.26 24.98 -59.19
N SER B 687 1.77 23.74 -59.27
CA SER B 687 0.37 23.44 -58.99
C SER B 687 0.10 23.02 -57.54
N TYR B 688 1.01 22.28 -56.93
CA TYR B 688 0.73 21.65 -55.63
C TYR B 688 1.73 21.98 -54.53
N THR B 689 2.62 22.92 -54.79
CA THR B 689 3.72 23.29 -53.87
C THR B 689 4.48 22.08 -53.30
N GLU B 690 4.69 21.06 -54.12
CA GLU B 690 5.54 19.95 -53.77
C GLU B 690 6.86 20.07 -54.52
N ALA B 691 7.97 19.91 -53.79
CA ALA B 691 9.30 19.97 -54.40
C ALA B 691 10.20 18.87 -53.86
N ALA B 692 11.15 18.46 -54.70
CA ALA B 692 12.22 17.54 -54.31
C ALA B 692 13.32 18.30 -53.58
N GLY B 693 13.51 19.56 -53.97
CA GLY B 693 14.58 20.38 -53.42
C GLY B 693 14.56 21.74 -54.09
N PHE B 694 15.69 22.41 -54.12
CA PHE B 694 15.79 23.72 -54.75
C PHE B 694 17.22 24.02 -55.17
N LYS B 695 17.35 24.90 -56.15
CA LYS B 695 18.63 25.41 -56.59
C LYS B 695 18.88 26.78 -55.99
N VAL B 696 20.15 27.06 -55.70
CA VAL B 696 20.61 28.36 -55.26
C VAL B 696 21.55 28.91 -56.32
N PHE B 697 21.27 30.12 -56.77
CA PHE B 697 22.08 30.83 -57.77
C PHE B 697 22.77 31.98 -57.06
N TRP B 698 24.10 32.08 -57.24
CA TRP B 698 24.89 33.14 -56.61
C TRP B 698 25.51 34.04 -57.67
N ARG B 699 25.39 35.35 -57.48
CA ARG B 699 25.95 36.34 -58.41
C ARG B 699 26.69 37.47 -57.70
N ASP B 700 27.71 38.01 -58.38
CA ASP B 700 28.47 39.15 -57.85
C ASP B 700 27.74 40.47 -58.14
N SER B 701 28.37 41.59 -57.77
CA SER B 701 27.75 42.91 -57.93
C SER B 701 27.53 43.34 -59.38
N SER B 702 28.21 42.68 -60.32
CA SER B 702 27.98 42.91 -61.75
C SER B 702 26.96 41.91 -62.32
N ASN B 703 26.30 41.16 -61.43
CA ASN B 703 25.26 40.19 -61.79
C ASN B 703 25.80 38.97 -62.56
N ALA B 704 27.07 38.67 -62.38
CA ALA B 704 27.70 37.48 -62.99
C ALA B 704 27.71 36.33 -61.98
N LEU B 705 27.44 35.13 -62.48
CA LEU B 705 27.44 33.93 -61.64
C LEU B 705 28.82 33.72 -61.00
N VAL B 706 28.82 33.40 -59.71
CA VAL B 706 30.05 33.23 -58.93
C VAL B 706 29.89 32.07 -57.95
N ASP B 707 31.03 31.45 -57.60
CA ASP B 707 31.04 30.29 -56.72
C ASP B 707 31.56 30.61 -55.33
N PRO B 708 30.67 30.61 -54.33
CA PRO B 708 31.17 30.69 -52.95
C PRO B 708 31.98 29.45 -52.61
N HIS B 709 32.91 29.59 -51.68
CA HIS B 709 33.61 28.45 -51.13
C HIS B 709 32.71 27.66 -50.17
N ARG B 710 31.90 28.38 -49.40
CA ARG B 710 31.06 27.78 -48.38
C ARG B 710 29.85 28.66 -48.16
N PHE B 711 28.69 28.04 -48.01
CA PHE B 711 27.47 28.76 -47.63
C PHE B 711 26.46 27.83 -46.99
N THR B 712 25.56 28.42 -46.22
CA THR B 712 24.54 27.72 -45.46
C THR B 712 23.18 27.94 -46.13
N VAL B 713 22.31 26.94 -46.02
CA VAL B 713 20.88 27.11 -46.28
C VAL B 713 20.09 26.62 -45.07
N ALA B 714 18.91 27.19 -44.89
CA ALA B 714 17.97 26.72 -43.88
C ALA B 714 16.62 26.59 -44.56
N PHE B 715 15.95 25.47 -44.33
CA PHE B 715 14.65 25.25 -44.95
C PHE B 715 13.77 24.33 -44.13
N THR B 716 12.47 24.40 -44.39
CA THR B 716 11.51 23.51 -43.76
C THR B 716 10.83 22.66 -44.84
N ALA B 717 10.39 21.48 -44.44
CA ALA B 717 9.75 20.54 -45.36
C ALA B 717 8.23 20.68 -45.34
N THR B 718 7.71 21.50 -44.42
CA THR B 718 6.30 21.86 -44.41
C THR B 718 6.18 23.35 -44.15
N SER B 719 4.97 23.88 -44.37
CA SER B 719 4.68 25.27 -44.03
C SER B 719 4.59 25.45 -42.53
N THR C 173 -26.21 -53.51 57.69
CA THR C 173 -25.23 -52.89 58.65
C THR C 173 -23.81 -52.72 58.08
N GLN C 174 -23.38 -53.64 57.22
CA GLN C 174 -22.01 -53.64 56.70
C GLN C 174 -21.81 -52.86 55.38
N TYR C 175 -22.83 -52.14 54.97
CA TYR C 175 -22.71 -51.20 53.85
C TYR C 175 -23.76 -50.12 54.00
N TYR C 176 -23.65 -49.08 53.19
CA TYR C 176 -24.56 -47.95 53.27
C TYR C 176 -25.51 -47.91 52.07
N LEU C 177 -26.80 -48.03 52.39
CA LEU C 177 -27.87 -48.01 51.41
C LEU C 177 -29.21 -47.98 52.15
N LYS C 178 -29.94 -46.89 51.97
CA LYS C 178 -31.29 -46.77 52.51
C LYS C 178 -32.16 -46.09 51.47
N TYR C 179 -33.25 -46.73 51.10
CA TYR C 179 -34.21 -46.15 50.18
C TYR C 179 -35.30 -45.43 50.97
N PHE C 180 -36.13 -44.66 50.26
CA PHE C 180 -37.22 -43.93 50.90
C PHE C 180 -38.19 -44.88 51.59
N ASN C 181 -38.64 -44.48 52.77
CA ASN C 181 -39.60 -45.23 53.57
C ASN C 181 -40.69 -44.26 54.03
N PRO C 182 -41.95 -44.49 53.62
CA PRO C 182 -43.02 -43.54 53.94
C PRO C 182 -43.35 -43.41 55.43
N GLU C 183 -42.89 -44.35 56.26
CA GLU C 183 -43.12 -44.32 57.70
C GLU C 183 -42.15 -43.40 58.45
N ILE C 184 -41.10 -42.95 57.75
CA ILE C 184 -40.00 -42.23 58.38
C ILE C 184 -40.12 -40.72 58.21
N VAL C 185 -39.73 -39.98 59.24
CA VAL C 185 -39.62 -38.53 59.17
C VAL C 185 -38.14 -38.19 59.06
N TYR C 186 -37.74 -37.60 57.94
CA TYR C 186 -36.33 -37.31 57.68
C TYR C 186 -35.97 -35.91 58.17
N PRO C 187 -34.99 -35.82 59.10
CA PRO C 187 -34.59 -34.50 59.57
C PRO C 187 -33.78 -33.74 58.52
N LYS C 188 -33.58 -32.45 58.75
CA LYS C 188 -32.74 -31.65 57.86
C LYS C 188 -31.36 -32.28 57.79
N ASN C 189 -30.81 -32.33 56.58
CA ASN C 189 -29.48 -32.92 56.30
C ASN C 189 -29.44 -34.45 56.25
N ALA C 190 -30.57 -35.12 56.47
CA ALA C 190 -30.60 -36.58 56.35
C ALA C 190 -30.33 -36.99 54.91
N ARG C 191 -29.58 -38.07 54.74
CA ARG C 191 -29.28 -38.61 53.41
C ARG C 191 -29.86 -40.00 53.22
N ILE C 192 -30.50 -40.19 52.07
CA ILE C 192 -30.98 -41.50 51.64
C ILE C 192 -30.72 -41.63 50.14
N MET C 193 -31.02 -42.80 49.59
CA MET C 193 -30.85 -43.04 48.17
C MET C 193 -32.20 -43.02 47.46
N LEU C 194 -32.22 -42.37 46.31
CA LEU C 194 -33.29 -42.56 45.34
C LEU C 194 -33.29 -44.01 44.87
N ASP C 195 -34.39 -44.45 44.28
CA ASP C 195 -34.49 -45.84 43.79
C ASP C 195 -33.41 -46.18 42.77
N ASN C 196 -32.92 -45.16 42.04
CA ASN C 196 -31.80 -45.35 41.10
C ASN C 196 -30.42 -45.38 41.75
N GLY C 197 -30.36 -45.19 43.06
CA GLY C 197 -29.10 -45.27 43.81
C GLY C 197 -28.42 -43.95 44.12
N ASP C 198 -28.86 -42.87 43.48
CA ASP C 198 -28.28 -41.55 43.72
C ASP C 198 -28.69 -41.03 45.09
N ILE C 199 -27.74 -40.43 45.82
CA ILE C 199 -28.02 -39.93 47.15
C ILE C 199 -28.69 -38.55 47.11
N VAL C 200 -29.71 -38.38 47.94
CA VAL C 200 -30.35 -37.07 48.13
C VAL C 200 -30.24 -36.66 49.58
N ARG C 201 -30.19 -35.35 49.79
CA ARG C 201 -30.02 -34.75 51.10
C ARG C 201 -31.23 -33.88 51.39
N SER C 202 -31.83 -34.05 52.57
CA SER C 202 -32.97 -33.22 52.95
C SER C 202 -32.52 -31.81 53.30
N THR C 203 -33.21 -30.82 52.72
CA THR C 203 -32.90 -29.41 52.98
C THR C 203 -33.89 -28.78 53.94
N VAL C 204 -34.84 -29.57 54.43
CA VAL C 204 -35.89 -29.09 55.35
C VAL C 204 -36.08 -30.02 56.52
N VAL C 205 -36.58 -29.47 57.62
CA VAL C 205 -36.97 -30.25 58.80
C VAL C 205 -38.26 -31.01 58.53
N ASN C 206 -38.49 -32.09 59.28
CA ASN C 206 -39.73 -32.86 59.20
C ASN C 206 -40.08 -33.30 57.77
N ASN C 207 -39.09 -33.77 57.03
CA ASN C 207 -39.31 -34.13 55.63
C ASN C 207 -39.99 -35.48 55.49
N THR C 208 -41.20 -35.48 54.92
CA THR C 208 -41.97 -36.71 54.69
C THR C 208 -42.33 -36.87 53.22
N SER C 209 -41.67 -36.10 52.35
CA SER C 209 -41.93 -36.17 50.91
C SER C 209 -41.02 -37.20 50.27
N ASN C 210 -41.58 -37.96 49.34
CA ASN C 210 -40.83 -38.99 48.62
C ASN C 210 -40.01 -38.35 47.49
N PRO C 211 -38.67 -38.34 47.62
CA PRO C 211 -37.84 -37.67 46.62
C PRO C 211 -37.88 -38.31 45.23
N ASN C 212 -38.31 -39.56 45.15
CA ASN C 212 -38.49 -40.26 43.87
C ASN C 212 -39.59 -39.67 43.00
N VAL C 213 -40.59 -39.07 43.64
CA VAL C 213 -41.71 -38.43 42.92
C VAL C 213 -41.79 -36.91 43.16
N ASP C 214 -41.13 -36.43 44.22
CA ASP C 214 -41.19 -35.02 44.59
C ASP C 214 -39.88 -34.56 45.25
N MET C 215 -39.07 -33.81 44.51
CA MET C 215 -37.77 -33.35 44.99
C MET C 215 -37.82 -32.07 45.83
N THR C 216 -39.02 -31.54 46.07
CA THR C 216 -39.17 -30.42 47.00
C THR C 216 -38.63 -30.84 48.37
N GLY C 217 -37.73 -30.04 48.92
CA GLY C 217 -37.12 -30.32 50.21
C GLY C 217 -35.92 -31.26 50.15
N TRP C 218 -35.49 -31.60 48.93
CA TRP C 218 -34.33 -32.48 48.72
C TRP C 218 -33.39 -31.90 47.68
N VAL C 219 -32.11 -32.28 47.75
CA VAL C 219 -31.15 -31.97 46.70
C VAL C 219 -30.30 -33.20 46.40
N LYS C 220 -29.90 -33.36 45.15
CA LYS C 220 -29.00 -34.43 44.74
C LYS C 220 -27.57 -34.04 45.08
N VAL C 221 -26.89 -34.86 45.88
CA VAL C 221 -25.55 -34.51 46.38
C VAL C 221 -24.46 -34.64 45.31
N SER C 222 -24.72 -35.40 44.24
CA SER C 222 -23.75 -35.56 43.16
C SER C 222 -23.91 -34.49 42.06
N SER C 223 -24.79 -33.52 42.29
CA SER C 223 -24.95 -32.42 41.35
C SER C 223 -23.91 -31.33 41.61
N VAL C 224 -23.46 -30.69 40.53
CA VAL C 224 -22.41 -29.66 40.63
C VAL C 224 -22.88 -28.39 41.35
N SER C 225 -24.19 -28.24 41.54
CA SER C 225 -24.74 -27.19 42.39
C SER C 225 -24.48 -27.46 43.88
N GLN C 226 -24.06 -28.68 44.20
CA GLN C 226 -23.76 -29.10 45.57
C GLN C 226 -22.27 -29.39 45.78
N ILE C 227 -21.46 -29.04 44.79
CA ILE C 227 -20.01 -29.22 44.82
C ILE C 227 -19.38 -27.83 44.80
N PHE C 228 -18.37 -27.61 45.63
CA PHE C 228 -17.80 -26.27 45.81
C PHE C 228 -16.30 -26.24 45.55
N ASP C 229 -15.84 -25.15 44.94
CA ASP C 229 -14.41 -24.86 44.87
C ASP C 229 -14.09 -23.88 45.98
N GLU C 230 -13.43 -24.39 47.03
CA GLU C 230 -13.15 -23.59 48.24
C GLU C 230 -12.24 -22.40 47.98
N THR C 231 -11.44 -22.49 46.91
CA THR C 231 -10.58 -21.38 46.50
C THR C 231 -11.40 -20.10 46.23
N TYR C 232 -12.61 -20.27 45.68
CA TYR C 232 -13.50 -19.16 45.34
C TYR C 232 -14.77 -19.09 46.18
N ASN C 233 -15.05 -20.14 46.95
CA ASN C 233 -16.31 -20.29 47.67
C ASN C 233 -17.51 -20.12 46.74
N ILE C 234 -17.47 -20.81 45.62
CA ILE C 234 -18.58 -20.85 44.67
C ILE C 234 -18.79 -22.29 44.26
N THR C 235 -19.96 -22.57 43.69
CA THR C 235 -20.26 -23.92 43.22
C THR C 235 -19.57 -24.21 41.89
N GLN C 236 -19.37 -25.49 41.63
CA GLN C 236 -18.87 -25.93 40.33
C GLN C 236 -19.84 -25.52 39.21
N SER C 237 -21.14 -25.46 39.53
CA SER C 237 -22.15 -24.99 38.58
C SER C 237 -21.79 -23.63 38.00
N VAL C 238 -21.34 -22.71 38.85
CA VAL C 238 -20.93 -21.37 38.41
C VAL C 238 -19.69 -21.45 37.52
N ILE C 239 -18.70 -22.24 37.94
CA ILE C 239 -17.47 -22.41 37.17
C ILE C 239 -17.77 -22.99 35.78
N ASN C 240 -18.76 -23.87 35.71
CA ASN C 240 -19.19 -24.44 34.42
C ASN C 240 -19.88 -23.46 33.48
N GLY C 241 -20.10 -22.22 33.94
CA GLY C 241 -20.58 -21.14 33.09
C GLY C 241 -19.46 -20.38 32.39
N ASN C 242 -18.20 -20.71 32.68
CA ASN C 242 -17.07 -20.00 32.07
C ASN C 242 -16.92 -20.27 30.59
N LEU C 243 -17.10 -21.52 30.18
CA LEU C 243 -17.00 -21.92 28.79
C LEU C 243 -18.02 -23.01 28.52
N ILE C 244 -18.93 -22.74 27.57
CA ILE C 244 -19.96 -23.68 27.17
C ILE C 244 -19.74 -24.01 25.69
N THR C 245 -19.77 -25.29 25.34
CA THR C 245 -19.58 -25.71 23.95
C THR C 245 -20.73 -26.61 23.52
N VAL C 246 -20.70 -27.05 22.26
CA VAL C 246 -21.69 -28.00 21.76
C VAL C 246 -21.63 -29.33 22.54
N ASP C 247 -20.49 -29.65 23.15
CA ASP C 247 -20.38 -30.85 23.98
C ASP C 247 -21.35 -30.81 25.17
N ASN C 248 -21.63 -29.61 25.69
CA ASN C 248 -22.62 -29.45 26.76
C ASN C 248 -24.00 -29.93 26.37
N PHE C 249 -24.29 -29.94 25.06
CA PHE C 249 -25.61 -30.27 24.55
C PHE C 249 -25.64 -31.64 23.86
N GLY C 250 -24.62 -32.46 24.14
CA GLY C 250 -24.60 -33.85 23.70
C GLY C 250 -23.87 -34.15 22.40
N ALA C 251 -23.16 -33.17 21.85
CA ALA C 251 -22.37 -33.39 20.65
C ALA C 251 -21.25 -34.38 20.96
N LYS C 252 -21.03 -35.34 20.06
CA LYS C 252 -20.02 -36.38 20.27
C LYS C 252 -18.67 -36.08 19.62
N GLY C 253 -18.68 -35.38 18.49
CA GLY C 253 -17.45 -35.08 17.76
C GLY C 253 -16.61 -36.32 17.51
N ASP C 254 -17.28 -37.40 17.10
CA ASP C 254 -16.64 -38.71 17.00
C ASP C 254 -16.43 -39.19 15.56
N GLY C 255 -16.70 -38.30 14.60
CA GLY C 255 -16.53 -38.63 13.18
C GLY C 255 -17.60 -39.52 12.57
N VAL C 256 -18.64 -39.84 13.34
CA VAL C 256 -19.71 -40.74 12.89
C VAL C 256 -21.10 -40.21 13.24
N THR C 257 -21.31 -39.88 14.52
CA THR C 257 -22.62 -39.48 15.03
C THR C 257 -23.02 -38.09 14.51
N ASP C 258 -24.27 -37.97 14.05
CA ASP C 258 -24.80 -36.67 13.65
C ASP C 258 -24.99 -35.79 14.88
N ASP C 259 -24.26 -34.67 14.92
CA ASP C 259 -24.35 -33.73 16.03
C ASP C 259 -25.25 -32.52 15.74
N SER C 260 -25.95 -32.53 14.62
CA SER C 260 -26.75 -31.37 14.21
C SER C 260 -27.76 -30.94 15.28
N ALA C 261 -28.44 -31.89 15.91
CA ALA C 261 -29.42 -31.58 16.96
C ALA C 261 -28.75 -30.91 18.17
N ALA C 262 -27.56 -31.39 18.53
CA ALA C 262 -26.80 -30.79 19.63
C ALA C 262 -26.38 -29.36 19.31
N PHE C 263 -25.94 -29.13 18.08
CA PHE C 263 -25.58 -27.80 17.62
C PHE C 263 -26.80 -26.87 17.69
N GLN C 264 -27.95 -27.37 17.23
CA GLN C 264 -29.17 -26.57 17.26
C GLN C 264 -29.62 -26.26 18.69
N ALA C 265 -29.51 -27.26 19.58
CA ALA C 265 -29.85 -27.08 20.99
C ALA C 265 -28.97 -25.98 21.61
N TYR C 266 -27.69 -25.99 21.27
CA TYR C 266 -26.78 -24.94 21.72
C TYR C 266 -27.30 -23.55 21.31
N CYS C 267 -27.65 -23.41 20.05
CA CYS C 267 -28.09 -22.12 19.51
C CYS C 267 -29.46 -21.69 20.03
N ASP C 268 -30.29 -22.66 20.45
CA ASP C 268 -31.61 -22.37 21.01
C ASP C 268 -31.58 -22.14 22.53
N SER C 269 -30.44 -22.44 23.17
CA SER C 269 -30.33 -22.38 24.63
C SER C 269 -30.26 -20.96 25.17
N ALA C 270 -30.88 -20.76 26.33
CA ALA C 270 -30.82 -19.48 27.06
C ALA C 270 -29.47 -19.25 27.74
N LEU C 271 -28.63 -20.28 27.79
CA LEU C 271 -27.40 -20.24 28.57
C LEU C 271 -26.17 -19.82 27.77
N THR C 272 -26.27 -19.88 26.45
CA THR C 272 -25.10 -19.68 25.58
C THR C 272 -24.93 -18.22 25.15
N GLY C 273 -23.68 -17.84 24.89
CA GLY C 273 -23.33 -16.45 24.57
C GLY C 273 -23.40 -16.11 23.10
N GLN C 274 -22.58 -15.14 22.69
CA GLN C 274 -22.59 -14.62 21.33
C GLN C 274 -22.27 -15.65 20.27
N ASN C 275 -21.36 -16.58 20.60
CA ASN C 275 -20.84 -17.53 19.62
C ASN C 275 -21.09 -18.97 20.02
N LEU C 276 -21.14 -19.84 19.01
CA LEU C 276 -21.09 -21.28 19.20
C LEU C 276 -19.64 -21.71 19.26
N TYR C 277 -19.31 -22.56 20.24
CA TYR C 277 -17.96 -23.08 20.42
C TYR C 277 -17.93 -24.60 20.30
N LEU C 278 -16.83 -25.10 19.74
CA LEU C 278 -16.58 -26.54 19.71
C LEU C 278 -15.79 -26.93 20.96
N GLY C 279 -15.88 -28.21 21.33
CA GLY C 279 -15.07 -28.77 22.40
C GLY C 279 -13.61 -28.90 21.98
N ALA C 280 -12.75 -29.30 22.93
CA ALA C 280 -11.31 -29.31 22.70
C ALA C 280 -10.90 -30.18 21.51
N LYS C 281 -11.41 -31.40 21.48
CA LYS C 281 -11.10 -32.34 20.41
C LYS C 281 -12.39 -32.88 19.82
N GLY C 282 -12.48 -32.90 18.51
CA GLY C 282 -13.62 -33.55 17.87
C GLY C 282 -13.78 -33.27 16.40
N ARG C 283 -14.16 -34.32 15.67
CA ARG C 283 -14.57 -34.22 14.29
C ARG C 283 -16.09 -34.30 14.29
N TYR C 284 -16.72 -33.14 14.21
CA TYR C 284 -18.16 -33.01 14.44
C TYR C 284 -18.94 -33.19 13.14
N ILE C 285 -19.67 -34.30 13.04
CA ILE C 285 -20.47 -34.61 11.86
C ILE C 285 -21.79 -33.85 11.90
N LEU C 286 -22.14 -33.22 10.78
CA LEU C 286 -23.42 -32.56 10.61
C LEU C 286 -24.12 -33.12 9.39
N LYS C 287 -25.30 -33.70 9.60
CA LYS C 287 -26.11 -34.26 8.51
C LYS C 287 -27.36 -33.44 8.21
N ASN C 288 -27.59 -32.39 9.01
CA ASN C 288 -28.74 -31.51 8.84
C ASN C 288 -28.31 -30.06 9.01
N GLN C 289 -29.05 -29.16 8.36
CA GLN C 289 -28.78 -27.73 8.45
C GLN C 289 -28.89 -27.25 9.89
N VAL C 290 -27.97 -26.38 10.30
CA VAL C 290 -28.02 -25.75 11.61
C VAL C 290 -28.33 -24.27 11.43
N ASP C 291 -29.33 -23.79 12.17
CA ASP C 291 -29.67 -22.38 12.21
C ASP C 291 -28.95 -21.78 13.42
N LEU C 292 -27.93 -20.96 13.15
CA LEU C 292 -27.12 -20.38 14.21
C LEU C 292 -27.86 -19.35 15.05
N LYS C 293 -29.02 -18.89 14.58
CA LYS C 293 -29.86 -17.97 15.34
C LYS C 293 -29.11 -16.70 15.72
N GLY C 294 -28.23 -16.23 14.83
CA GLY C 294 -27.48 -15.00 15.05
C GLY C 294 -26.19 -15.18 15.84
N LYS C 295 -25.90 -16.40 16.26
CA LYS C 295 -24.64 -16.67 16.93
C LYS C 295 -23.52 -16.80 15.90
N GLY C 296 -22.36 -16.28 16.24
CA GLY C 296 -21.16 -16.51 15.45
C GLY C 296 -20.65 -17.92 15.67
N LEU C 297 -19.54 -18.23 15.02
CA LEU C 297 -18.98 -19.58 15.02
C LEU C 297 -17.49 -19.52 15.35
N VAL C 298 -17.12 -20.19 16.44
CA VAL C 298 -15.72 -20.31 16.86
C VAL C 298 -15.37 -21.79 16.93
N GLY C 299 -14.37 -22.20 16.15
CA GLY C 299 -13.97 -23.59 16.10
C GLY C 299 -12.97 -23.95 17.18
N ASN C 300 -12.32 -25.09 16.99
CA ASN C 300 -11.29 -25.57 17.91
C ASN C 300 -9.93 -25.66 17.23
N GLY C 301 -9.70 -24.77 16.28
CA GLY C 301 -8.41 -24.67 15.62
C GLY C 301 -8.52 -24.43 14.13
N CYS C 302 -7.53 -23.70 13.61
CA CYS C 302 -7.40 -23.44 12.20
C CYS C 302 -6.26 -24.33 11.70
N GLY C 303 -6.62 -25.45 11.09
CA GLY C 303 -5.65 -26.48 10.73
C GLY C 303 -5.19 -26.43 9.29
N LYS C 304 -4.23 -27.27 8.96
CA LYS C 304 -3.85 -27.47 7.57
C LYS C 304 -4.90 -28.33 6.91
N VAL C 305 -4.81 -28.46 5.59
CA VAL C 305 -5.78 -29.22 4.82
C VAL C 305 -5.32 -30.68 4.78
N SER C 306 -5.60 -31.40 5.86
CA SER C 306 -5.20 -32.80 5.99
C SER C 306 -6.04 -33.52 7.05
N GLU C 307 -6.15 -34.83 6.89
CA GLU C 307 -6.91 -35.67 7.82
C GLU C 307 -6.40 -35.55 9.26
N PHE C 308 -5.10 -35.34 9.42
CA PHE C 308 -4.51 -35.17 10.74
C PHE C 308 -5.25 -34.09 11.53
N TYR C 309 -5.52 -32.95 10.89
CA TYR C 309 -6.19 -31.84 11.58
C TYR C 309 -7.71 -32.03 11.64
N TYR C 310 -8.31 -32.67 10.63
CA TYR C 310 -9.75 -32.95 10.67
C TYR C 310 -10.10 -33.85 11.87
N ASN C 311 -9.24 -34.83 12.14
CA ASN C 311 -9.46 -35.76 13.24
C ASN C 311 -9.30 -35.12 14.61
N LEU C 312 -8.46 -34.10 14.70
CA LEU C 312 -8.26 -33.39 15.97
C LEU C 312 -9.36 -32.36 16.22
N GLY C 313 -9.77 -31.63 15.19
CA GLY C 313 -10.77 -30.59 15.36
C GLY C 313 -11.30 -30.01 14.08
N CYS C 314 -12.56 -30.31 13.78
CA CYS C 314 -13.24 -29.67 12.66
C CYS C 314 -14.74 -29.90 12.72
N ILE C 315 -15.45 -29.12 11.90
CA ILE C 315 -16.81 -29.43 11.53
C ILE C 315 -16.74 -30.19 10.21
N ASP C 316 -17.43 -31.32 10.14
CA ASP C 316 -17.42 -32.17 8.95
C ASP C 316 -18.86 -32.34 8.49
N VAL C 317 -19.24 -31.56 7.49
CA VAL C 317 -20.61 -31.57 6.95
C VAL C 317 -20.77 -32.76 6.02
N ASP C 318 -21.81 -33.55 6.24
CA ASP C 318 -22.09 -34.73 5.41
C ASP C 318 -22.80 -34.30 4.13
N GLY C 319 -22.01 -34.13 3.07
CA GLY C 319 -22.52 -33.72 1.77
C GLY C 319 -23.40 -34.75 1.08
N SER C 320 -23.37 -36.00 1.56
CA SER C 320 -24.23 -37.06 1.02
C SER C 320 -25.63 -37.06 1.63
N SER C 321 -25.85 -36.26 2.67
CA SER C 321 -27.15 -36.17 3.33
C SER C 321 -28.18 -35.49 2.42
N PRO C 322 -29.28 -36.20 2.07
CA PRO C 322 -30.29 -35.60 1.19
C PRO C 322 -30.85 -34.27 1.69
N ASP C 323 -30.93 -34.12 3.01
CA ASP C 323 -31.47 -32.90 3.63
C ASP C 323 -30.58 -31.66 3.44
N LEU C 324 -29.33 -31.87 3.02
CA LEU C 324 -28.41 -30.75 2.79
C LEU C 324 -28.19 -30.41 1.31
N GLN C 325 -28.68 -31.26 0.41
CA GLN C 325 -28.49 -31.03 -1.04
C GLN C 325 -29.03 -29.66 -1.45
N GLY C 326 -28.18 -28.86 -2.10
CA GLY C 326 -28.58 -27.55 -2.61
C GLY C 326 -28.79 -26.49 -1.55
N LYS C 327 -28.35 -26.75 -0.32
CA LYS C 327 -28.56 -25.83 0.80
C LYS C 327 -27.23 -25.43 1.42
N THR C 328 -27.29 -24.44 2.30
CA THR C 328 -26.13 -24.03 3.10
C THR C 328 -26.21 -24.73 4.46
N ALA C 329 -25.09 -25.29 4.92
CA ALA C 329 -25.06 -26.07 6.15
C ALA C 329 -25.38 -25.25 7.39
N PHE C 330 -24.84 -24.03 7.45
CA PHE C 330 -25.10 -23.10 8.54
C PHE C 330 -25.76 -21.84 8.01
N ILE C 331 -26.88 -21.45 8.61
CA ILE C 331 -27.55 -20.20 8.25
C ILE C 331 -27.61 -19.25 9.44
N ASN C 332 -27.82 -17.97 9.15
CA ASN C 332 -27.96 -16.91 10.16
C ASN C 332 -26.77 -16.79 11.10
N CYS C 333 -25.58 -16.88 10.53
CA CYS C 333 -24.36 -16.72 11.31
C CYS C 333 -24.29 -15.29 11.83
N GLY C 334 -23.78 -15.13 13.04
CA GLY C 334 -23.48 -13.83 13.61
C GLY C 334 -22.24 -13.21 12.98
N PRO C 335 -21.71 -12.14 13.61
CA PRO C 335 -20.60 -11.37 13.02
C PRO C 335 -19.21 -11.99 13.15
N THR C 336 -19.11 -13.21 13.66
CA THR C 336 -17.84 -13.86 13.91
C THR C 336 -17.79 -15.24 13.26
N ILE C 337 -16.74 -15.49 12.50
CA ILE C 337 -16.33 -16.85 12.14
C ILE C 337 -14.82 -16.90 12.36
N GLN C 338 -14.36 -17.72 13.29
CA GLN C 338 -12.93 -17.74 13.60
C GLN C 338 -12.42 -19.05 14.17
N ASN C 339 -11.12 -19.27 13.99
CA ASN C 339 -10.41 -20.37 14.64
C ASN C 339 -11.04 -21.70 14.27
N LEU C 340 -11.29 -21.89 12.98
CA LEU C 340 -12.18 -22.95 12.52
C LEU C 340 -11.62 -23.73 11.34
N THR C 341 -11.81 -25.04 11.40
CA THR C 341 -11.57 -25.94 10.27
C THR C 341 -12.91 -26.58 9.96
N ALA C 342 -13.34 -26.51 8.70
CA ALA C 342 -14.61 -27.10 8.31
C ALA C 342 -14.53 -27.68 6.91
N ARG C 343 -14.99 -28.91 6.75
CA ARG C 343 -15.01 -29.59 5.47
C ARG C 343 -16.39 -30.13 5.15
N CYS C 344 -16.58 -30.43 3.86
CA CYS C 344 -17.74 -31.17 3.41
C CYS C 344 -17.24 -32.50 2.83
N SER C 345 -17.75 -33.59 3.38
CA SER C 345 -17.39 -34.94 2.92
C SER C 345 -18.48 -35.49 2.01
N ASN C 346 -18.05 -36.13 0.92
CA ASN C 346 -18.97 -36.84 0.01
C ASN C 346 -20.08 -35.95 -0.55
N GLY C 347 -19.74 -34.71 -0.88
CA GLY C 347 -20.72 -33.74 -1.38
C GLY C 347 -20.55 -33.36 -2.84
N ALA C 348 -19.69 -34.06 -3.56
CA ALA C 348 -19.45 -33.76 -4.98
C ALA C 348 -20.75 -33.78 -5.77
N GLY C 349 -21.05 -32.67 -6.44
CA GLY C 349 -22.26 -32.55 -7.26
C GLY C 349 -23.54 -32.25 -6.50
N LYS C 350 -23.47 -32.18 -5.17
CA LYS C 350 -24.65 -32.00 -4.33
C LYS C 350 -24.91 -30.54 -3.96
N GLN C 351 -24.03 -29.64 -4.39
CA GLN C 351 -24.19 -28.21 -4.16
C GLN C 351 -24.49 -27.87 -2.70
N VAL C 352 -23.64 -28.36 -1.81
CA VAL C 352 -23.75 -28.04 -0.39
C VAL C 352 -22.78 -26.91 -0.10
N SER C 353 -23.31 -25.79 0.39
CA SER C 353 -22.48 -24.64 0.77
C SER C 353 -22.27 -24.63 2.28
N PHE C 354 -21.27 -23.90 2.77
CA PHE C 354 -20.94 -24.00 4.20
C PHE C 354 -21.74 -23.07 5.10
N ILE C 355 -21.60 -21.77 4.92
CA ILE C 355 -22.16 -20.82 5.88
C ILE C 355 -22.68 -19.53 5.25
N GLU C 356 -23.82 -19.05 5.77
CA GLU C 356 -24.41 -17.77 5.37
C GLU C 356 -24.21 -16.76 6.48
N ILE C 357 -23.62 -15.62 6.11
CA ILE C 357 -23.33 -14.55 7.06
C ILE C 357 -23.73 -13.21 6.43
N ASP C 358 -24.31 -12.32 7.23
CA ASP C 358 -24.74 -11.03 6.71
C ASP C 358 -23.54 -10.14 6.37
N GLY C 359 -23.69 -9.33 5.34
CA GLY C 359 -22.61 -8.47 4.86
C GLY C 359 -22.27 -7.30 5.76
N TYR C 360 -23.21 -6.88 6.60
CA TYR C 360 -23.00 -5.73 7.49
C TYR C 360 -22.43 -6.16 8.84
N LEU C 361 -21.18 -5.74 9.08
CA LEU C 361 -20.44 -6.02 10.31
C LEU C 361 -20.07 -7.50 10.46
N ALA C 362 -18.90 -7.86 9.96
CA ALA C 362 -18.37 -9.20 10.12
C ALA C 362 -16.87 -9.17 10.38
N ASN C 363 -16.43 -10.09 11.23
CA ASN C 363 -15.01 -10.40 11.43
C ASN C 363 -14.83 -11.89 11.18
N ILE C 364 -14.23 -12.23 10.04
CA ILE C 364 -13.92 -13.61 9.71
C ILE C 364 -12.40 -13.72 9.69
N ASP C 365 -11.84 -14.63 10.48
CA ASP C 365 -10.40 -14.78 10.54
C ASP C 365 -9.94 -16.15 11.02
N HIS C 366 -8.80 -16.59 10.48
CA HIS C 366 -8.17 -17.85 10.87
C HIS C 366 -9.12 -19.02 10.66
N ILE C 367 -9.47 -19.23 9.40
CA ILE C 367 -10.33 -20.34 9.03
C ILE C 367 -9.70 -21.16 7.91
N THR C 368 -10.09 -22.44 7.89
CA THR C 368 -9.71 -23.37 6.83
C THR C 368 -10.98 -24.07 6.39
N LEU C 369 -11.35 -23.90 5.13
CA LEU C 369 -12.57 -24.49 4.57
C LEU C 369 -12.21 -25.39 3.40
N ILE C 370 -12.80 -26.58 3.38
CA ILE C 370 -12.43 -27.63 2.44
C ILE C 370 -13.68 -28.18 1.74
N ASN C 371 -13.65 -28.16 0.41
CA ASN C 371 -14.79 -28.55 -0.44
C ASN C 371 -15.94 -27.54 -0.28
N PHE C 372 -17.18 -28.01 -0.36
CA PHE C 372 -18.38 -27.16 -0.45
C PHE C 372 -18.52 -26.53 -1.84
N TYR C 373 -19.73 -26.07 -2.11
CA TYR C 373 -20.07 -25.44 -3.38
C TYR C 373 -19.64 -23.97 -3.31
N ASN C 374 -20.36 -23.19 -2.50
CA ASN C 374 -19.90 -21.88 -2.03
C ASN C 374 -19.44 -22.06 -0.61
N GLN C 375 -18.23 -21.61 -0.29
CA GLN C 375 -17.72 -21.77 1.06
C GLN C 375 -18.29 -20.71 2.00
N ILE C 376 -18.08 -19.44 1.65
CA ILE C 376 -18.69 -18.32 2.37
C ILE C 376 -19.78 -17.71 1.50
N VAL C 377 -21.01 -17.76 2.00
CA VAL C 377 -22.14 -17.14 1.33
C VAL C 377 -22.50 -15.86 2.06
N VAL C 378 -22.22 -14.72 1.45
CA VAL C 378 -22.52 -13.42 2.04
C VAL C 378 -23.95 -13.05 1.67
N LYS C 379 -24.75 -12.71 2.68
CA LYS C 379 -26.12 -12.26 2.47
C LYS C 379 -26.18 -10.75 2.46
N GLN C 380 -27.13 -10.21 1.70
CA GLN C 380 -27.22 -8.78 1.41
C GLN C 380 -25.89 -8.27 0.83
N ALA C 381 -25.39 -7.13 1.28
CA ALA C 381 -24.19 -6.54 0.69
C ALA C 381 -23.14 -6.26 1.75
N LEU C 382 -21.87 -6.24 1.34
CA LEU C 382 -20.78 -5.92 2.26
C LEU C 382 -20.89 -4.51 2.78
N VAL C 383 -20.60 -4.33 4.06
CA VAL C 383 -20.29 -3.03 4.63
C VAL C 383 -19.69 -3.26 6.02
N GLY C 384 -18.46 -2.80 6.22
CA GLY C 384 -17.72 -3.10 7.45
C GLY C 384 -17.51 -4.59 7.62
N PHE C 385 -17.06 -5.23 6.54
CA PHE C 385 -16.93 -6.69 6.44
C PHE C 385 -15.45 -7.02 6.33
N ASN C 386 -14.90 -7.67 7.36
CA ASN C 386 -13.46 -7.92 7.41
C ASN C 386 -13.17 -9.41 7.41
N PHE C 387 -12.33 -9.82 6.46
CA PHE C 387 -12.06 -11.21 6.14
C PHE C 387 -10.55 -11.39 6.01
N THR C 388 -9.94 -12.22 6.84
CA THR C 388 -8.49 -12.41 6.77
C THR C 388 -8.04 -13.80 7.20
N ASN C 389 -6.88 -14.21 6.69
CA ASN C 389 -6.20 -15.42 7.12
C ASN C 389 -7.07 -16.65 6.95
N ALA C 390 -7.29 -17.01 5.69
CA ALA C 390 -8.18 -18.08 5.33
C ALA C 390 -7.54 -18.97 4.28
N TRP C 391 -7.64 -20.28 4.48
CA TRP C 391 -7.21 -21.27 3.51
C TRP C 391 -8.46 -21.94 2.96
N LEU C 392 -8.78 -21.61 1.71
CA LEU C 392 -10.05 -21.97 1.09
C LEU C 392 -9.76 -22.92 -0.06
N TYR C 393 -9.90 -24.22 0.21
CA TYR C 393 -9.46 -25.26 -0.72
C TYR C 393 -10.65 -26.04 -1.31
N TYR C 394 -10.55 -26.31 -2.61
CA TYR C 394 -11.43 -27.26 -3.31
C TYR C 394 -12.90 -26.86 -3.44
N SER C 395 -13.23 -25.57 -3.34
CA SER C 395 -14.61 -25.14 -3.57
C SER C 395 -15.04 -25.50 -4.99
N GLN C 396 -16.32 -25.82 -5.17
CA GLN C 396 -16.83 -26.26 -6.47
C GLN C 396 -17.32 -25.08 -7.31
N ASN C 397 -17.75 -24.00 -6.65
CA ASN C 397 -18.24 -22.82 -7.36
C ASN C 397 -17.48 -21.54 -6.98
N ALA C 398 -17.37 -21.28 -5.68
CA ALA C 398 -16.70 -20.07 -5.21
C ALA C 398 -16.24 -20.21 -3.77
N GLY C 399 -15.09 -19.60 -3.46
CA GLY C 399 -14.64 -19.48 -2.08
C GLY C 399 -15.55 -18.53 -1.31
N ILE C 400 -15.84 -17.39 -1.93
CA ILE C 400 -16.71 -16.37 -1.35
C ILE C 400 -17.72 -15.92 -2.41
N TYR C 401 -19.01 -15.97 -2.07
CA TYR C 401 -20.07 -15.61 -2.99
C TYR C 401 -20.99 -14.55 -2.39
N CYS C 402 -21.20 -13.46 -3.13
CA CYS C 402 -22.11 -12.40 -2.72
C CYS C 402 -23.07 -12.07 -3.85
N GLU C 403 -24.32 -12.50 -3.70
CA GLU C 403 -25.37 -12.28 -4.70
C GLU C 403 -25.83 -10.83 -4.72
N ASP C 404 -26.03 -10.25 -3.53
CA ASP C 404 -26.60 -8.91 -3.38
C ASP C 404 -27.90 -8.77 -4.17
N PRO C 405 -28.90 -9.63 -3.88
CA PRO C 405 -30.11 -9.70 -4.69
C PRO C 405 -30.89 -8.38 -4.82
N LEU C 406 -30.80 -7.52 -3.80
CA LEU C 406 -31.50 -6.23 -3.80
C LEU C 406 -30.64 -5.07 -4.33
N ASN C 407 -29.45 -5.39 -4.84
CA ASN C 407 -28.55 -4.37 -5.42
C ASN C 407 -28.29 -3.21 -4.46
N ARG C 408 -27.94 -3.55 -3.22
CA ARG C 408 -27.62 -2.54 -2.21
C ARG C 408 -26.27 -1.87 -2.49
N VAL C 409 -25.39 -2.61 -3.19
CA VAL C 409 -24.01 -2.22 -3.48
C VAL C 409 -23.12 -2.50 -2.28
N SER C 410 -22.17 -3.41 -2.47
CA SER C 410 -21.20 -3.76 -1.44
C SER C 410 -20.15 -2.67 -1.29
N THR C 411 -19.79 -2.36 -0.04
CA THR C 411 -18.73 -1.40 0.24
C THR C 411 -17.85 -1.89 1.37
N THR C 412 -16.70 -1.23 1.53
CA THR C 412 -15.88 -1.30 2.73
C THR C 412 -15.71 -2.71 3.29
N GLY C 413 -15.37 -3.63 2.39
CA GLY C 413 -15.00 -4.99 2.75
C GLY C 413 -13.51 -5.18 2.57
N THR C 414 -12.87 -5.89 3.49
CA THR C 414 -11.44 -6.17 3.39
C THR C 414 -11.21 -7.67 3.28
N PHE C 415 -10.29 -8.04 2.39
CA PHE C 415 -10.02 -9.43 2.07
C PHE C 415 -8.51 -9.60 2.00
N HIS C 416 -7.94 -10.12 3.08
CA HIS C 416 -6.48 -10.22 3.23
C HIS C 416 -6.02 -11.62 3.55
N ASN C 417 -4.82 -11.97 3.08
CA ASN C 417 -4.17 -13.22 3.47
C ASN C 417 -5.06 -14.44 3.21
N ILE C 418 -5.55 -14.55 1.97
CA ILE C 418 -6.41 -15.66 1.59
C ILE C 418 -5.72 -16.52 0.54
N TYR C 419 -5.69 -17.83 0.81
CA TYR C 419 -5.12 -18.83 -0.08
C TYR C 419 -6.27 -19.61 -0.69
N PHE C 420 -6.56 -19.35 -1.96
CA PHE C 420 -7.55 -20.11 -2.71
C PHE C 420 -6.81 -21.18 -3.51
N GLN C 421 -7.11 -22.46 -3.26
CA GLN C 421 -6.41 -23.55 -3.96
C GLN C 421 -7.35 -24.61 -4.51
N LEU C 422 -7.13 -24.97 -5.78
CA LEU C 422 -7.77 -26.13 -6.41
C LEU C 422 -9.30 -26.10 -6.41
N GLY C 423 -9.86 -24.90 -6.55
CA GLY C 423 -11.30 -24.73 -6.72
C GLY C 423 -11.70 -24.97 -8.16
N ASP C 424 -12.87 -25.57 -8.36
CA ASP C 424 -13.40 -25.82 -9.71
C ASP C 424 -13.95 -24.55 -10.35
N GLY C 425 -14.23 -23.53 -9.55
CA GLY C 425 -14.80 -22.29 -10.04
C GLY C 425 -13.90 -21.10 -9.75
N HIS C 426 -14.50 -20.04 -9.21
CA HIS C 426 -13.79 -18.79 -8.91
C HIS C 426 -13.34 -18.72 -7.46
N ALA C 427 -12.42 -17.80 -7.17
CA ALA C 427 -12.08 -17.45 -5.80
C ALA C 427 -13.25 -16.70 -5.17
N MET C 428 -13.64 -15.60 -5.81
CA MET C 428 -14.74 -14.75 -5.33
C MET C 428 -15.67 -14.38 -6.47
N ILE C 429 -16.97 -14.46 -6.22
CA ILE C 429 -17.98 -14.03 -7.18
C ILE C 429 -18.92 -13.01 -6.52
N PHE C 430 -18.92 -11.81 -7.07
CA PHE C 430 -19.92 -10.79 -6.76
C PHE C 430 -20.83 -10.69 -7.97
N ASP C 431 -22.11 -11.04 -7.82
CA ASP C 431 -23.05 -10.92 -8.94
C ASP C 431 -23.26 -9.46 -9.36
N ARG C 432 -23.03 -8.52 -8.44
CA ARG C 432 -23.27 -7.12 -8.72
C ARG C 432 -22.05 -6.26 -8.37
N ASP C 433 -22.23 -5.18 -7.61
CA ASP C 433 -21.26 -4.08 -7.56
C ASP C 433 -20.49 -4.01 -6.25
N VAL C 434 -19.20 -3.67 -6.36
CA VAL C 434 -18.30 -3.58 -5.21
C VAL C 434 -17.57 -2.23 -5.24
N HIS C 435 -17.65 -1.49 -4.13
CA HIS C 435 -17.05 -0.17 -3.99
C HIS C 435 -16.17 -0.11 -2.74
N GLY C 436 -15.00 0.50 -2.84
CA GLY C 436 -14.21 0.82 -1.65
C GLY C 436 -13.74 -0.37 -0.83
N CYS C 437 -13.56 -1.51 -1.49
CA CYS C 437 -13.09 -2.73 -0.83
C CYS C 437 -11.60 -2.88 -1.05
N ASP C 438 -10.96 -3.66 -0.19
CA ASP C 438 -9.51 -3.85 -0.21
C ASP C 438 -9.18 -5.33 -0.29
N PHE C 439 -8.26 -5.67 -1.20
CA PHE C 439 -7.83 -7.03 -1.43
C PHE C 439 -6.30 -7.05 -1.40
N ASP C 440 -5.70 -7.91 -0.58
CA ASP C 440 -4.24 -7.89 -0.42
C ASP C 440 -3.71 -9.24 0.04
N ASN C 441 -2.55 -9.62 -0.51
CA ASN C 441 -1.87 -10.86 -0.15
C ASN C 441 -2.78 -12.07 -0.34
N ILE C 442 -3.26 -12.18 -1.58
CA ILE C 442 -4.15 -13.25 -1.99
C ILE C 442 -3.42 -14.18 -2.95
N ILE C 443 -3.72 -15.47 -2.82
CA ILE C 443 -3.12 -16.49 -3.67
C ILE C 443 -4.23 -17.22 -4.42
N PHE C 444 -4.08 -17.31 -5.73
CA PHE C 444 -4.90 -18.20 -6.56
C PHE C 444 -4.00 -19.31 -7.06
N GLU C 445 -4.21 -20.53 -6.57
CA GLU C 445 -3.43 -21.68 -7.03
C GLU C 445 -4.35 -22.73 -7.63
N SER C 446 -4.20 -22.96 -8.93
CA SER C 446 -5.02 -23.95 -9.65
C SER C 446 -6.51 -23.74 -9.42
N MET C 447 -6.96 -22.49 -9.60
CA MET C 447 -8.38 -22.16 -9.60
C MET C 447 -8.85 -22.12 -11.06
N ASN C 448 -10.15 -21.96 -11.27
CA ASN C 448 -10.69 -21.75 -12.62
C ASN C 448 -11.22 -20.33 -12.81
N GLY C 449 -10.85 -19.44 -11.89
CA GLY C 449 -11.27 -18.05 -11.96
C GLY C 449 -10.77 -17.32 -10.74
N GLY C 450 -10.58 -16.01 -10.88
CA GLY C 450 -10.10 -15.18 -9.77
C GLY C 450 -11.25 -14.50 -9.08
N ILE C 451 -11.20 -13.17 -9.04
CA ILE C 451 -12.29 -12.35 -8.53
C ILE C 451 -13.14 -11.88 -9.70
N LYS C 452 -14.44 -12.15 -9.63
CA LYS C 452 -15.39 -11.73 -10.65
C LYS C 452 -16.44 -10.84 -10.02
N ALA C 453 -16.77 -9.75 -10.72
CA ALA C 453 -17.78 -8.80 -10.27
C ALA C 453 -18.38 -8.07 -11.46
N ARG C 454 -19.57 -7.50 -11.28
CA ARG C 454 -20.18 -6.67 -12.31
C ARG C 454 -19.51 -5.30 -12.38
N THR C 455 -19.28 -4.71 -11.22
CA THR C 455 -18.67 -3.40 -11.09
C THR C 455 -17.64 -3.45 -9.97
N VAL C 456 -16.47 -2.88 -10.24
CA VAL C 456 -15.41 -2.73 -9.25
C VAL C 456 -14.99 -1.26 -9.28
N ALA C 457 -15.38 -0.52 -8.25
CA ALA C 457 -15.20 0.92 -8.18
C ALA C 457 -14.42 1.31 -6.94
N HIS C 458 -13.36 2.10 -7.12
CA HIS C 458 -12.61 2.65 -6.00
C HIS C 458 -12.15 1.59 -5.00
N CYS C 459 -11.70 0.46 -5.52
CA CYS C 459 -11.17 -0.63 -4.69
C CYS C 459 -9.65 -0.62 -4.70
N GLY C 460 -9.07 -1.18 -3.65
CA GLY C 460 -7.63 -1.36 -3.54
C GLY C 460 -7.27 -2.81 -3.77
N PHE C 461 -6.23 -3.02 -4.58
CA PHE C 461 -5.70 -4.34 -4.86
C PHE C 461 -4.21 -4.32 -4.59
N GLY C 462 -3.77 -5.17 -3.68
CA GLY C 462 -2.36 -5.28 -3.34
C GLY C 462 -1.72 -6.47 -4.05
N LYS C 463 -0.98 -7.27 -3.29
CA LYS C 463 -0.23 -8.38 -3.87
C LYS C 463 -1.12 -9.58 -4.14
N PHE C 464 -1.00 -10.11 -5.37
CA PHE C 464 -1.66 -11.34 -5.77
C PHE C 464 -0.61 -12.29 -6.32
N TRP C 465 -0.73 -13.56 -5.96
CA TRP C 465 0.10 -14.61 -6.53
C TRP C 465 -0.82 -15.59 -7.24
N CYS C 466 -0.79 -15.57 -8.56
CA CYS C 466 -1.71 -16.36 -9.37
C CYS C 466 -0.92 -17.41 -10.13
N GLU C 467 -1.07 -18.67 -9.72
CA GLU C 467 -0.26 -19.76 -10.26
C GLU C 467 -1.11 -20.95 -10.66
N ASN C 468 -1.23 -21.15 -11.98
CA ASN C 468 -1.89 -22.29 -12.60
C ASN C 468 -3.41 -22.26 -12.53
N LEU C 469 -4.03 -22.93 -13.49
CA LEU C 469 -5.49 -23.06 -13.57
C LEU C 469 -5.83 -24.54 -13.47
N LYS C 470 -6.99 -24.85 -12.88
CA LYS C 470 -7.36 -26.24 -12.63
C LYS C 470 -7.68 -26.97 -13.94
N THR C 471 -8.65 -26.45 -14.69
CA THR C 471 -8.99 -26.97 -16.03
C THR C 471 -9.04 -25.89 -17.11
N ALA C 472 -9.26 -24.63 -16.72
CA ALA C 472 -9.27 -23.52 -17.68
C ALA C 472 -7.91 -23.34 -18.33
N THR C 473 -7.90 -22.71 -19.50
CA THR C 473 -6.65 -22.44 -20.24
C THR C 473 -6.16 -21.02 -20.00
N SER C 474 -7.09 -20.07 -19.89
CA SER C 474 -6.74 -18.66 -19.68
C SER C 474 -7.82 -17.94 -18.87
N LYS C 475 -7.41 -17.23 -17.81
CA LYS C 475 -8.35 -16.46 -16.99
C LYS C 475 -7.69 -15.18 -16.47
N ASP C 476 -8.43 -14.08 -16.47
CA ASP C 476 -7.97 -12.85 -15.82
C ASP C 476 -8.05 -13.03 -14.30
N TRP C 477 -7.07 -12.49 -13.58
CA TRP C 477 -7.09 -12.54 -12.12
C TRP C 477 -8.27 -11.74 -11.55
N LEU C 478 -8.62 -10.65 -12.25
CA LEU C 478 -9.77 -9.80 -11.92
C LEU C 478 -10.62 -9.67 -13.17
N GLU C 479 -11.88 -10.02 -13.03
CA GLU C 479 -12.83 -10.12 -14.13
C GLU C 479 -14.01 -9.22 -13.79
N VAL C 480 -14.11 -8.09 -14.49
CA VAL C 480 -15.22 -7.13 -14.26
C VAL C 480 -16.07 -7.11 -15.53
N THR C 481 -17.33 -7.48 -15.40
CA THR C 481 -18.17 -7.77 -16.57
C THR C 481 -18.89 -6.55 -17.15
N GLY C 482 -19.16 -5.54 -16.33
CA GLY C 482 -19.89 -4.35 -16.77
C GLY C 482 -19.07 -3.43 -17.66
N ALA C 483 -19.72 -2.84 -18.67
CA ALA C 483 -19.06 -1.90 -19.57
C ALA C 483 -18.66 -0.64 -18.80
N ASN C 484 -17.38 -0.26 -18.89
CA ASN C 484 -16.82 0.87 -18.14
C ASN C 484 -17.15 0.81 -16.64
N SER C 485 -17.24 -0.41 -16.10
CA SER C 485 -17.65 -0.61 -14.72
C SER C 485 -16.48 -0.98 -13.82
N CYS C 486 -15.26 -0.92 -14.36
CA CYS C 486 -14.06 -1.03 -13.56
C CYS C 486 -13.36 0.32 -13.60
N TYR C 487 -13.42 1.06 -12.49
CA TYR C 487 -12.90 2.42 -12.46
C TYR C 487 -12.55 2.86 -11.05
N GLY C 488 -11.65 3.85 -10.96
CA GLY C 488 -11.31 4.47 -9.69
C GLY C 488 -10.41 3.63 -8.80
N ASN C 489 -9.83 2.58 -9.35
CA ASN C 489 -9.13 1.58 -8.54
C ASN C 489 -7.66 1.86 -8.32
N SER C 490 -7.11 1.19 -7.31
CA SER C 490 -5.69 1.21 -7.01
C SER C 490 -5.14 -0.20 -7.18
N PHE C 491 -4.37 -0.41 -8.24
CA PHE C 491 -3.71 -1.69 -8.48
C PHE C 491 -2.24 -1.52 -8.08
N THR C 492 -2.01 -1.54 -6.77
CA THR C 492 -0.75 -1.05 -6.23
C THR C 492 0.10 -2.12 -5.55
N GLY C 493 -0.12 -3.37 -5.92
CA GLY C 493 0.79 -4.46 -5.57
C GLY C 493 1.17 -5.22 -6.83
N TYR C 494 2.28 -5.95 -6.77
CA TYR C 494 2.65 -6.80 -7.89
C TYR C 494 1.68 -7.97 -8.01
N VAL C 495 1.25 -8.24 -9.23
CA VAL C 495 0.42 -9.41 -9.53
C VAL C 495 1.27 -10.44 -10.29
N LYS C 496 1.64 -11.51 -9.61
CA LYS C 496 2.39 -12.61 -10.22
C LYS C 496 1.44 -13.46 -11.04
N LEU C 497 1.80 -13.67 -12.31
CA LEU C 497 0.98 -14.45 -13.25
C LEU C 497 1.76 -15.64 -13.78
N LEU C 498 1.29 -16.84 -13.48
CA LEU C 498 1.91 -18.08 -13.93
C LEU C 498 0.87 -19.10 -14.40
N GLY C 499 1.20 -19.83 -15.47
CA GLY C 499 0.40 -20.97 -15.90
C GLY C 499 -0.97 -20.67 -16.50
N GLY C 500 -1.15 -19.49 -17.07
CA GLY C 500 -2.37 -19.17 -17.81
C GLY C 500 -3.13 -17.94 -17.33
N TRP C 501 -2.80 -17.46 -16.13
CA TRP C 501 -3.43 -16.25 -15.62
C TRP C 501 -3.03 -15.05 -16.45
N THR C 502 -4.00 -14.17 -16.69
CA THR C 502 -3.78 -12.93 -17.44
C THR C 502 -4.23 -11.75 -16.58
N SER C 503 -3.94 -10.55 -17.06
CA SER C 503 -4.31 -9.34 -16.32
C SER C 503 -4.72 -8.23 -17.28
N LYS C 504 -5.75 -7.48 -16.90
CA LYS C 504 -6.14 -6.28 -17.62
C LYS C 504 -5.74 -5.02 -16.85
N THR C 505 -4.83 -5.15 -15.89
CA THR C 505 -4.45 -4.03 -15.02
C THR C 505 -2.95 -3.69 -15.00
N SER C 506 -2.14 -4.36 -15.81
CA SER C 506 -0.69 -4.11 -15.82
C SER C 506 -0.41 -2.67 -16.25
N PRO C 507 0.62 -2.05 -15.63
CA PRO C 507 0.98 -0.69 -16.07
C PRO C 507 1.40 -0.63 -17.55
N THR C 508 1.97 -1.71 -18.06
CA THR C 508 2.47 -1.73 -19.44
C THR C 508 1.42 -2.12 -20.48
N LEU C 509 0.21 -2.44 -20.03
CA LEU C 509 -0.88 -2.78 -20.95
C LEU C 509 -1.30 -1.56 -21.76
N ASP C 510 -1.45 -1.73 -23.07
CA ASP C 510 -1.92 -0.65 -23.91
C ASP C 510 -3.36 -0.30 -23.55
N SER C 511 -3.68 0.98 -23.64
CA SER C 511 -5.03 1.45 -23.38
C SER C 511 -5.95 1.15 -24.57
N LEU C 512 -7.24 1.03 -24.26
CA LEU C 512 -8.30 0.92 -25.23
C LEU C 512 -9.06 2.24 -25.27
N PRO C 513 -9.83 2.49 -26.35
CA PRO C 513 -10.65 3.71 -26.37
C PRO C 513 -11.74 3.73 -25.30
N THR C 514 -12.14 2.54 -24.85
CA THR C 514 -13.17 2.41 -23.82
C THR C 514 -13.03 1.04 -23.17
N ASN C 515 -13.68 0.86 -22.02
CA ASN C 515 -13.64 -0.39 -21.26
C ASN C 515 -12.26 -0.77 -20.72
N ASN C 516 -11.42 0.23 -20.43
CA ASN C 516 -10.19 -0.04 -19.68
C ASN C 516 -10.56 -0.38 -18.25
N TYR C 517 -9.74 -1.20 -17.60
CA TYR C 517 -9.84 -1.37 -16.16
C TYR C 517 -9.22 -0.12 -15.54
N GLY C 518 -10.09 0.82 -15.18
CA GLY C 518 -9.66 2.14 -14.76
C GLY C 518 -9.02 2.17 -13.39
N GLY C 519 -7.89 2.87 -13.30
CA GLY C 519 -7.22 3.07 -12.04
C GLY C 519 -5.75 3.42 -12.18
N VAL C 520 -5.11 3.56 -11.05
CA VAL C 520 -3.67 3.74 -10.98
C VAL C 520 -3.06 2.35 -10.77
N SER C 521 -1.94 2.09 -11.45
CA SER C 521 -1.26 0.81 -11.33
C SER C 521 0.20 1.10 -10.98
N VAL C 522 0.66 0.55 -9.86
CA VAL C 522 2.02 0.76 -9.38
C VAL C 522 2.66 -0.57 -9.02
N SER C 523 3.75 -0.88 -9.70
CA SER C 523 4.57 -2.04 -9.36
C SER C 523 5.92 -1.86 -10.02
N ALA C 524 6.80 -2.85 -9.85
CA ALA C 524 8.09 -2.83 -10.51
C ALA C 524 7.96 -2.84 -12.04
N GLU C 525 6.79 -3.23 -12.55
CA GLU C 525 6.50 -3.21 -13.99
C GLU C 525 6.31 -1.80 -14.53
N GLY C 526 5.99 -0.85 -13.66
CA GLY C 526 5.71 0.51 -14.09
C GLY C 526 4.75 1.24 -13.19
N ILE C 527 4.67 2.56 -13.40
CA ILE C 527 3.74 3.41 -12.71
C ILE C 527 2.82 4.00 -13.77
N SER C 528 1.54 3.70 -13.71
CA SER C 528 0.61 4.14 -14.75
C SER C 528 -0.72 4.59 -14.19
N ILE C 529 -1.45 5.30 -15.03
CA ILE C 529 -2.78 5.75 -14.67
C ILE C 529 -3.64 5.87 -15.93
N VAL C 530 -4.88 5.40 -15.84
CA VAL C 530 -5.80 5.29 -16.97
C VAL C 530 -7.23 5.42 -16.45
N ASN C 531 -8.12 5.97 -17.26
CA ASN C 531 -9.54 5.97 -16.97
C ASN C 531 -10.26 4.93 -17.83
N ALA C 532 -11.43 4.48 -17.37
CA ALA C 532 -12.15 3.41 -18.07
C ALA C 532 -12.54 3.79 -19.49
N GLY C 533 -13.12 4.98 -19.68
CA GLY C 533 -13.78 5.33 -20.93
C GLY C 533 -13.00 6.21 -21.91
N ASN C 534 -11.68 6.18 -21.82
CA ASN C 534 -10.85 7.03 -22.68
C ASN C 534 -9.49 6.37 -22.95
N LYS C 535 -8.92 6.69 -24.11
CA LYS C 535 -7.65 6.12 -24.57
C LYS C 535 -6.43 6.63 -23.79
N ALA C 536 -6.57 7.77 -23.09
CA ALA C 536 -5.44 8.36 -22.39
C ALA C 536 -4.85 7.42 -21.32
N LYS C 537 -3.54 7.27 -21.33
CA LYS C 537 -2.83 6.52 -20.29
C LYS C 537 -1.40 6.99 -20.25
N MET C 538 -0.91 7.32 -19.06
CA MET C 538 0.50 7.68 -18.88
C MET C 538 1.18 6.57 -18.09
N LEU C 539 2.43 6.30 -18.47
CA LEU C 539 3.23 5.24 -17.88
C LEU C 539 4.65 5.78 -17.66
N MET C 540 5.17 5.64 -16.44
CA MET C 540 6.57 5.95 -16.15
C MET C 540 7.32 4.64 -15.91
N LEU C 541 8.47 4.54 -16.59
CA LEU C 541 9.37 3.39 -16.52
C LEU C 541 10.77 3.93 -16.25
N PRO C 542 11.75 3.04 -15.99
CA PRO C 542 13.11 3.54 -15.78
C PRO C 542 13.65 4.38 -16.94
N SER C 543 13.20 4.09 -18.16
CA SER C 543 13.65 4.78 -19.37
C SER C 543 13.06 6.18 -19.59
N GLY C 544 11.91 6.44 -18.97
CA GLY C 544 11.16 7.67 -19.22
C GLY C 544 9.68 7.42 -19.21
N PHE C 545 8.99 7.91 -20.24
CA PHE C 545 7.54 7.95 -20.26
C PHE C 545 6.95 7.34 -21.52
N LYS C 546 5.76 6.76 -21.35
CA LYS C 546 4.98 6.26 -22.48
C LYS C 546 3.54 6.72 -22.35
N THR C 547 2.94 7.03 -23.50
CA THR C 547 1.57 7.52 -23.56
C THR C 547 0.71 6.59 -24.42
N GLY C 548 -0.55 6.46 -24.05
CA GLY C 548 -1.51 5.60 -24.78
C GLY C 548 -2.28 6.27 -25.90
N ASN C 549 -2.22 7.61 -25.98
CA ASN C 549 -3.00 8.36 -26.98
C ASN C 549 -2.15 9.28 -27.88
N ALA C 550 -0.86 8.96 -27.99
CA ALA C 550 0.10 9.70 -28.83
C ALA C 550 0.26 11.17 -28.45
N THR C 551 -0.10 11.50 -27.22
CA THR C 551 -0.11 12.89 -26.75
C THR C 551 0.39 12.95 -25.31
N ILE C 552 1.15 13.98 -24.99
CA ILE C 552 1.54 14.27 -23.61
C ILE C 552 1.26 15.74 -23.33
N ASP C 553 0.44 16.01 -22.32
CA ASP C 553 0.12 17.38 -21.90
C ASP C 553 1.05 17.84 -20.78
N GLU C 554 1.35 19.14 -20.78
CA GLU C 554 2.06 19.81 -19.69
C GLU C 554 1.29 21.10 -19.35
N THR C 555 0.74 21.19 -18.15
CA THR C 555 -0.03 22.36 -17.76
C THR C 555 0.01 22.59 -16.25
N HIS C 556 -0.80 23.52 -15.76
CA HIS C 556 -0.88 23.83 -14.35
C HIS C 556 -1.87 22.91 -13.64
N ILE C 557 -1.64 22.67 -12.35
CA ILE C 557 -2.60 21.93 -11.54
C ILE C 557 -3.91 22.73 -11.45
N SER C 558 -3.79 24.02 -11.20
CA SER C 558 -4.96 24.92 -11.20
C SER C 558 -5.52 25.08 -12.62
N SER C 559 -6.83 24.91 -12.76
CA SER C 559 -7.48 25.10 -14.06
C SER C 559 -7.65 26.57 -14.44
N SER C 560 -7.50 27.48 -13.47
CA SER C 560 -7.69 28.90 -13.73
C SER C 560 -6.40 29.65 -14.09
N THR C 561 -5.25 29.09 -13.73
CA THR C 561 -3.96 29.73 -14.04
C THR C 561 -3.69 29.70 -15.53
N VAL C 562 -3.33 30.84 -16.10
CA VAL C 562 -3.13 30.97 -17.55
C VAL C 562 -1.78 31.57 -17.92
N THR C 563 -0.81 31.49 -17.02
CA THR C 563 0.56 31.85 -17.33
C THR C 563 1.19 30.77 -18.19
N PRO C 564 2.29 31.10 -18.90
CA PRO C 564 3.05 30.03 -19.51
C PRO C 564 3.80 29.21 -18.47
N LEU C 565 4.36 28.08 -18.90
CA LEU C 565 5.27 27.30 -18.07
C LEU C 565 6.70 27.65 -18.43
N VAL C 566 7.61 27.39 -17.51
CA VAL C 566 9.03 27.39 -17.81
C VAL C 566 9.58 26.02 -17.49
N LYS C 567 10.28 25.43 -18.46
CA LYS C 567 10.97 24.19 -18.23
C LYS C 567 12.44 24.48 -18.00
N ARG C 568 13.00 23.83 -16.99
CA ARG C 568 14.42 23.95 -16.68
C ARG C 568 15.08 22.61 -16.93
N ARG C 569 16.27 22.64 -17.51
CA ARG C 569 16.96 21.43 -17.91
C ARG C 569 18.45 21.59 -17.68
N VAL C 570 19.06 20.58 -17.08
CA VAL C 570 20.51 20.60 -16.86
C VAL C 570 21.24 20.58 -18.20
N ILE C 571 22.15 21.53 -18.40
CA ILE C 571 22.92 21.60 -19.64
C ILE C 571 24.43 21.66 -19.45
N GLY C 572 24.88 21.75 -18.20
CA GLY C 572 26.29 21.88 -17.91
C GLY C 572 26.52 22.24 -16.45
N ALA C 573 27.65 22.89 -16.19
CA ALA C 573 28.05 23.30 -14.85
C ALA C 573 28.33 24.78 -14.81
N ASP C 574 28.11 25.39 -13.64
CA ASP C 574 28.55 26.78 -13.43
C ASP C 574 30.04 26.77 -13.07
N SER C 575 30.62 27.93 -12.77
CA SER C 575 32.06 28.03 -12.53
C SER C 575 32.53 27.33 -11.25
N SER C 576 31.61 27.13 -10.31
CA SER C 576 31.91 26.38 -9.07
C SER C 576 31.79 24.87 -9.28
N GLY C 577 31.22 24.45 -10.40
CA GLY C 577 31.06 23.03 -10.73
C GLY C 577 29.69 22.47 -10.38
N ALA C 578 28.78 23.32 -9.91
CA ALA C 578 27.42 22.92 -9.61
C ALA C 578 26.63 22.80 -10.89
N GLN C 579 25.60 21.95 -10.89
CA GLN C 579 24.72 21.80 -12.04
C GLN C 579 24.11 23.13 -12.43
N TYR C 580 24.10 23.41 -13.73
CA TYR C 580 23.41 24.59 -14.24
C TYR C 580 22.15 24.13 -14.99
N LEU C 581 20.99 24.52 -14.48
CA LEU C 581 19.72 24.24 -15.13
C LEU C 581 19.30 25.48 -15.90
N ALA C 582 19.17 25.33 -17.22
CA ALA C 582 18.78 26.42 -18.11
C ALA C 582 17.27 26.45 -18.26
N SER C 583 16.72 27.65 -18.46
CA SER C 583 15.27 27.84 -18.56
C SER C 583 14.85 28.10 -20.00
N ASP C 584 13.73 27.49 -20.40
CA ASP C 584 13.18 27.77 -21.72
C ASP C 584 12.08 28.84 -21.65
N THR C 585 11.58 29.19 -22.83
CA THR C 585 10.48 30.14 -22.99
C THR C 585 9.52 29.57 -24.02
N TYR C 586 8.24 29.54 -23.69
CA TYR C 586 7.21 29.14 -24.65
C TYR C 586 5.95 29.91 -24.29
N THR C 587 5.83 31.09 -24.91
CA THR C 587 4.66 31.94 -24.75
C THR C 587 3.93 31.97 -26.09
N LYS C 588 2.85 32.75 -26.16
CA LYS C 588 2.16 32.92 -27.44
C LYS C 588 3.04 33.59 -28.49
N LEU C 589 4.05 34.33 -28.06
CA LEU C 589 4.84 35.16 -28.97
C LEU C 589 6.32 34.78 -29.07
N SER C 590 6.79 33.85 -28.25
CA SER C 590 8.23 33.54 -28.18
C SER C 590 8.50 32.08 -27.85
N ARG C 591 9.41 31.47 -28.59
CA ARG C 591 9.91 30.13 -28.28
C ARG C 591 11.44 30.19 -28.26
N LYS C 592 12.01 29.95 -27.08
CA LYS C 592 13.45 30.02 -26.86
C LYS C 592 13.90 28.95 -25.88
N TRP C 593 15.20 28.66 -25.91
CA TRP C 593 15.84 27.80 -24.92
C TRP C 593 17.05 28.56 -24.41
N GLY C 594 17.10 28.78 -23.09
CA GLY C 594 18.16 29.54 -22.48
C GLY C 594 19.47 28.79 -22.42
N THR C 595 20.54 29.55 -22.35
CA THR C 595 21.85 29.01 -22.03
C THR C 595 22.63 30.07 -21.26
N TYR C 596 23.85 29.74 -20.87
CA TYR C 596 24.68 30.67 -20.13
C TYR C 596 26.13 30.34 -20.36
N ASN C 597 26.93 31.39 -20.54
CA ASN C 597 28.37 31.24 -20.69
C ASN C 597 29.01 31.65 -19.38
N HIS C 598 29.49 30.68 -18.63
CA HIS C 598 30.09 30.95 -17.31
C HIS C 598 31.55 31.41 -17.41
N GLY C 599 32.13 31.36 -18.62
CA GLY C 599 33.44 31.95 -18.86
C GLY C 599 33.39 33.46 -18.87
N SER C 600 32.42 34.01 -19.60
CA SER C 600 32.24 35.46 -19.73
C SER C 600 31.09 36.00 -18.88
N ASN C 601 30.33 35.12 -18.23
CA ASN C 601 29.17 35.50 -17.44
C ASN C 601 28.11 36.26 -18.25
N ASN C 602 27.69 35.63 -19.34
CA ASN C 602 26.61 36.14 -20.18
C ASN C 602 25.55 35.08 -20.40
N ALA C 603 24.29 35.48 -20.22
CA ALA C 603 23.18 34.66 -20.66
C ALA C 603 23.17 34.57 -22.18
N GLY C 604 22.53 33.53 -22.68
CA GLY C 604 22.34 33.35 -24.11
C GLY C 604 21.06 32.61 -24.37
N ALA C 605 20.76 32.39 -25.64
CA ALA C 605 19.56 31.66 -26.01
C ALA C 605 19.62 31.12 -27.42
N PHE C 606 18.84 30.05 -27.61
CA PHE C 606 18.59 29.42 -28.89
C PHE C 606 17.13 29.73 -29.23
N TYR C 607 16.87 29.95 -30.52
CA TYR C 607 15.59 30.51 -30.98
C TYR C 607 14.89 29.63 -32.00
N ALA C 608 13.58 29.52 -31.86
CA ALA C 608 12.72 28.96 -32.90
C ALA C 608 11.85 30.09 -33.43
N PRO C 609 12.26 30.74 -34.53
CA PRO C 609 11.52 31.93 -34.97
C PRO C 609 10.19 31.61 -35.63
N MET C 610 9.32 32.61 -35.71
CA MET C 610 8.18 32.52 -36.60
C MET C 610 8.70 32.57 -38.04
N MET C 611 8.16 31.71 -38.89
CA MET C 611 8.45 31.76 -40.31
C MET C 611 7.16 31.99 -41.07
N LEU C 612 7.25 32.79 -42.13
CA LEU C 612 6.08 33.24 -42.86
C LEU C 612 6.47 33.48 -44.30
N THR C 613 5.71 32.94 -45.24
CA THR C 613 6.05 33.03 -46.65
C THR C 613 4.97 33.74 -47.45
N TYR C 614 5.41 34.64 -48.32
CA TYR C 614 4.59 35.30 -49.32
C TYR C 614 4.63 34.50 -50.60
N ASP C 615 3.49 34.31 -51.25
CA ASP C 615 3.44 33.63 -52.54
C ASP C 615 2.26 34.19 -53.29
N GLN C 616 2.51 34.87 -54.41
CA GLN C 616 1.42 35.51 -55.15
C GLN C 616 0.48 34.47 -55.78
N SER C 617 0.89 33.20 -55.83
CA SER C 617 0.02 32.12 -56.30
C SER C 617 -0.90 31.52 -55.23
N PHE C 618 -0.71 31.89 -53.96
CA PHE C 618 -1.62 31.44 -52.91
C PHE C 618 -3.02 31.99 -53.18
N SER C 619 -4.03 31.16 -52.91
CA SER C 619 -5.43 31.59 -53.00
C SER C 619 -5.76 32.60 -51.91
N THR C 620 -5.18 32.41 -50.72
CA THR C 620 -5.33 33.34 -49.61
C THR C 620 -3.96 33.53 -48.96
N PRO C 621 -3.70 34.73 -48.41
CA PRO C 621 -2.37 34.93 -47.82
C PRO C 621 -2.10 33.98 -46.66
N GLN C 622 -0.87 33.51 -46.56
CA GLN C 622 -0.45 32.74 -45.42
C GLN C 622 -0.43 33.65 -44.19
N ASN C 623 -0.87 33.13 -43.06
CA ASN C 623 -0.90 33.88 -41.82
C ASN C 623 -0.20 33.09 -40.73
N ASN C 624 0.75 33.72 -40.04
CA ASN C 624 1.36 33.14 -38.86
C ASN C 624 1.11 34.04 -37.67
N ASN C 625 0.24 33.58 -36.76
CA ASN C 625 0.10 34.20 -35.45
C ASN C 625 -0.45 35.63 -35.52
N GLY C 626 -1.21 35.93 -36.58
CA GLY C 626 -1.78 37.26 -36.77
C GLY C 626 -0.99 38.19 -37.68
N TRP C 627 0.10 37.69 -38.26
CA TRP C 627 0.85 38.41 -39.28
C TRP C 627 0.68 37.75 -40.64
N LYS C 628 0.58 38.58 -41.67
CA LYS C 628 0.61 38.13 -43.07
C LYS C 628 1.50 39.07 -43.86
N ILE C 629 1.89 38.63 -45.07
CA ILE C 629 2.68 39.46 -45.96
C ILE C 629 1.82 39.88 -47.14
N VAL C 630 1.75 41.19 -47.39
CA VAL C 630 1.01 41.73 -48.52
C VAL C 630 1.91 42.66 -49.35
N LYS C 631 1.63 42.73 -50.64
CA LYS C 631 2.30 43.66 -51.51
C LYS C 631 1.69 45.05 -51.34
N GLU C 632 2.53 46.04 -51.05
CA GLU C 632 2.11 47.43 -50.94
C GLU C 632 2.23 48.15 -52.30
N SER C 633 3.37 47.95 -52.95
CA SER C 633 3.65 48.54 -54.24
C SER C 633 4.82 47.76 -54.85
N THR C 634 5.27 48.14 -56.04
CA THR C 634 6.35 47.42 -56.71
C THR C 634 7.55 47.31 -55.79
N GLY C 635 7.93 46.07 -55.47
CA GLY C 635 9.10 45.80 -54.65
C GLY C 635 8.96 46.06 -53.16
N VAL C 636 7.76 46.45 -52.70
CA VAL C 636 7.55 46.82 -51.30
C VAL C 636 6.45 45.96 -50.69
N TYR C 637 6.80 45.25 -49.62
CA TYR C 637 5.92 44.29 -48.97
C TYR C 637 5.79 44.62 -47.50
N ARG C 638 4.59 44.45 -46.96
CA ARG C 638 4.37 44.65 -45.54
C ARG C 638 4.17 43.30 -44.86
N VAL C 639 5.00 43.04 -43.85
CA VAL C 639 4.75 41.96 -42.90
C VAL C 639 3.96 42.63 -41.80
N GLU C 640 2.63 42.47 -41.87
CA GLU C 640 1.70 43.32 -41.13
C GLU C 640 0.73 42.53 -40.28
N ARG C 641 0.19 43.21 -39.27
CA ARG C 641 -0.82 42.64 -38.39
C ARG C 641 -2.18 42.67 -39.05
N VAL C 642 -2.91 41.57 -38.96
CA VAL C 642 -4.29 41.54 -39.42
C VAL C 642 -5.22 42.11 -38.34
N SER C 643 -6.45 42.39 -38.74
CA SER C 643 -7.44 42.94 -37.82
C SER C 643 -7.58 42.07 -36.58
N GLY C 644 -7.49 42.70 -35.41
CA GLY C 644 -7.64 41.99 -34.14
C GLY C 644 -6.33 41.60 -33.50
N ASN C 645 -5.25 41.58 -34.28
CA ASN C 645 -3.94 41.28 -33.72
C ASN C 645 -3.35 42.53 -33.08
N THR C 646 -3.42 42.60 -31.76
CA THR C 646 -2.91 43.73 -31.00
C THR C 646 -1.56 43.40 -30.37
N SER C 647 -1.00 42.25 -30.71
CA SER C 647 0.32 41.86 -30.21
C SER C 647 1.41 42.64 -30.93
N VAL C 648 2.58 42.75 -30.29
CA VAL C 648 3.66 43.54 -30.84
C VAL C 648 4.97 42.77 -30.89
N ILE C 649 5.89 43.30 -31.68
CA ILE C 649 7.28 42.87 -31.72
C ILE C 649 8.07 43.83 -30.83
N THR C 650 8.88 43.27 -29.94
CA THR C 650 9.73 44.09 -29.07
C THR C 650 11.19 43.68 -29.27
N ASN C 651 11.95 44.54 -29.93
CA ASN C 651 13.39 44.35 -30.09
C ASN C 651 13.72 42.99 -30.71
N GLY C 652 12.98 42.64 -31.75
CA GLY C 652 13.06 41.32 -32.36
C GLY C 652 14.21 41.14 -33.34
N HIS C 653 14.43 39.89 -33.71
CA HIS C 653 15.42 39.52 -34.71
C HIS C 653 14.69 39.30 -36.04
N ILE C 654 15.30 39.72 -37.15
CA ILE C 654 14.66 39.62 -38.47
C ILE C 654 15.61 39.06 -39.51
N VAL C 655 15.16 38.01 -40.18
CA VAL C 655 15.88 37.39 -41.27
C VAL C 655 14.93 37.29 -42.45
N VAL C 656 15.34 37.79 -43.60
CA VAL C 656 14.57 37.62 -44.82
C VAL C 656 15.19 36.49 -45.63
N GLY C 657 14.32 35.65 -46.18
CA GLY C 657 14.72 34.48 -46.92
C GLY C 657 14.99 34.74 -48.40
N SER C 658 14.90 33.68 -49.18
CA SER C 658 15.39 33.65 -50.55
C SER C 658 14.25 33.90 -51.53
N PRO C 659 14.46 34.77 -52.54
CA PRO C 659 13.36 35.05 -53.47
C PRO C 659 13.28 34.08 -54.65
N LEU C 660 12.07 33.68 -54.97
CA LEU C 660 11.74 33.01 -56.23
C LEU C 660 11.21 34.10 -57.15
N MET C 661 11.96 34.40 -58.21
CA MET C 661 11.63 35.50 -59.11
C MET C 661 10.88 35.01 -60.35
N GLY C 662 9.95 35.82 -60.83
CA GLY C 662 9.34 35.62 -62.16
C GLY C 662 8.22 34.61 -62.27
N SER C 663 8.28 33.56 -61.46
CA SER C 663 7.27 32.50 -61.46
C SER C 663 7.35 31.75 -60.13
N ARG C 664 6.39 30.89 -59.88
CA ARG C 664 6.38 30.13 -58.63
C ARG C 664 7.58 29.20 -58.55
N LEU C 665 7.93 28.59 -59.68
CA LEU C 665 9.12 27.74 -59.77
C LEU C 665 10.40 28.57 -59.60
N GLY C 666 10.37 29.79 -60.13
CA GLY C 666 11.51 30.69 -60.09
C GLY C 666 12.29 30.64 -61.40
N THR C 667 12.79 31.80 -61.83
CA THR C 667 13.68 31.88 -62.98
C THR C 667 15.12 31.58 -62.58
N GLY C 668 15.43 31.76 -61.30
CA GLY C 668 16.80 31.63 -60.82
C GLY C 668 17.52 32.97 -60.66
N THR C 669 16.90 34.07 -61.09
CA THR C 669 17.49 35.38 -60.85
C THR C 669 17.33 35.72 -59.37
N GLY C 670 18.14 36.67 -58.92
CA GLY C 670 18.16 37.05 -57.52
C GLY C 670 17.69 38.47 -57.29
N ALA C 671 17.73 38.87 -56.03
CA ALA C 671 17.33 40.21 -55.63
C ALA C 671 17.91 40.51 -54.26
N THR C 672 18.01 41.80 -53.95
CA THR C 672 18.62 42.27 -52.71
C THR C 672 17.55 42.94 -51.87
N HIS C 673 17.51 42.63 -50.58
CA HIS C 673 16.50 43.20 -49.69
C HIS C 673 17.04 44.17 -48.65
N GLY C 674 16.16 45.05 -48.22
CA GLY C 674 16.34 45.86 -47.03
C GLY C 674 15.01 45.90 -46.32
N ILE C 675 15.02 46.31 -45.05
CA ILE C 675 13.79 46.39 -44.29
C ILE C 675 13.55 47.78 -43.69
N GLN C 676 12.31 47.99 -43.27
CA GLN C 676 11.90 49.19 -42.55
C GLN C 676 10.82 48.77 -41.56
N MET C 677 10.93 49.23 -40.32
CA MET C 677 9.94 48.84 -39.31
C MET C 677 8.63 49.60 -39.49
N ILE C 678 7.55 48.96 -39.07
CA ILE C 678 6.23 49.57 -38.99
C ILE C 678 5.95 49.78 -37.50
N GLU C 679 5.73 51.05 -37.12
CA GLU C 679 5.54 51.39 -35.72
C GLU C 679 4.09 51.17 -35.28
N THR C 680 3.91 50.98 -33.97
CA THR C 680 2.57 50.86 -33.38
C THR C 680 2.00 52.24 -33.05
N TYR C 681 2.89 53.15 -32.67
CA TYR C 681 2.59 54.58 -32.48
C TYR C 681 3.86 55.35 -32.84
N ALA C 682 3.73 56.65 -33.08
CA ALA C 682 4.86 57.47 -33.51
C ALA C 682 6.02 57.38 -32.52
N GLY C 683 7.15 56.88 -33.02
CA GLY C 683 8.36 56.72 -32.20
C GLY C 683 8.50 55.41 -31.45
N SER C 684 7.51 54.52 -31.57
CA SER C 684 7.50 53.28 -30.80
C SER C 684 8.76 52.45 -31.00
N TRP C 685 9.23 52.39 -32.25
CA TRP C 685 10.42 51.60 -32.57
C TRP C 685 11.68 52.39 -32.29
N THR C 686 11.75 53.60 -32.84
CA THR C 686 12.91 54.47 -32.67
C THR C 686 13.29 54.61 -31.20
N SER C 687 12.30 54.84 -30.34
CA SER C 687 12.56 55.08 -28.92
C SER C 687 12.49 53.85 -28.03
N TYR C 688 11.57 52.92 -28.33
CA TYR C 688 11.28 51.82 -27.42
C TYR C 688 11.41 50.43 -28.03
N THR C 689 11.93 50.36 -29.26
CA THR C 689 12.02 49.11 -30.04
C THR C 689 10.74 48.28 -30.04
N GLU C 690 9.60 48.96 -30.12
CA GLU C 690 8.32 48.28 -30.31
C GLU C 690 7.86 48.49 -31.74
N ALA C 691 7.45 47.40 -32.40
CA ALA C 691 6.94 47.48 -33.76
C ALA C 691 5.68 46.65 -33.94
N ALA C 692 4.85 47.08 -34.88
CA ALA C 692 3.70 46.32 -35.32
C ALA C 692 4.12 45.24 -36.31
N GLY C 693 5.15 45.54 -37.09
CA GLY C 693 5.64 44.64 -38.14
C GLY C 693 6.79 45.31 -38.86
N PHE C 694 6.99 44.94 -40.12
CA PHE C 694 8.07 45.52 -40.90
C PHE C 694 7.80 45.37 -42.39
N LYS C 695 8.42 46.25 -43.16
CA LYS C 695 8.37 46.20 -44.61
C LYS C 695 9.63 45.56 -45.16
N VAL C 696 9.49 44.83 -46.26
CA VAL C 696 10.61 44.27 -47.00
C VAL C 696 10.63 44.92 -48.37
N PHE C 697 11.79 45.47 -48.74
CA PHE C 697 12.00 46.11 -50.03
C PHE C 697 12.93 45.22 -50.84
N TRP C 698 12.54 44.89 -52.07
CA TRP C 698 13.34 44.05 -52.96
C TRP C 698 13.80 44.82 -54.18
N ARG C 699 15.08 44.70 -54.52
CA ARG C 699 15.65 45.38 -55.70
C ARG C 699 16.54 44.46 -56.54
N ASP C 700 16.59 44.74 -57.84
CA ASP C 700 17.44 43.99 -58.76
C ASP C 700 18.88 44.52 -58.73
N SER C 701 19.74 43.97 -59.57
CA SER C 701 21.16 44.35 -59.59
C SER C 701 21.42 45.79 -60.04
N SER C 702 20.43 46.40 -60.70
CA SER C 702 20.50 47.83 -61.05
C SER C 702 19.83 48.71 -59.99
N ASN C 703 19.51 48.12 -58.84
CA ASN C 703 18.92 48.83 -57.69
C ASN C 703 17.49 49.33 -57.95
N ALA C 704 16.79 48.69 -58.88
CA ALA C 704 15.39 49.00 -59.15
C ALA C 704 14.48 48.06 -58.39
N LEU C 705 13.38 48.59 -57.86
CA LEU C 705 12.40 47.79 -57.13
C LEU C 705 11.83 46.69 -58.02
N VAL C 706 11.75 45.47 -57.48
CA VAL C 706 11.27 44.30 -58.22
C VAL C 706 10.40 43.43 -57.33
N ASP C 707 9.48 42.70 -57.94
CA ASP C 707 8.54 41.85 -57.21
C ASP C 707 8.87 40.37 -57.32
N PRO C 708 9.34 39.76 -56.22
CA PRO C 708 9.44 38.31 -56.23
C PRO C 708 8.06 37.66 -56.35
N HIS C 709 8.02 36.45 -56.88
CA HIS C 709 6.79 35.66 -56.88
C HIS C 709 6.52 35.10 -55.48
N ARG C 710 7.60 34.70 -54.80
CA ARG C 710 7.49 34.04 -53.50
C ARG C 710 8.76 34.29 -52.72
N PHE C 711 8.61 34.56 -51.43
CA PHE C 711 9.76 34.67 -50.54
C PHE C 711 9.35 34.43 -49.09
N THR C 712 10.32 34.04 -48.27
CA THR C 712 10.15 33.72 -46.88
C THR C 712 10.72 34.84 -46.01
N VAL C 713 10.12 35.04 -44.84
CA VAL C 713 10.73 35.81 -43.76
C VAL C 713 10.72 34.97 -42.49
N ALA C 714 11.71 35.22 -41.62
CA ALA C 714 11.76 34.62 -40.30
C ALA C 714 12.01 35.76 -39.32
N PHE C 715 11.23 35.79 -38.25
CA PHE C 715 11.40 36.84 -37.24
C PHE C 715 10.96 36.38 -35.86
N THR C 716 11.44 37.10 -34.85
CA THR C 716 11.05 36.85 -33.47
C THR C 716 10.34 38.08 -32.92
N ALA C 717 9.46 37.85 -31.96
CA ALA C 717 8.68 38.94 -31.34
C ALA C 717 9.35 39.48 -30.08
N THR C 718 10.44 38.83 -29.66
CA THR C 718 11.27 39.34 -28.58
C THR C 718 12.73 39.16 -28.94
N SER C 719 13.60 39.82 -28.19
CA SER C 719 15.03 39.63 -28.34
C SER C 719 15.45 38.26 -27.81
#